data_2J8H
# 
_entry.id   2J8H 
# 
_audit_conform.dict_name       mmcif_pdbx.dic 
_audit_conform.dict_version    5.391 
_audit_conform.dict_location   http://mmcif.pdb.org/dictionaries/ascii/mmcif_pdbx.dic 
# 
loop_
_database_2.database_id 
_database_2.database_code 
_database_2.pdbx_database_accession 
_database_2.pdbx_DOI 
PDB   2J8H         pdb_00002j8h 10.2210/pdb2j8h/pdb 
PDBE  EBI-30334    ?            ?                   
WWPDB D_1290030334 ?            ?                   
# 
loop_
_pdbx_audit_revision_history.ordinal 
_pdbx_audit_revision_history.data_content_type 
_pdbx_audit_revision_history.major_revision 
_pdbx_audit_revision_history.minor_revision 
_pdbx_audit_revision_history.revision_date 
1 'Structure model' 1 0 2007-08-21 
2 'Structure model' 1 1 2011-07-13 
3 'Structure model' 1 2 2019-07-24 
4 'Structure model' 1 3 2024-05-08 
# 
_pdbx_audit_revision_details.ordinal             1 
_pdbx_audit_revision_details.revision_ordinal    1 
_pdbx_audit_revision_details.data_content_type   'Structure model' 
_pdbx_audit_revision_details.provider            repository 
_pdbx_audit_revision_details.type                'Initial release' 
_pdbx_audit_revision_details.description         ? 
_pdbx_audit_revision_details.details             ? 
# 
loop_
_pdbx_audit_revision_group.ordinal 
_pdbx_audit_revision_group.revision_ordinal 
_pdbx_audit_revision_group.data_content_type 
_pdbx_audit_revision_group.group 
1 2 'Structure model' Advisory                    
2 2 'Structure model' 'Version format compliance' 
3 3 'Structure model' 'Data collection'           
4 4 'Structure model' 'Data collection'           
5 4 'Structure model' 'Database references'       
6 4 'Structure model' Other                       
# 
loop_
_pdbx_audit_revision_category.ordinal 
_pdbx_audit_revision_category.revision_ordinal 
_pdbx_audit_revision_category.data_content_type 
_pdbx_audit_revision_category.category 
1 3 'Structure model' diffrn_source        
2 4 'Structure model' chem_comp_atom       
3 4 'Structure model' chem_comp_bond       
4 4 'Structure model' database_2           
5 4 'Structure model' pdbx_database_status 
# 
loop_
_pdbx_audit_revision_item.ordinal 
_pdbx_audit_revision_item.revision_ordinal 
_pdbx_audit_revision_item.data_content_type 
_pdbx_audit_revision_item.item 
1 3 'Structure model' '_diffrn_source.pdbx_synchrotron_site' 
2 4 'Structure model' '_database_2.pdbx_DOI'                 
3 4 'Structure model' '_database_2.pdbx_database_accession'  
4 4 'Structure model' '_pdbx_database_status.status_code_sf' 
# 
_pdbx_database_status.status_code                     REL 
_pdbx_database_status.entry_id                        2J8H 
_pdbx_database_status.deposit_site                    PDBE 
_pdbx_database_status.process_site                    PDBE 
_pdbx_database_status.SG_entry                        . 
_pdbx_database_status.recvd_initial_deposition_date   2006-10-25 
_pdbx_database_status.pdb_format_compatible           Y 
_pdbx_database_status.status_code_sf                  REL 
_pdbx_database_status.status_code_mr                  ? 
_pdbx_database_status.status_code_cs                  ? 
_pdbx_database_status.methods_development_category    ? 
_pdbx_database_status.status_code_nmr_data            ? 
# 
loop_
_pdbx_database_related.db_name 
_pdbx_database_related.db_id 
_pdbx_database_related.content_type 
_pdbx_database_related.details 
PDB 1BPV unspecified 'TITIN MODULE A71 FROM HUMAN CARDIAC MUSCLE , NMR, 50 STRUCTURES'             
PDB 1G1C unspecified 'I1 DOMAIN FROM TITIN'                                                        
PDB 1NCT unspecified 'TITIN MODULE M5, N-TERMINALLY EXTENDED, NMR'                                 
PDB 1NCU unspecified 'TITIN MODULE M5, N-TERMINALLY EXTENDED, NMR'                                 
PDB 1TIT unspecified 'TITIN, IG REPEAT 27, NMR, MINIMIZED AVERAGE STRUCTURE'                       
PDB 1TIU unspecified 'TITIN, IG REPEAT 27, NMR, 24 STRUCTURES'                                     
PDB 1TKI unspecified 'AUTOINHIBITED SERINE KINASE DOMAIN OF THE GIANT MUSCLEPROTEIN TITIN'         
PDB 1TNM unspecified 'TITIN MODULE M5 (CONNECTIN) (NMR, MINIMIZED AVERAGE STRUCTURE)'              
PDB 1TNN unspecified 'TITIN MODULE M5 (CONNECTIN) (NMR, 16 STRUCTURES)'                            
PDB 1WAA unspecified 'IG27 PROTEIN DOMAIN'                                                         
PDB 1YA5 unspecified 'CRYSTAL STRUCTURE OF THE TITIN DOMAINS Z1Z2 IN COMPLEX WITHTELETHONIN'       
PDB 2A38 unspecified 'CRYSTAL STRUCTURE OF THE N-TERMINUS OF TITIN'                                
PDB 2BK8 unspecified 'M1 DOMAIN FROM TITIN'                                                        
PDB 2F8V unspecified 'STRUCTURE OF FULL LENGTH TELETHONIN IN COMPLEX WITH THE N-TERMINUS OF TITIN' 
# 
loop_
_audit_author.name 
_audit_author.pdbx_ordinal 
'Mueller, S.'  1 
'Lange, S.'    2 
'Kursula, I.'  3 
'Gautel, M.'   4 
'Wilmanns, M.' 5 
# 
_citation.id                        primary 
_citation.title                     
'Rigid Conformation of an Immunoglobulin Domain Tandem Repeat in the A-Band of the Elastic Muscle Protein Titin' 
_citation.journal_abbrev            J.Mol.Biol. 
_citation.journal_volume            371 
_citation.page_first                469 
_citation.page_last                 ? 
_citation.year                      2007 
_citation.journal_id_ASTM           JMOBAK 
_citation.country                   UK 
_citation.journal_id_ISSN           0022-2836 
_citation.journal_id_CSD            0070 
_citation.book_publisher            ? 
_citation.pdbx_database_id_PubMed   17574571 
_citation.pdbx_database_id_DOI      10.1016/J.JMB.2007.05.055 
# 
loop_
_citation_author.citation_id 
_citation_author.name 
_citation_author.ordinal 
_citation_author.identifier_ORCID 
primary 'Mueller, S.'  1 ? 
primary 'Lange, S.'    2 ? 
primary 'Gautel, M.'   3 ? 
primary 'Wilmanns, M.' 4 ? 
# 
loop_
_entity.id 
_entity.type 
_entity.src_method 
_entity.pdbx_description 
_entity.formula_weight 
_entity.pdbx_number_of_molecules 
_entity.pdbx_ec 
_entity.pdbx_mutation 
_entity.pdbx_fragment 
_entity.details 
1 polymer     man TITIN    21765.820 1   2.7.11.1 ? 'IG LIKE DOMAIN, RESIDUES 24430-24623' ? 
2 non-polymer syn GLYCEROL 92.094    1   ?        ? ?                                      ? 
3 water       nat water    18.015    175 ?        ? ?                                      ? 
# 
_entity_name_com.entity_id   1 
_entity_name_com.name        CONNECTIN 
# 
_entity_poly.entity_id                      1 
_entity_poly.type                           'polypeptide(L)' 
_entity_poly.nstd_linkage                   no 
_entity_poly.nstd_monomer                   no 
_entity_poly.pdbx_seq_one_letter_code       
;GAMAPHFKEELRNLNVRYQSNATLVCKVTGHPKPIVKWYRQGKEIIADGLKYRIQEFKGGYHQLIIASVTDDDATVYQVR
ATNQGGSVSGTASLEVEVPAKIHLPKTLEGMGAVHALRGEVVSIKIPFSGKPDPVITWQKGQDLIDNNGHYQVIVTRSFT
SLVFPNGVERKDAGFYVVCAKNRFGIDQKTVELDVAD
;
_entity_poly.pdbx_seq_one_letter_code_can   
;GAMAPHFKEELRNLNVRYQSNATLVCKVTGHPKPIVKWYRQGKEIIADGLKYRIQEFKGGYHQLIIASVTDDDATVYQVR
ATNQGGSVSGTASLEVEVPAKIHLPKTLEGMGAVHALRGEVVSIKIPFSGKPDPVITWQKGQDLIDNNGHYQVIVTRSFT
SLVFPNGVERKDAGFYVVCAKNRFGIDQKTVELDVAD
;
_entity_poly.pdbx_strand_id                 A 
_entity_poly.pdbx_target_identifier         ? 
# 
loop_
_pdbx_entity_nonpoly.entity_id 
_pdbx_entity_nonpoly.name 
_pdbx_entity_nonpoly.comp_id 
2 GLYCEROL GOL 
3 water    HOH 
# 
loop_
_entity_poly_seq.entity_id 
_entity_poly_seq.num 
_entity_poly_seq.mon_id 
_entity_poly_seq.hetero 
1 1   GLY n 
1 2   ALA n 
1 3   MET n 
1 4   ALA n 
1 5   PRO n 
1 6   HIS n 
1 7   PHE n 
1 8   LYS n 
1 9   GLU n 
1 10  GLU n 
1 11  LEU n 
1 12  ARG n 
1 13  ASN n 
1 14  LEU n 
1 15  ASN n 
1 16  VAL n 
1 17  ARG n 
1 18  TYR n 
1 19  GLN n 
1 20  SER n 
1 21  ASN n 
1 22  ALA n 
1 23  THR n 
1 24  LEU n 
1 25  VAL n 
1 26  CYS n 
1 27  LYS n 
1 28  VAL n 
1 29  THR n 
1 30  GLY n 
1 31  HIS n 
1 32  PRO n 
1 33  LYS n 
1 34  PRO n 
1 35  ILE n 
1 36  VAL n 
1 37  LYS n 
1 38  TRP n 
1 39  TYR n 
1 40  ARG n 
1 41  GLN n 
1 42  GLY n 
1 43  LYS n 
1 44  GLU n 
1 45  ILE n 
1 46  ILE n 
1 47  ALA n 
1 48  ASP n 
1 49  GLY n 
1 50  LEU n 
1 51  LYS n 
1 52  TYR n 
1 53  ARG n 
1 54  ILE n 
1 55  GLN n 
1 56  GLU n 
1 57  PHE n 
1 58  LYS n 
1 59  GLY n 
1 60  GLY n 
1 61  TYR n 
1 62  HIS n 
1 63  GLN n 
1 64  LEU n 
1 65  ILE n 
1 66  ILE n 
1 67  ALA n 
1 68  SER n 
1 69  VAL n 
1 70  THR n 
1 71  ASP n 
1 72  ASP n 
1 73  ASP n 
1 74  ALA n 
1 75  THR n 
1 76  VAL n 
1 77  TYR n 
1 78  GLN n 
1 79  VAL n 
1 80  ARG n 
1 81  ALA n 
1 82  THR n 
1 83  ASN n 
1 84  GLN n 
1 85  GLY n 
1 86  GLY n 
1 87  SER n 
1 88  VAL n 
1 89  SER n 
1 90  GLY n 
1 91  THR n 
1 92  ALA n 
1 93  SER n 
1 94  LEU n 
1 95  GLU n 
1 96  VAL n 
1 97  GLU n 
1 98  VAL n 
1 99  PRO n 
1 100 ALA n 
1 101 LYS n 
1 102 ILE n 
1 103 HIS n 
1 104 LEU n 
1 105 PRO n 
1 106 LYS n 
1 107 THR n 
1 108 LEU n 
1 109 GLU n 
1 110 GLY n 
1 111 MET n 
1 112 GLY n 
1 113 ALA n 
1 114 VAL n 
1 115 HIS n 
1 116 ALA n 
1 117 LEU n 
1 118 ARG n 
1 119 GLY n 
1 120 GLU n 
1 121 VAL n 
1 122 VAL n 
1 123 SER n 
1 124 ILE n 
1 125 LYS n 
1 126 ILE n 
1 127 PRO n 
1 128 PHE n 
1 129 SER n 
1 130 GLY n 
1 131 LYS n 
1 132 PRO n 
1 133 ASP n 
1 134 PRO n 
1 135 VAL n 
1 136 ILE n 
1 137 THR n 
1 138 TRP n 
1 139 GLN n 
1 140 LYS n 
1 141 GLY n 
1 142 GLN n 
1 143 ASP n 
1 144 LEU n 
1 145 ILE n 
1 146 ASP n 
1 147 ASN n 
1 148 ASN n 
1 149 GLY n 
1 150 HIS n 
1 151 TYR n 
1 152 GLN n 
1 153 VAL n 
1 154 ILE n 
1 155 VAL n 
1 156 THR n 
1 157 ARG n 
1 158 SER n 
1 159 PHE n 
1 160 THR n 
1 161 SER n 
1 162 LEU n 
1 163 VAL n 
1 164 PHE n 
1 165 PRO n 
1 166 ASN n 
1 167 GLY n 
1 168 VAL n 
1 169 GLU n 
1 170 ARG n 
1 171 LYS n 
1 172 ASP n 
1 173 ALA n 
1 174 GLY n 
1 175 PHE n 
1 176 TYR n 
1 177 VAL n 
1 178 VAL n 
1 179 CYS n 
1 180 ALA n 
1 181 LYS n 
1 182 ASN n 
1 183 ARG n 
1 184 PHE n 
1 185 GLY n 
1 186 ILE n 
1 187 ASP n 
1 188 GLN n 
1 189 LYS n 
1 190 THR n 
1 191 VAL n 
1 192 GLU n 
1 193 LEU n 
1 194 ASP n 
1 195 VAL n 
1 196 ALA n 
1 197 ASP n 
# 
_entity_src_gen.entity_id                          1 
_entity_src_gen.pdbx_src_id                        1 
_entity_src_gen.pdbx_alt_source_flag               sample 
_entity_src_gen.pdbx_seq_type                      ? 
_entity_src_gen.pdbx_beg_seq_num                   ? 
_entity_src_gen.pdbx_end_seq_num                   ? 
_entity_src_gen.gene_src_common_name               HUMAN 
_entity_src_gen.gene_src_genus                     ? 
_entity_src_gen.pdbx_gene_src_gene                 ? 
_entity_src_gen.gene_src_species                   ? 
_entity_src_gen.gene_src_strain                    ? 
_entity_src_gen.gene_src_tissue                    MUSCLE 
_entity_src_gen.gene_src_tissue_fraction           ? 
_entity_src_gen.gene_src_details                   ? 
_entity_src_gen.pdbx_gene_src_fragment             ? 
_entity_src_gen.pdbx_gene_src_scientific_name      'HOMO SAPIENS' 
_entity_src_gen.pdbx_gene_src_ncbi_taxonomy_id     9606 
_entity_src_gen.pdbx_gene_src_variant              ? 
_entity_src_gen.pdbx_gene_src_cell_line            ? 
_entity_src_gen.pdbx_gene_src_atcc                 ? 
_entity_src_gen.pdbx_gene_src_organ                HEART 
_entity_src_gen.pdbx_gene_src_organelle            ? 
_entity_src_gen.pdbx_gene_src_cell                 ? 
_entity_src_gen.pdbx_gene_src_cellular_location    ? 
_entity_src_gen.host_org_common_name               ? 
_entity_src_gen.pdbx_host_org_scientific_name      'ESCHERICHIA COLI' 
_entity_src_gen.pdbx_host_org_ncbi_taxonomy_id     469008 
_entity_src_gen.host_org_genus                     ? 
_entity_src_gen.pdbx_host_org_gene                 ? 
_entity_src_gen.pdbx_host_org_organ                ? 
_entity_src_gen.host_org_species                   ? 
_entity_src_gen.pdbx_host_org_tissue               ? 
_entity_src_gen.pdbx_host_org_tissue_fraction      ? 
_entity_src_gen.pdbx_host_org_strain               'BL21(DE3)' 
_entity_src_gen.pdbx_host_org_variant              ? 
_entity_src_gen.pdbx_host_org_cell_line            ? 
_entity_src_gen.pdbx_host_org_atcc                 ? 
_entity_src_gen.pdbx_host_org_culture_collection   ? 
_entity_src_gen.pdbx_host_org_cell                 ? 
_entity_src_gen.pdbx_host_org_organelle            ? 
_entity_src_gen.pdbx_host_org_cellular_location    ? 
_entity_src_gen.pdbx_host_org_vector_type          PLASMID 
_entity_src_gen.pdbx_host_org_vector               ? 
_entity_src_gen.host_org_details                   ? 
_entity_src_gen.expression_system_id               ? 
_entity_src_gen.plasmid_name                       PETM11 
_entity_src_gen.plasmid_details                    ? 
_entity_src_gen.pdbx_description                   ? 
# 
loop_
_chem_comp.id 
_chem_comp.type 
_chem_comp.mon_nstd_flag 
_chem_comp.name 
_chem_comp.pdbx_synonyms 
_chem_comp.formula 
_chem_comp.formula_weight 
ALA 'L-peptide linking' y ALANINE         ?                               'C3 H7 N O2'     89.093  
ARG 'L-peptide linking' y ARGININE        ?                               'C6 H15 N4 O2 1' 175.209 
ASN 'L-peptide linking' y ASPARAGINE      ?                               'C4 H8 N2 O3'    132.118 
ASP 'L-peptide linking' y 'ASPARTIC ACID' ?                               'C4 H7 N O4'     133.103 
CYS 'L-peptide linking' y CYSTEINE        ?                               'C3 H7 N O2 S'   121.158 
GLN 'L-peptide linking' y GLUTAMINE       ?                               'C5 H10 N2 O3'   146.144 
GLU 'L-peptide linking' y 'GLUTAMIC ACID' ?                               'C5 H9 N O4'     147.129 
GLY 'peptide linking'   y GLYCINE         ?                               'C2 H5 N O2'     75.067  
GOL non-polymer         . GLYCEROL        'GLYCERIN; PROPANE-1,2,3-TRIOL' 'C3 H8 O3'       92.094  
HIS 'L-peptide linking' y HISTIDINE       ?                               'C6 H10 N3 O2 1' 156.162 
HOH non-polymer         . WATER           ?                               'H2 O'           18.015  
ILE 'L-peptide linking' y ISOLEUCINE      ?                               'C6 H13 N O2'    131.173 
LEU 'L-peptide linking' y LEUCINE         ?                               'C6 H13 N O2'    131.173 
LYS 'L-peptide linking' y LYSINE          ?                               'C6 H15 N2 O2 1' 147.195 
MET 'L-peptide linking' y METHIONINE      ?                               'C5 H11 N O2 S'  149.211 
PHE 'L-peptide linking' y PHENYLALANINE   ?                               'C9 H11 N O2'    165.189 
PRO 'L-peptide linking' y PROLINE         ?                               'C5 H9 N O2'     115.130 
SER 'L-peptide linking' y SERINE          ?                               'C3 H7 N O3'     105.093 
THR 'L-peptide linking' y THREONINE       ?                               'C4 H9 N O3'     119.119 
TRP 'L-peptide linking' y TRYPTOPHAN      ?                               'C11 H12 N2 O2'  204.225 
TYR 'L-peptide linking' y TYROSINE        ?                               'C9 H11 N O3'    181.189 
VAL 'L-peptide linking' y VALINE          ?                               'C5 H11 N O2'    117.146 
# 
loop_
_pdbx_poly_seq_scheme.asym_id 
_pdbx_poly_seq_scheme.entity_id 
_pdbx_poly_seq_scheme.seq_id 
_pdbx_poly_seq_scheme.mon_id 
_pdbx_poly_seq_scheme.ndb_seq_num 
_pdbx_poly_seq_scheme.pdb_seq_num 
_pdbx_poly_seq_scheme.auth_seq_num 
_pdbx_poly_seq_scheme.pdb_mon_id 
_pdbx_poly_seq_scheme.auth_mon_id 
_pdbx_poly_seq_scheme.pdb_strand_id 
_pdbx_poly_seq_scheme.pdb_ins_code 
_pdbx_poly_seq_scheme.hetero 
A 1 1   GLY 1   -1  ?   ?   ?   A . n 
A 1 2   ALA 2   0   ?   ?   ?   A . n 
A 1 3   MET 3   1   1   MET MET A . n 
A 1 4   ALA 4   2   2   ALA ALA A . n 
A 1 5   PRO 5   3   3   PRO PRO A . n 
A 1 6   HIS 6   4   4   HIS HIS A . n 
A 1 7   PHE 7   5   5   PHE PHE A . n 
A 1 8   LYS 8   6   6   LYS LYS A . n 
A 1 9   GLU 9   7   7   GLU GLU A . n 
A 1 10  GLU 10  8   8   GLU GLU A . n 
A 1 11  LEU 11  9   9   LEU LEU A . n 
A 1 12  ARG 12  10  10  ARG ARG A . n 
A 1 13  ASN 13  11  11  ASN ASN A . n 
A 1 14  LEU 14  12  12  LEU LEU A . n 
A 1 15  ASN 15  13  13  ASN ASN A . n 
A 1 16  VAL 16  14  14  VAL VAL A . n 
A 1 17  ARG 17  15  15  ARG ARG A . n 
A 1 18  TYR 18  16  16  TYR TYR A . n 
A 1 19  GLN 19  17  17  GLN GLN A . n 
A 1 20  SER 20  18  18  SER SER A . n 
A 1 21  ASN 21  19  19  ASN ASN A . n 
A 1 22  ALA 22  20  20  ALA ALA A . n 
A 1 23  THR 23  21  21  THR THR A . n 
A 1 24  LEU 24  22  22  LEU LEU A . n 
A 1 25  VAL 25  23  23  VAL VAL A . n 
A 1 26  CYS 26  24  24  CYS CYS A . n 
A 1 27  LYS 27  25  25  LYS LYS A . n 
A 1 28  VAL 28  26  26  VAL VAL A . n 
A 1 29  THR 29  27  27  THR THR A . n 
A 1 30  GLY 30  28  28  GLY GLY A . n 
A 1 31  HIS 31  29  29  HIS HIS A . n 
A 1 32  PRO 32  30  30  PRO PRO A . n 
A 1 33  LYS 33  31  31  LYS LYS A . n 
A 1 34  PRO 34  32  32  PRO PRO A . n 
A 1 35  ILE 35  33  33  ILE ILE A . n 
A 1 36  VAL 36  34  34  VAL VAL A . n 
A 1 37  LYS 37  35  35  LYS LYS A . n 
A 1 38  TRP 38  36  36  TRP TRP A . n 
A 1 39  TYR 39  37  37  TYR TYR A . n 
A 1 40  ARG 40  38  38  ARG ARG A . n 
A 1 41  GLN 41  39  39  GLN GLN A . n 
A 1 42  GLY 42  40  40  GLY GLY A . n 
A 1 43  LYS 43  41  41  LYS LYS A . n 
A 1 44  GLU 44  42  42  GLU GLU A . n 
A 1 45  ILE 45  43  43  ILE ILE A . n 
A 1 46  ILE 46  44  44  ILE ILE A . n 
A 1 47  ALA 47  45  45  ALA ALA A . n 
A 1 48  ASP 48  46  46  ASP ASP A . n 
A 1 49  GLY 49  47  47  GLY GLY A . n 
A 1 50  LEU 50  48  48  LEU LEU A . n 
A 1 51  LYS 51  49  49  LYS LYS A . n 
A 1 52  TYR 52  50  50  TYR TYR A . n 
A 1 53  ARG 53  51  51  ARG ARG A . n 
A 1 54  ILE 54  52  52  ILE ILE A . n 
A 1 55  GLN 55  53  53  GLN GLN A . n 
A 1 56  GLU 56  54  54  GLU GLU A . n 
A 1 57  PHE 57  55  55  PHE PHE A . n 
A 1 58  LYS 58  56  56  LYS LYS A . n 
A 1 59  GLY 59  57  57  GLY GLY A . n 
A 1 60  GLY 60  58  58  GLY GLY A . n 
A 1 61  TYR 61  59  59  TYR TYR A . n 
A 1 62  HIS 62  60  60  HIS HIS A . n 
A 1 63  GLN 63  61  61  GLN GLN A . n 
A 1 64  LEU 64  62  62  LEU LEU A . n 
A 1 65  ILE 65  63  63  ILE ILE A . n 
A 1 66  ILE 66  64  64  ILE ILE A . n 
A 1 67  ALA 67  65  65  ALA ALA A . n 
A 1 68  SER 68  66  66  SER SER A . n 
A 1 69  VAL 69  67  67  VAL VAL A . n 
A 1 70  THR 70  68  68  THR THR A . n 
A 1 71  ASP 71  69  69  ASP ASP A . n 
A 1 72  ASP 72  70  70  ASP ASP A . n 
A 1 73  ASP 73  71  71  ASP ASP A . n 
A 1 74  ALA 74  72  72  ALA ALA A . n 
A 1 75  THR 75  73  73  THR THR A . n 
A 1 76  VAL 76  74  74  VAL VAL A . n 
A 1 77  TYR 77  75  75  TYR TYR A . n 
A 1 78  GLN 78  76  76  GLN GLN A . n 
A 1 79  VAL 79  77  77  VAL VAL A . n 
A 1 80  ARG 80  78  78  ARG ARG A . n 
A 1 81  ALA 81  79  79  ALA ALA A . n 
A 1 82  THR 82  80  80  THR THR A . n 
A 1 83  ASN 83  81  81  ASN ASN A . n 
A 1 84  GLN 84  82  82  GLN GLN A . n 
A 1 85  GLY 85  83  83  GLY GLY A . n 
A 1 86  GLY 86  84  84  GLY GLY A . n 
A 1 87  SER 87  85  85  SER SER A . n 
A 1 88  VAL 88  86  86  VAL VAL A . n 
A 1 89  SER 89  87  87  SER SER A . n 
A 1 90  GLY 90  88  88  GLY GLY A . n 
A 1 91  THR 91  89  89  THR THR A . n 
A 1 92  ALA 92  90  90  ALA ALA A . n 
A 1 93  SER 93  91  91  SER SER A . n 
A 1 94  LEU 94  92  92  LEU LEU A . n 
A 1 95  GLU 95  93  93  GLU GLU A . n 
A 1 96  VAL 96  94  94  VAL VAL A . n 
A 1 97  GLU 97  95  95  GLU GLU A . n 
A 1 98  VAL 98  96  96  VAL VAL A . n 
A 1 99  PRO 99  97  97  PRO PRO A . n 
A 1 100 ALA 100 98  98  ALA ALA A . n 
A 1 101 LYS 101 99  99  LYS LYS A . n 
A 1 102 ILE 102 100 100 ILE ILE A . n 
A 1 103 HIS 103 101 101 HIS HIS A . n 
A 1 104 LEU 104 102 102 LEU LEU A . n 
A 1 105 PRO 105 103 103 PRO PRO A . n 
A 1 106 LYS 106 104 104 LYS LYS A . n 
A 1 107 THR 107 105 105 THR THR A . n 
A 1 108 LEU 108 106 106 LEU LEU A . n 
A 1 109 GLU 109 107 107 GLU GLU A . n 
A 1 110 GLY 110 108 108 GLY GLY A . n 
A 1 111 MET 111 109 109 MET MET A . n 
A 1 112 GLY 112 110 110 GLY GLY A . n 
A 1 113 ALA 113 111 111 ALA ALA A . n 
A 1 114 VAL 114 112 112 VAL VAL A . n 
A 1 115 HIS 115 113 113 HIS HIS A . n 
A 1 116 ALA 116 114 114 ALA ALA A . n 
A 1 117 LEU 117 115 115 LEU LEU A . n 
A 1 118 ARG 118 116 116 ARG ARG A . n 
A 1 119 GLY 119 117 117 GLY GLY A . n 
A 1 120 GLU 120 118 118 GLU GLU A . n 
A 1 121 VAL 121 119 119 VAL VAL A . n 
A 1 122 VAL 122 120 120 VAL VAL A . n 
A 1 123 SER 123 121 121 SER SER A . n 
A 1 124 ILE 124 122 122 ILE ILE A . n 
A 1 125 LYS 125 123 123 LYS LYS A . n 
A 1 126 ILE 126 124 124 ILE ILE A . n 
A 1 127 PRO 127 125 125 PRO PRO A . n 
A 1 128 PHE 128 126 126 PHE PHE A . n 
A 1 129 SER 129 127 127 SER SER A . n 
A 1 130 GLY 130 128 128 GLY GLY A . n 
A 1 131 LYS 131 129 129 LYS LYS A . n 
A 1 132 PRO 132 130 130 PRO PRO A . n 
A 1 133 ASP 133 131 131 ASP ASP A . n 
A 1 134 PRO 134 132 132 PRO PRO A . n 
A 1 135 VAL 135 133 133 VAL VAL A . n 
A 1 136 ILE 136 134 134 ILE ILE A . n 
A 1 137 THR 137 135 135 THR THR A . n 
A 1 138 TRP 138 136 136 TRP TRP A . n 
A 1 139 GLN 139 137 137 GLN GLN A . n 
A 1 140 LYS 140 138 138 LYS LYS A . n 
A 1 141 GLY 141 139 139 GLY GLY A . n 
A 1 142 GLN 142 140 140 GLN GLN A . n 
A 1 143 ASP 143 141 141 ASP ASP A . n 
A 1 144 LEU 144 142 142 LEU LEU A . n 
A 1 145 ILE 145 143 143 ILE ILE A . n 
A 1 146 ASP 146 144 144 ASP ASP A . n 
A 1 147 ASN 147 145 145 ASN ASN A . n 
A 1 148 ASN 148 146 146 ASN ASN A . n 
A 1 149 GLY 149 147 147 GLY GLY A . n 
A 1 150 HIS 150 148 148 HIS HIS A . n 
A 1 151 TYR 151 149 149 TYR TYR A . n 
A 1 152 GLN 152 150 150 GLN GLN A . n 
A 1 153 VAL 153 151 151 VAL VAL A . n 
A 1 154 ILE 154 152 152 ILE ILE A . n 
A 1 155 VAL 155 153 153 VAL VAL A . n 
A 1 156 THR 156 154 154 THR THR A . n 
A 1 157 ARG 157 155 155 ARG ARG A . n 
A 1 158 SER 158 156 156 SER SER A . n 
A 1 159 PHE 159 157 157 PHE PHE A . n 
A 1 160 THR 160 158 158 THR THR A . n 
A 1 161 SER 161 159 159 SER SER A . n 
A 1 162 LEU 162 160 160 LEU LEU A . n 
A 1 163 VAL 163 161 161 VAL VAL A . n 
A 1 164 PHE 164 162 162 PHE PHE A . n 
A 1 165 PRO 165 163 163 PRO PRO A . n 
A 1 166 ASN 166 164 164 ASN ASN A . n 
A 1 167 GLY 167 165 165 GLY GLY A . n 
A 1 168 VAL 168 166 166 VAL VAL A . n 
A 1 169 GLU 169 167 167 GLU GLU A . n 
A 1 170 ARG 170 168 168 ARG ARG A . n 
A 1 171 LYS 171 169 169 LYS LYS A . n 
A 1 172 ASP 172 170 170 ASP ASP A . n 
A 1 173 ALA 173 171 171 ALA ALA A . n 
A 1 174 GLY 174 172 172 GLY GLY A . n 
A 1 175 PHE 175 173 173 PHE PHE A . n 
A 1 176 TYR 176 174 174 TYR TYR A . n 
A 1 177 VAL 177 175 175 VAL VAL A . n 
A 1 178 VAL 178 176 176 VAL VAL A . n 
A 1 179 CYS 179 177 177 CYS CYS A . n 
A 1 180 ALA 180 178 178 ALA ALA A . n 
A 1 181 LYS 181 179 179 LYS LYS A . n 
A 1 182 ASN 182 180 180 ASN ASN A . n 
A 1 183 ARG 183 181 181 ARG ARG A . n 
A 1 184 PHE 184 182 182 PHE PHE A . n 
A 1 185 GLY 185 183 183 GLY GLY A . n 
A 1 186 ILE 186 184 184 ILE ILE A . n 
A 1 187 ASP 187 185 185 ASP ASP A . n 
A 1 188 GLN 188 186 186 GLN GLN A . n 
A 1 189 LYS 189 187 187 LYS LYS A . n 
A 1 190 THR 190 188 188 THR THR A . n 
A 1 191 VAL 191 189 189 VAL VAL A . n 
A 1 192 GLU 192 190 190 GLU GLU A . n 
A 1 193 LEU 193 191 191 LEU LEU A . n 
A 1 194 ASP 194 192 192 ASP ASP A . n 
A 1 195 VAL 195 193 193 VAL VAL A . n 
A 1 196 ALA 196 194 194 ALA ALA A . n 
A 1 197 ASP 197 195 195 ASP ASP A . n 
# 
loop_
_pdbx_nonpoly_scheme.asym_id 
_pdbx_nonpoly_scheme.entity_id 
_pdbx_nonpoly_scheme.mon_id 
_pdbx_nonpoly_scheme.ndb_seq_num 
_pdbx_nonpoly_scheme.pdb_seq_num 
_pdbx_nonpoly_scheme.auth_seq_num 
_pdbx_nonpoly_scheme.pdb_mon_id 
_pdbx_nonpoly_scheme.auth_mon_id 
_pdbx_nonpoly_scheme.pdb_strand_id 
_pdbx_nonpoly_scheme.pdb_ins_code 
B 2 GOL 1   1196 1196 GOL GOL A . 
C 3 HOH 1   2001 2001 HOH HOH A . 
C 3 HOH 2   2002 2002 HOH HOH A . 
C 3 HOH 3   2003 2003 HOH HOH A . 
C 3 HOH 4   2004 2004 HOH HOH A . 
C 3 HOH 5   2005 2005 HOH HOH A . 
C 3 HOH 6   2006 2006 HOH HOH A . 
C 3 HOH 7   2007 2007 HOH HOH A . 
C 3 HOH 8   2008 2008 HOH HOH A . 
C 3 HOH 9   2009 2009 HOH HOH A . 
C 3 HOH 10  2010 2010 HOH HOH A . 
C 3 HOH 11  2011 2011 HOH HOH A . 
C 3 HOH 12  2012 2012 HOH HOH A . 
C 3 HOH 13  2013 2013 HOH HOH A . 
C 3 HOH 14  2014 2014 HOH HOH A . 
C 3 HOH 15  2015 2015 HOH HOH A . 
C 3 HOH 16  2016 2016 HOH HOH A . 
C 3 HOH 17  2017 2017 HOH HOH A . 
C 3 HOH 18  2018 2018 HOH HOH A . 
C 3 HOH 19  2019 2019 HOH HOH A . 
C 3 HOH 20  2020 2020 HOH HOH A . 
C 3 HOH 21  2021 2021 HOH HOH A . 
C 3 HOH 22  2022 2022 HOH HOH A . 
C 3 HOH 23  2023 2023 HOH HOH A . 
C 3 HOH 24  2024 2024 HOH HOH A . 
C 3 HOH 25  2025 2025 HOH HOH A . 
C 3 HOH 26  2026 2026 HOH HOH A . 
C 3 HOH 27  2027 2027 HOH HOH A . 
C 3 HOH 28  2028 2028 HOH HOH A . 
C 3 HOH 29  2029 2029 HOH HOH A . 
C 3 HOH 30  2030 2030 HOH HOH A . 
C 3 HOH 31  2031 2031 HOH HOH A . 
C 3 HOH 32  2032 2032 HOH HOH A . 
C 3 HOH 33  2033 2033 HOH HOH A . 
C 3 HOH 34  2034 2034 HOH HOH A . 
C 3 HOH 35  2035 2035 HOH HOH A . 
C 3 HOH 36  2036 2036 HOH HOH A . 
C 3 HOH 37  2037 2037 HOH HOH A . 
C 3 HOH 38  2038 2038 HOH HOH A . 
C 3 HOH 39  2039 2039 HOH HOH A . 
C 3 HOH 40  2040 2040 HOH HOH A . 
C 3 HOH 41  2041 2041 HOH HOH A . 
C 3 HOH 42  2042 2042 HOH HOH A . 
C 3 HOH 43  2043 2043 HOH HOH A . 
C 3 HOH 44  2044 2044 HOH HOH A . 
C 3 HOH 45  2045 2045 HOH HOH A . 
C 3 HOH 46  2046 2046 HOH HOH A . 
C 3 HOH 47  2047 2047 HOH HOH A . 
C 3 HOH 48  2048 2048 HOH HOH A . 
C 3 HOH 49  2049 2049 HOH HOH A . 
C 3 HOH 50  2050 2050 HOH HOH A . 
C 3 HOH 51  2051 2051 HOH HOH A . 
C 3 HOH 52  2052 2052 HOH HOH A . 
C 3 HOH 53  2053 2053 HOH HOH A . 
C 3 HOH 54  2054 2054 HOH HOH A . 
C 3 HOH 55  2055 2055 HOH HOH A . 
C 3 HOH 56  2056 2056 HOH HOH A . 
C 3 HOH 57  2057 2057 HOH HOH A . 
C 3 HOH 58  2058 2058 HOH HOH A . 
C 3 HOH 59  2059 2059 HOH HOH A . 
C 3 HOH 60  2060 2060 HOH HOH A . 
C 3 HOH 61  2061 2061 HOH HOH A . 
C 3 HOH 62  2062 2062 HOH HOH A . 
C 3 HOH 63  2063 2063 HOH HOH A . 
C 3 HOH 64  2064 2064 HOH HOH A . 
C 3 HOH 65  2065 2065 HOH HOH A . 
C 3 HOH 66  2066 2066 HOH HOH A . 
C 3 HOH 67  2067 2067 HOH HOH A . 
C 3 HOH 68  2068 2068 HOH HOH A . 
C 3 HOH 69  2069 2069 HOH HOH A . 
C 3 HOH 70  2070 2070 HOH HOH A . 
C 3 HOH 71  2071 2071 HOH HOH A . 
C 3 HOH 72  2072 2072 HOH HOH A . 
C 3 HOH 73  2073 2073 HOH HOH A . 
C 3 HOH 74  2074 2074 HOH HOH A . 
C 3 HOH 75  2075 2075 HOH HOH A . 
C 3 HOH 76  2076 2076 HOH HOH A . 
C 3 HOH 77  2077 2077 HOH HOH A . 
C 3 HOH 78  2078 2078 HOH HOH A . 
C 3 HOH 79  2079 2079 HOH HOH A . 
C 3 HOH 80  2080 2080 HOH HOH A . 
C 3 HOH 81  2081 2081 HOH HOH A . 
C 3 HOH 82  2082 2082 HOH HOH A . 
C 3 HOH 83  2083 2083 HOH HOH A . 
C 3 HOH 84  2084 2084 HOH HOH A . 
C 3 HOH 85  2085 2085 HOH HOH A . 
C 3 HOH 86  2086 2086 HOH HOH A . 
C 3 HOH 87  2087 2087 HOH HOH A . 
C 3 HOH 88  2088 2088 HOH HOH A . 
C 3 HOH 89  2089 2089 HOH HOH A . 
C 3 HOH 90  2090 2090 HOH HOH A . 
C 3 HOH 91  2091 2091 HOH HOH A . 
C 3 HOH 92  2092 2092 HOH HOH A . 
C 3 HOH 93  2093 2093 HOH HOH A . 
C 3 HOH 94  2094 2094 HOH HOH A . 
C 3 HOH 95  2095 2095 HOH HOH A . 
C 3 HOH 96  2096 2096 HOH HOH A . 
C 3 HOH 97  2097 2097 HOH HOH A . 
C 3 HOH 98  2098 2098 HOH HOH A . 
C 3 HOH 99  2099 2099 HOH HOH A . 
C 3 HOH 100 2100 2100 HOH HOH A . 
C 3 HOH 101 2101 2101 HOH HOH A . 
C 3 HOH 102 2102 2102 HOH HOH A . 
C 3 HOH 103 2103 2103 HOH HOH A . 
C 3 HOH 104 2104 2104 HOH HOH A . 
C 3 HOH 105 2105 2105 HOH HOH A . 
C 3 HOH 106 2106 2106 HOH HOH A . 
C 3 HOH 107 2107 2107 HOH HOH A . 
C 3 HOH 108 2108 2108 HOH HOH A . 
C 3 HOH 109 2109 2109 HOH HOH A . 
C 3 HOH 110 2110 2110 HOH HOH A . 
C 3 HOH 111 2111 2111 HOH HOH A . 
C 3 HOH 112 2112 2112 HOH HOH A . 
C 3 HOH 113 2113 2113 HOH HOH A . 
C 3 HOH 114 2114 2114 HOH HOH A . 
C 3 HOH 115 2115 2115 HOH HOH A . 
C 3 HOH 116 2116 2116 HOH HOH A . 
C 3 HOH 117 2117 2117 HOH HOH A . 
C 3 HOH 118 2118 2118 HOH HOH A . 
C 3 HOH 119 2119 2119 HOH HOH A . 
C 3 HOH 120 2120 2120 HOH HOH A . 
C 3 HOH 121 2121 2121 HOH HOH A . 
C 3 HOH 122 2122 2122 HOH HOH A . 
C 3 HOH 123 2123 2123 HOH HOH A . 
C 3 HOH 124 2124 2124 HOH HOH A . 
C 3 HOH 125 2125 2125 HOH HOH A . 
C 3 HOH 126 2126 2126 HOH HOH A . 
C 3 HOH 127 2127 2127 HOH HOH A . 
C 3 HOH 128 2128 2128 HOH HOH A . 
C 3 HOH 129 2129 2129 HOH HOH A . 
C 3 HOH 130 2130 2130 HOH HOH A . 
C 3 HOH 131 2131 2131 HOH HOH A . 
C 3 HOH 132 2132 2132 HOH HOH A . 
C 3 HOH 133 2133 2133 HOH HOH A . 
C 3 HOH 134 2134 2134 HOH HOH A . 
C 3 HOH 135 2135 2135 HOH HOH A . 
C 3 HOH 136 2136 2136 HOH HOH A . 
C 3 HOH 137 2137 2137 HOH HOH A . 
C 3 HOH 138 2138 2138 HOH HOH A . 
C 3 HOH 139 2139 2139 HOH HOH A . 
C 3 HOH 140 2140 2140 HOH HOH A . 
C 3 HOH 141 2141 2141 HOH HOH A . 
C 3 HOH 142 2142 2142 HOH HOH A . 
C 3 HOH 143 2143 2143 HOH HOH A . 
C 3 HOH 144 2144 2144 HOH HOH A . 
C 3 HOH 145 2145 2145 HOH HOH A . 
C 3 HOH 146 2146 2146 HOH HOH A . 
C 3 HOH 147 2147 2147 HOH HOH A . 
C 3 HOH 148 2148 2148 HOH HOH A . 
C 3 HOH 149 2149 2149 HOH HOH A . 
C 3 HOH 150 2150 2150 HOH HOH A . 
C 3 HOH 151 2151 2151 HOH HOH A . 
C 3 HOH 152 2152 2152 HOH HOH A . 
C 3 HOH 153 2153 2153 HOH HOH A . 
C 3 HOH 154 2154 2154 HOH HOH A . 
C 3 HOH 155 2155 2155 HOH HOH A . 
C 3 HOH 156 2156 2156 HOH HOH A . 
C 3 HOH 157 2157 2157 HOH HOH A . 
C 3 HOH 158 2158 2158 HOH HOH A . 
C 3 HOH 159 2159 2159 HOH HOH A . 
C 3 HOH 160 2160 2160 HOH HOH A . 
C 3 HOH 161 2161 2161 HOH HOH A . 
C 3 HOH 162 2162 2162 HOH HOH A . 
C 3 HOH 163 2163 2163 HOH HOH A . 
C 3 HOH 164 2164 2164 HOH HOH A . 
C 3 HOH 165 2165 2165 HOH HOH A . 
C 3 HOH 166 2166 2166 HOH HOH A . 
C 3 HOH 167 2167 2167 HOH HOH A . 
C 3 HOH 168 2168 2168 HOH HOH A . 
C 3 HOH 169 2169 2169 HOH HOH A . 
C 3 HOH 170 2170 2170 HOH HOH A . 
C 3 HOH 171 2171 2171 HOH HOH A . 
C 3 HOH 172 2172 2172 HOH HOH A . 
C 3 HOH 173 2173 2173 HOH HOH A . 
C 3 HOH 174 2174 2174 HOH HOH A . 
C 3 HOH 175 2175 2175 HOH HOH A . 
# 
loop_
_software.name 
_software.classification 
_software.version 
_software.citation_id 
_software.pdbx_ordinal 
REFMAC    refinement       5.2.0019 ? 1 
DENZO     'data reduction' .        ? 2 
SCALEPACK 'data scaling'   .        ? 3 
SOLVE     phasing          .        ? 4 
# 
_cell.entry_id           2J8H 
_cell.length_a           69.584 
_cell.length_b           87.040 
_cell.length_c           104.791 
_cell.angle_alpha        90.00 
_cell.angle_beta         90.00 
_cell.angle_gamma        90.00 
_cell.Z_PDB              8 
_cell.pdbx_unique_axis   ? 
# 
_symmetry.entry_id                         2J8H 
_symmetry.space_group_name_H-M             'I 2 2 2' 
_symmetry.pdbx_full_space_group_name_H-M   ? 
_symmetry.cell_setting                     ? 
_symmetry.Int_Tables_number                23 
# 
_exptl.entry_id          2J8H 
_exptl.method            'X-RAY DIFFRACTION' 
_exptl.crystals_number   1 
# 
_exptl_crystal.id                    1 
_exptl_crystal.density_meas          ? 
_exptl_crystal.density_Matthews      3.3 
_exptl_crystal.density_percent_sol   62 
_exptl_crystal.description           NONE 
# 
_exptl_crystal_grow.crystal_id      1 
_exptl_crystal_grow.method          ? 
_exptl_crystal_grow.temp            ? 
_exptl_crystal_grow.temp_details    ? 
_exptl_crystal_grow.pH              9 
_exptl_crystal_grow.pdbx_pH_range   ? 
_exptl_crystal_grow.pdbx_details    'AMMONIUM SULFATE, BICINE, pH 9' 
# 
_diffrn.id                     1 
_diffrn.ambient_temp           100 
_diffrn.ambient_temp_details   ? 
_diffrn.crystal_id             1 
# 
_diffrn_detector.diffrn_id              1 
_diffrn_detector.detector               CCD 
_diffrn_detector.type                   MARRESEARCH 
_diffrn_detector.pdbx_collection_date   2003-11-03 
_diffrn_detector.details                MIRRORS 
# 
_diffrn_radiation.diffrn_id                        1 
_diffrn_radiation.wavelength_id                    1 
_diffrn_radiation.pdbx_monochromatic_or_laue_m_l   M 
_diffrn_radiation.monochromator                    'SI (111)' 
_diffrn_radiation.pdbx_diffrn_protocol             'SINGLE WAVELENGTH' 
_diffrn_radiation.pdbx_scattering_type             x-ray 
# 
_diffrn_radiation_wavelength.id           1 
_diffrn_radiation_wavelength.wavelength   0.8030 
_diffrn_radiation_wavelength.wt           1.0 
# 
_diffrn_source.diffrn_id                   1 
_diffrn_source.source                      SYNCHROTRON 
_diffrn_source.type                        'EMBL/DESY, HAMBURG BEAMLINE X13' 
_diffrn_source.pdbx_synchrotron_site       'EMBL/DESY, HAMBURG' 
_diffrn_source.pdbx_synchrotron_beamline   X13 
_diffrn_source.pdbx_wavelength             0.8030 
_diffrn_source.pdbx_wavelength_list        ? 
# 
_reflns.pdbx_diffrn_id               1 
_reflns.pdbx_ordinal                 1 
_reflns.entry_id                     2J8H 
_reflns.observed_criterion_sigma_I   -3.0 
_reflns.observed_criterion_sigma_F   ? 
_reflns.d_resolution_low             25.00 
_reflns.d_resolution_high            1.99 
_reflns.number_obs                   21381 
_reflns.number_all                   ? 
_reflns.percent_possible_obs         96.0 
_reflns.pdbx_Rmerge_I_obs            0.06 
_reflns.pdbx_Rsym_value              ? 
_reflns.pdbx_netI_over_sigmaI        28.70 
_reflns.B_iso_Wilson_estimate        ? 
_reflns.pdbx_redundancy              5.7 
# 
_reflns_shell.pdbx_diffrn_id         1 
_reflns_shell.pdbx_ordinal           1 
_reflns_shell.d_res_high             1.99 
_reflns_shell.d_res_low              2.06 
_reflns_shell.percent_possible_all   97.8 
_reflns_shell.Rmerge_I_obs           0.57 
_reflns_shell.pdbx_Rsym_value        ? 
_reflns_shell.meanI_over_sigI_obs    4.00 
_reflns_shell.pdbx_redundancy        5.6 
# 
_refine.pdbx_refine_id                           'X-RAY DIFFRACTION' 
_refine.entry_id                                 2J8H 
_refine.pdbx_diffrn_id                           1 
_refine.pdbx_TLS_residual_ADP_flag               'LIKELY RESIDUAL' 
_refine.ls_number_reflns_obs                     20293 
_refine.ls_number_reflns_all                     ? 
_refine.pdbx_ls_sigma_I                          ? 
_refine.pdbx_ls_sigma_F                          ? 
_refine.pdbx_data_cutoff_high_absF               ? 
_refine.pdbx_data_cutoff_low_absF                ? 
_refine.pdbx_data_cutoff_high_rms_absF           ? 
_refine.ls_d_res_low                             67.42 
_refine.ls_d_res_high                            1.99 
_refine.ls_percent_reflns_obs                    95.7 
_refine.ls_R_factor_obs                          0.194 
_refine.ls_R_factor_all                          ? 
_refine.ls_R_factor_R_work                       0.193 
_refine.ls_R_factor_R_free                       0.210 
_refine.ls_R_factor_R_free_error                 ? 
_refine.ls_R_factor_R_free_error_details         ? 
_refine.ls_percent_reflns_R_free                 5.100 
_refine.ls_number_reflns_R_free                  1088 
_refine.ls_number_parameters                     ? 
_refine.ls_number_restraints                     ? 
_refine.occupancy_min                            ? 
_refine.occupancy_max                            ? 
_refine.correlation_coeff_Fo_to_Fc               0.958 
_refine.correlation_coeff_Fo_to_Fc_free          0.952 
_refine.B_iso_mean                               37.91 
_refine.aniso_B[1][1]                            1.54000 
_refine.aniso_B[2][2]                            -0.29000 
_refine.aniso_B[3][3]                            -1.24000 
_refine.aniso_B[1][2]                            0.00000 
_refine.aniso_B[1][3]                            0.00000 
_refine.aniso_B[2][3]                            0.00000 
_refine.solvent_model_details                    'BABINET MODEL WITH MASK' 
_refine.solvent_model_param_ksol                 ? 
_refine.solvent_model_param_bsol                 ? 
_refine.pdbx_solvent_vdw_probe_radii             1.40 
_refine.pdbx_solvent_ion_probe_radii             0.80 
_refine.pdbx_solvent_shrinkage_radii             0.80 
_refine.pdbx_ls_cross_valid_method               THROUGHOUT 
_refine.details                                  'HYDROGENS HAVE BEEN ADDED IN THE RIDING POSITIONS' 
_refine.pdbx_starting_model                      NONE 
_refine.pdbx_method_to_determine_struct          MAD 
_refine.pdbx_isotropic_thermal_model             ? 
_refine.pdbx_stereochemistry_target_values       'MAXIMUM LIKELIHOOD' 
_refine.pdbx_stereochem_target_val_spec_case     ? 
_refine.pdbx_R_Free_selection_details            RANDOM 
_refine.pdbx_overall_ESU_R                       0.141 
_refine.pdbx_overall_ESU_R_Free                  0.125 
_refine.overall_SU_ML                            0.091 
_refine.pdbx_overall_phase_error                 ? 
_refine.overall_SU_B                             6.331 
_refine.overall_SU_R_Cruickshank_DPI             ? 
_refine.pdbx_overall_SU_R_free_Cruickshank_DPI   ? 
_refine.pdbx_overall_SU_R_Blow_DPI               ? 
_refine.pdbx_overall_SU_R_free_Blow_DPI          ? 
# 
_refine_hist.pdbx_refine_id                   'X-RAY DIFFRACTION' 
_refine_hist.cycle_id                         LAST 
_refine_hist.pdbx_number_atoms_protein        1525 
_refine_hist.pdbx_number_atoms_nucleic_acid   0 
_refine_hist.pdbx_number_atoms_ligand         6 
_refine_hist.number_atoms_solvent             175 
_refine_hist.number_atoms_total               1706 
_refine_hist.d_res_high                       1.99 
_refine_hist.d_res_low                        67.42 
# 
loop_
_refine_ls_restr.type 
_refine_ls_restr.dev_ideal 
_refine_ls_restr.dev_ideal_target 
_refine_ls_restr.weight 
_refine_ls_restr.number 
_refine_ls_restr.pdbx_refine_id 
_refine_ls_restr.pdbx_restraint_function 
r_bond_refined_d             0.013  0.022  ? 1562 'X-RAY DIFFRACTION' ? 
r_bond_other_d               0.001  0.020  ? 1063 'X-RAY DIFFRACTION' ? 
r_angle_refined_deg          1.505  1.952  ? 2115 'X-RAY DIFFRACTION' ? 
r_angle_other_deg            0.781  3.000  ? 2598 'X-RAY DIFFRACTION' ? 
r_dihedral_angle_1_deg       6.889  5.000  ? 194  'X-RAY DIFFRACTION' ? 
r_dihedral_angle_2_deg       32.319 24.286 ? 70   'X-RAY DIFFRACTION' ? 
r_dihedral_angle_3_deg       11.790 15.000 ? 268  'X-RAY DIFFRACTION' ? 
r_dihedral_angle_4_deg       19.613 15.000 ? 9    'X-RAY DIFFRACTION' ? 
r_chiral_restr               0.088  0.200  ? 236  'X-RAY DIFFRACTION' ? 
r_gen_planes_refined         0.005  0.020  ? 1733 'X-RAY DIFFRACTION' ? 
r_gen_planes_other           0.001  0.020  ? 306  'X-RAY DIFFRACTION' ? 
r_nbd_refined                0.200  0.200  ? 223  'X-RAY DIFFRACTION' ? 
r_nbd_other                  0.200  0.200  ? 1035 'X-RAY DIFFRACTION' ? 
r_nbtor_refined              0.180  0.200  ? 745  'X-RAY DIFFRACTION' ? 
r_nbtor_other                0.086  0.200  ? 917  'X-RAY DIFFRACTION' ? 
r_xyhbond_nbd_refined        0.155  0.200  ? 130  'X-RAY DIFFRACTION' ? 
r_xyhbond_nbd_other          ?      ?      ? ?    'X-RAY DIFFRACTION' ? 
r_metal_ion_refined          ?      ?      ? ?    'X-RAY DIFFRACTION' ? 
r_metal_ion_other            ?      ?      ? ?    'X-RAY DIFFRACTION' ? 
r_symmetry_vdw_refined       ?      ?      ? ?    'X-RAY DIFFRACTION' ? 
r_symmetry_vdw_other         0.260  0.200  ? 51   'X-RAY DIFFRACTION' ? 
r_symmetry_hbond_refined     0.166  0.200  ? 10   'X-RAY DIFFRACTION' ? 
r_symmetry_hbond_other       ?      ?      ? ?    'X-RAY DIFFRACTION' ? 
r_symmetry_metal_ion_refined ?      ?      ? ?    'X-RAY DIFFRACTION' ? 
r_symmetry_metal_ion_other   ?      ?      ? ?    'X-RAY DIFFRACTION' ? 
r_mcbond_it                  1.012  1.500  ? 1238 'X-RAY DIFFRACTION' ? 
r_mcbond_other               0.154  1.500  ? 397  'X-RAY DIFFRACTION' ? 
r_mcangle_it                 1.225  2.000  ? 1568 'X-RAY DIFFRACTION' ? 
r_mcangle_other              ?      ?      ? ?    'X-RAY DIFFRACTION' ? 
r_scbond_it                  2.135  3.000  ? 690  'X-RAY DIFFRACTION' ? 
r_scbond_other               ?      ?      ? ?    'X-RAY DIFFRACTION' ? 
r_scangle_it                 2.932  4.500  ? 547  'X-RAY DIFFRACTION' ? 
r_scangle_other              ?      ?      ? ?    'X-RAY DIFFRACTION' ? 
r_long_range_B_refined       ?      ?      ? ?    'X-RAY DIFFRACTION' ? 
r_long_range_B_other         ?      ?      ? ?    'X-RAY DIFFRACTION' ? 
r_rigid_bond_restr           ?      ?      ? ?    'X-RAY DIFFRACTION' ? 
r_sphericity_free            ?      ?      ? ?    'X-RAY DIFFRACTION' ? 
r_sphericity_bonded          ?      ?      ? ?    'X-RAY DIFFRACTION' ? 
# 
_refine_ls_shell.pdbx_refine_id                   'X-RAY DIFFRACTION' 
_refine_ls_shell.pdbx_total_number_of_bins_used   20 
_refine_ls_shell.d_res_high                       1.99 
_refine_ls_shell.d_res_low                        2.04 
_refine_ls_shell.number_reflns_R_work             1453 
_refine_ls_shell.R_factor_R_work                  0.2330 
_refine_ls_shell.percent_reflns_obs               94.67 
_refine_ls_shell.R_factor_R_free                  0.2440 
_refine_ls_shell.R_factor_R_free_error            ? 
_refine_ls_shell.percent_reflns_R_free            ? 
_refine_ls_shell.number_reflns_R_free             76 
_refine_ls_shell.number_reflns_all                ? 
_refine_ls_shell.R_factor_all                     ? 
# 
_struct.entry_id                  2J8H 
_struct.title                     'Structure of the immunoglobulin tandem repeat A168-A169 of titin' 
_struct.pdbx_model_details        ? 
_struct.pdbx_CASP_flag            ? 
_struct.pdbx_model_type_details   ? 
# 
_struct_keywords.entry_id        2J8H 
_struct_keywords.pdbx_keywords   TRANSFERASE 
_struct_keywords.text            
;CARDIOMYOPATHY, NUCLEAR PROTEIN, SERINE/THREONINE-PROTEIN KINASE, LIMB-GIRDLE MUSCULAR DYSTROPHY, PHOSPHORYLATION, DISEASE MUTATION, STRUCTURAL PROTEIN, TITIN, A-BAND, KINASE, WD REPEAT, TPR REPEAT, IMMUNOGLOBULIN DOMAIN, IMMUNOGLOBULIN LIKE DOMAIN, NUCLEOTIDE-BINDING, ATP-BINDING, TRANSFERASE, KELCH REPEAT
;
# 
loop_
_struct_asym.id 
_struct_asym.pdbx_blank_PDB_chainid_flag 
_struct_asym.pdbx_modified 
_struct_asym.entity_id 
_struct_asym.details 
A N N 1 ? 
B N N 2 ? 
C N N 3 ? 
# 
loop_
_struct_ref.id 
_struct_ref.db_name 
_struct_ref.db_code 
_struct_ref.entity_id 
_struct_ref.pdbx_seq_one_letter_code 
_struct_ref.pdbx_align_begin 
_struct_ref.pdbx_db_accession 
_struct_ref.pdbx_db_isoform 
1 PDB 2J8H        1 ? ? 2J8H   ? 
2 UNP TITIN_HUMAN 1 ? ? Q8WZ42 ? 
# 
loop_
_struct_ref_seq.align_id 
_struct_ref_seq.ref_id 
_struct_ref_seq.pdbx_PDB_id_code 
_struct_ref_seq.pdbx_strand_id 
_struct_ref_seq.seq_align_beg 
_struct_ref_seq.pdbx_seq_align_beg_ins_code 
_struct_ref_seq.seq_align_end 
_struct_ref_seq.pdbx_seq_align_end_ins_code 
_struct_ref_seq.pdbx_db_accession 
_struct_ref_seq.db_align_beg 
_struct_ref_seq.pdbx_db_align_beg_ins_code 
_struct_ref_seq.db_align_end 
_struct_ref_seq.pdbx_db_align_end_ins_code 
_struct_ref_seq.pdbx_auth_seq_align_beg 
_struct_ref_seq.pdbx_auth_seq_align_end 
1 1 2J8H A 1 ? 3   ? 2J8H   -1    ? 1     ? -1 1   
2 2 2J8H A 4 ? 197 ? Q8WZ42 24430 ? 24623 ? 2  195 
# 
_pdbx_struct_assembly.id                   1 
_pdbx_struct_assembly.details              software_defined_assembly 
_pdbx_struct_assembly.method_details       PQS 
_pdbx_struct_assembly.oligomeric_details   tetrameric 
_pdbx_struct_assembly.oligomeric_count     4 
# 
loop_
_pdbx_struct_assembly_prop.biol_id 
_pdbx_struct_assembly_prop.type 
_pdbx_struct_assembly_prop.value 
_pdbx_struct_assembly_prop.details 
1 'ABSA (A^2)' 8530  ? 
1 MORE         -38.9 ? 
1 'SSA (A^2)'  45380 ? 
# 
_pdbx_struct_assembly_gen.assembly_id       1 
_pdbx_struct_assembly_gen.oper_expression   1,2,3,4 
_pdbx_struct_assembly_gen.asym_id_list      A,B,C 
# 
loop_
_pdbx_struct_oper_list.id 
_pdbx_struct_oper_list.type 
_pdbx_struct_oper_list.name 
_pdbx_struct_oper_list.symmetry_operation 
_pdbx_struct_oper_list.matrix[1][1] 
_pdbx_struct_oper_list.matrix[1][2] 
_pdbx_struct_oper_list.matrix[1][3] 
_pdbx_struct_oper_list.vector[1] 
_pdbx_struct_oper_list.matrix[2][1] 
_pdbx_struct_oper_list.matrix[2][2] 
_pdbx_struct_oper_list.matrix[2][3] 
_pdbx_struct_oper_list.vector[2] 
_pdbx_struct_oper_list.matrix[3][1] 
_pdbx_struct_oper_list.matrix[3][2] 
_pdbx_struct_oper_list.matrix[3][3] 
_pdbx_struct_oper_list.vector[3] 
1 'identity operation'         1_555 x,y,z     1.0000000000  0.0000000000  0.0000000000  0.0000000000   0.0000000000  1.0000000000  0.0000000000  0.0000000000  0.0000000000  0.0000000000  1.0000000000  0.0000000000   
2 'crystal symmetry operation' 3_555 -x,y,-z   -0.8816850739 -0.3723242285 0.2898380570  -10.8050282312 -0.3723242285 0.1716639289  -0.9120889016 12.1060538624 0.2898380570  -0.9120889016 -0.2899788550 19.9620896615  
3 'crystal symmetry operation' 4_565 x,-y+1,-z -0.9897597676 0.0896954245  0.1110420341  -17.9371881609 0.0896954245  -0.2143470147 0.9726304993  15.5491292091 0.1110420341  0.9726304993  0.2041067823  -10.9058230051 
4 'crystal symmetry operation' 2_565 -x,-y+1,z 0.8714448415  0.2826288040  -0.4008800911 -3.9403172497  0.2826288040  -0.9573169141 -0.0605415977 31.4008083428 -0.4008800911 -0.0605415977 -0.9141279273 3.7434797833 
# 
_struct_biol.id   1 
# 
loop_
_struct_conf.conf_type_id 
_struct_conf.id 
_struct_conf.pdbx_PDB_helix_id 
_struct_conf.beg_label_comp_id 
_struct_conf.beg_label_asym_id 
_struct_conf.beg_label_seq_id 
_struct_conf.pdbx_beg_PDB_ins_code 
_struct_conf.end_label_comp_id 
_struct_conf.end_label_asym_id 
_struct_conf.end_label_seq_id 
_struct_conf.pdbx_end_PDB_ins_code 
_struct_conf.beg_auth_comp_id 
_struct_conf.beg_auth_asym_id 
_struct_conf.beg_auth_seq_id 
_struct_conf.end_auth_comp_id 
_struct_conf.end_auth_asym_id 
_struct_conf.end_auth_seq_id 
_struct_conf.pdbx_PDB_helix_class 
_struct_conf.details 
_struct_conf.pdbx_PDB_helix_length 
HELX_P HELX_P1 1 ASP A 71  ? ASP A 73  ? ASP A 69  ASP A 71  5 ? 3 
HELX_P HELX_P2 2 ARG A 170 ? ASP A 172 ? ARG A 168 ASP A 170 5 ? 3 
# 
_struct_conf_type.id          HELX_P 
_struct_conf_type.criteria    ? 
_struct_conf_type.reference   ? 
# 
loop_
_struct_mon_prot_cis.pdbx_id 
_struct_mon_prot_cis.label_comp_id 
_struct_mon_prot_cis.label_seq_id 
_struct_mon_prot_cis.label_asym_id 
_struct_mon_prot_cis.label_alt_id 
_struct_mon_prot_cis.pdbx_PDB_ins_code 
_struct_mon_prot_cis.auth_comp_id 
_struct_mon_prot_cis.auth_seq_id 
_struct_mon_prot_cis.auth_asym_id 
_struct_mon_prot_cis.pdbx_label_comp_id_2 
_struct_mon_prot_cis.pdbx_label_seq_id_2 
_struct_mon_prot_cis.pdbx_label_asym_id_2 
_struct_mon_prot_cis.pdbx_PDB_ins_code_2 
_struct_mon_prot_cis.pdbx_auth_comp_id_2 
_struct_mon_prot_cis.pdbx_auth_seq_id_2 
_struct_mon_prot_cis.pdbx_auth_asym_id_2 
_struct_mon_prot_cis.pdbx_PDB_model_num 
_struct_mon_prot_cis.pdbx_omega_angle 
1 HIS 31  A . ? HIS 29  A PRO 32  A ? PRO 30  A 1 -3.71 
2 LYS 131 A . ? LYS 129 A PRO 132 A ? PRO 130 A 1 -0.24 
# 
loop_
_struct_sheet.id 
_struct_sheet.type 
_struct_sheet.number_strands 
_struct_sheet.details 
AA ? 4 ? 
AB ? 5 ? 
AC ? 5 ? 
AD ? 5 ? 
# 
loop_
_struct_sheet_order.sheet_id 
_struct_sheet_order.range_id_1 
_struct_sheet_order.range_id_2 
_struct_sheet_order.offset 
_struct_sheet_order.sense 
AA 1 2 ? anti-parallel 
AA 2 3 ? anti-parallel 
AA 3 4 ? anti-parallel 
AB 1 2 ? parallel      
AB 2 3 ? anti-parallel 
AB 3 4 ? anti-parallel 
AB 4 5 ? anti-parallel 
AC 1 2 ? parallel      
AC 2 3 ? anti-parallel 
AC 3 4 ? anti-parallel 
AC 4 5 ? anti-parallel 
AD 1 2 ? parallel      
AD 2 3 ? anti-parallel 
AD 3 4 ? anti-parallel 
AD 4 5 ? anti-parallel 
# 
loop_
_struct_sheet_range.sheet_id 
_struct_sheet_range.id 
_struct_sheet_range.beg_label_comp_id 
_struct_sheet_range.beg_label_asym_id 
_struct_sheet_range.beg_label_seq_id 
_struct_sheet_range.pdbx_beg_PDB_ins_code 
_struct_sheet_range.end_label_comp_id 
_struct_sheet_range.end_label_asym_id 
_struct_sheet_range.end_label_seq_id 
_struct_sheet_range.pdbx_end_PDB_ins_code 
_struct_sheet_range.beg_auth_comp_id 
_struct_sheet_range.beg_auth_asym_id 
_struct_sheet_range.beg_auth_seq_id 
_struct_sheet_range.end_auth_comp_id 
_struct_sheet_range.end_auth_asym_id 
_struct_sheet_range.end_auth_seq_id 
AA 1 HIS A 6   ? GLU A 9   ? HIS A 4   GLU A 7   
AA 2 ALA A 22  ? THR A 29  ? ALA A 20  THR A 27  
AA 3 TYR A 61  ? ILE A 66  ? TYR A 59  ILE A 64  
AA 4 TYR A 52  ? PHE A 57  ? TYR A 50  PHE A 55  
AB 1 LEU A 14  ? ARG A 17  ? LEU A 12  ARG A 15  
AB 2 GLY A 86  ? ILE A 102 ? GLY A 84  ILE A 100 
AB 3 VAL A 76  ? ASN A 83  ? VAL A 74  ASN A 81  
AB 4 ILE A 35  ? ARG A 40  ? ILE A 33  ARG A 38  
AB 5 LYS A 43  ? GLU A 44  ? LYS A 41  GLU A 42  
AC 1 LEU A 14  ? ARG A 17  ? LEU A 12  ARG A 15  
AC 2 GLY A 86  ? ILE A 102 ? GLY A 84  ILE A 100 
AC 3 SER A 123 ? LYS A 131 ? SER A 121 LYS A 129 
AC 4 PHE A 159 ? VAL A 163 ? PHE A 157 VAL A 161 
AC 5 GLN A 152 ? VAL A 155 ? GLN A 150 VAL A 153 
AD 1 GLY A 112 ? LEU A 117 ? GLY A 110 LEU A 115 
AD 2 GLY A 185 ? ALA A 196 ? GLY A 183 ALA A 194 
AD 3 GLY A 174 ? ASN A 182 ? GLY A 172 ASN A 180 
AD 4 VAL A 135 ? LYS A 140 ? VAL A 133 LYS A 138 
AD 5 LEU A 144 ? ILE A 145 ? LEU A 142 ILE A 143 
# 
loop_
_pdbx_struct_sheet_hbond.sheet_id 
_pdbx_struct_sheet_hbond.range_id_1 
_pdbx_struct_sheet_hbond.range_id_2 
_pdbx_struct_sheet_hbond.range_1_label_atom_id 
_pdbx_struct_sheet_hbond.range_1_label_comp_id 
_pdbx_struct_sheet_hbond.range_1_label_asym_id 
_pdbx_struct_sheet_hbond.range_1_label_seq_id 
_pdbx_struct_sheet_hbond.range_1_PDB_ins_code 
_pdbx_struct_sheet_hbond.range_1_auth_atom_id 
_pdbx_struct_sheet_hbond.range_1_auth_comp_id 
_pdbx_struct_sheet_hbond.range_1_auth_asym_id 
_pdbx_struct_sheet_hbond.range_1_auth_seq_id 
_pdbx_struct_sheet_hbond.range_2_label_atom_id 
_pdbx_struct_sheet_hbond.range_2_label_comp_id 
_pdbx_struct_sheet_hbond.range_2_label_asym_id 
_pdbx_struct_sheet_hbond.range_2_label_seq_id 
_pdbx_struct_sheet_hbond.range_2_PDB_ins_code 
_pdbx_struct_sheet_hbond.range_2_auth_atom_id 
_pdbx_struct_sheet_hbond.range_2_auth_comp_id 
_pdbx_struct_sheet_hbond.range_2_auth_asym_id 
_pdbx_struct_sheet_hbond.range_2_auth_seq_id 
AA 1 2 N LYS A 8   ? N LYS A 6   O LYS A 27  ? O LYS A 25  
AA 2 3 N CYS A 26  ? N CYS A 24  O HIS A 62  ? O HIS A 60  
AA 3 4 N ILE A 65  ? N ILE A 63  O ARG A 53  ? O ARG A 51  
AB 1 2 N LEU A 14  ? N LEU A 12  O SER A 93  ? O SER A 91  
AB 2 3 N ALA A 92  ? N ALA A 90  O TYR A 77  ? O TYR A 75  
AB 3 4 N THR A 82  ? N THR A 80  O ILE A 35  ? O ILE A 33  
AB 4 5 N ARG A 40  ? N ARG A 38  O LYS A 43  ? O LYS A 41  
AC 1 2 N LEU A 14  ? N LEU A 12  O SER A 93  ? O SER A 91  
AC 2 3 N LYS A 101 ? N LYS A 99  O SER A 129 ? O SER A 127 
AC 3 4 N ILE A 126 ? N ILE A 124 O THR A 160 ? O THR A 158 
AC 4 5 N VAL A 163 ? N VAL A 161 O GLN A 152 ? O GLN A 150 
AD 1 2 N GLY A 112 ? N GLY A 110 O THR A 190 ? O THR A 188 
AD 2 3 N LEU A 193 ? N LEU A 191 O GLY A 174 ? O GLY A 172 
AD 3 4 N LYS A 181 ? N LYS A 179 O VAL A 135 ? O VAL A 133 
AD 4 5 N TRP A 138 ? N TRP A 136 O ILE A 145 ? O ILE A 143 
# 
_struct_site.id                   AC1 
_struct_site.pdbx_evidence_code   Software 
_struct_site.pdbx_auth_asym_id    ? 
_struct_site.pdbx_auth_comp_id    ? 
_struct_site.pdbx_auth_seq_id     ? 
_struct_site.pdbx_auth_ins_code   ? 
_struct_site.pdbx_num_residues    4 
_struct_site.details              'BINDING SITE FOR RESIDUE GOL A1196' 
# 
loop_
_struct_site_gen.id 
_struct_site_gen.site_id 
_struct_site_gen.pdbx_num_res 
_struct_site_gen.label_comp_id 
_struct_site_gen.label_asym_id 
_struct_site_gen.label_seq_id 
_struct_site_gen.pdbx_auth_ins_code 
_struct_site_gen.auth_comp_id 
_struct_site_gen.auth_asym_id 
_struct_site_gen.auth_seq_id 
_struct_site_gen.label_atom_id 
_struct_site_gen.label_alt_id 
_struct_site_gen.symmetry 
_struct_site_gen.details 
1 AC1 4 PRO A 105 ? PRO A 103 . ? 1_555 ? 
2 AC1 4 LYS A 106 ? LYS A 104 . ? 1_555 ? 
3 AC1 4 GLY A 112 ? GLY A 110 . ? 1_555 ? 
4 AC1 4 ALA A 113 ? ALA A 111 . ? 1_555 ? 
# 
loop_
_pdbx_validate_torsion.id 
_pdbx_validate_torsion.PDB_model_num 
_pdbx_validate_torsion.auth_comp_id 
_pdbx_validate_torsion.auth_asym_id 
_pdbx_validate_torsion.auth_seq_id 
_pdbx_validate_torsion.PDB_ins_code 
_pdbx_validate_torsion.label_alt_id 
_pdbx_validate_torsion.phi 
_pdbx_validate_torsion.psi 
1 1 GLN A 17  ? ? 73.30   -2.66   
2 1 LEU A 48  ? ? -114.03 -83.95  
3 1 GLN A 140 ? ? -108.51 52.66   
4 1 ASN A 146 ? ? -147.57 -155.12 
5 1 PHE A 162 ? ? -110.32 76.57   
# 
loop_
_pdbx_refine_tls.pdbx_refine_id 
_pdbx_refine_tls.id 
_pdbx_refine_tls.details 
_pdbx_refine_tls.method 
_pdbx_refine_tls.origin_x 
_pdbx_refine_tls.origin_y 
_pdbx_refine_tls.origin_z 
_pdbx_refine_tls.T[1][1] 
_pdbx_refine_tls.T[2][2] 
_pdbx_refine_tls.T[3][3] 
_pdbx_refine_tls.T[1][2] 
_pdbx_refine_tls.T[1][3] 
_pdbx_refine_tls.T[2][3] 
_pdbx_refine_tls.L[1][1] 
_pdbx_refine_tls.L[2][2] 
_pdbx_refine_tls.L[3][3] 
_pdbx_refine_tls.L[1][2] 
_pdbx_refine_tls.L[1][3] 
_pdbx_refine_tls.L[2][3] 
_pdbx_refine_tls.S[1][1] 
_pdbx_refine_tls.S[1][2] 
_pdbx_refine_tls.S[1][3] 
_pdbx_refine_tls.S[2][1] 
_pdbx_refine_tls.S[2][2] 
_pdbx_refine_tls.S[2][3] 
_pdbx_refine_tls.S[3][1] 
_pdbx_refine_tls.S[3][2] 
_pdbx_refine_tls.S[3][3] 
'X-RAY DIFFRACTION' 1 ? refined -20.5845 -5.4679 0.1117  -0.1214 -0.1873 -0.2206 -0.0638 -0.0024 0.0020  5.6643 4.9009 2.5031 1.1351  0.5498 0.3073 -0.0149 0.1687 0.0583 -0.2758 0.1051 -0.1845 -0.0588 0.0037 -0.0902 
'X-RAY DIFFRACTION' 2 ? refined 19.5226  5.4634  -0.0642 -0.1370 -0.1956 -0.0914 0.0221  0.0304  -0.0392 4.9517 2.9010 2.2041 -0.9538 0.7372 0.1772 -0.0656 0.0971 0.0920 -0.1227 0.0223 -0.0036 0.0199  0.2438 0.0435 
# 
loop_
_pdbx_refine_tls_group.pdbx_refine_id 
_pdbx_refine_tls_group.id 
_pdbx_refine_tls_group.refine_tls_id 
_pdbx_refine_tls_group.beg_auth_asym_id 
_pdbx_refine_tls_group.beg_auth_seq_id 
_pdbx_refine_tls_group.beg_label_asym_id 
_pdbx_refine_tls_group.beg_label_seq_id 
_pdbx_refine_tls_group.end_auth_asym_id 
_pdbx_refine_tls_group.end_auth_seq_id 
_pdbx_refine_tls_group.end_label_asym_id 
_pdbx_refine_tls_group.end_label_seq_id 
_pdbx_refine_tls_group.selection 
_pdbx_refine_tls_group.selection_details 
'X-RAY DIFFRACTION' 1 1 A 1  ? ? A 95  ? ? ? ? 
'X-RAY DIFFRACTION' 2 2 A 96 ? ? A 195 ? ? ? ? 
# 
loop_
_pdbx_database_remark.id 
_pdbx_database_remark.text 
650 
;
HELIX
DETERMINATION METHOD: AUTHOR PROVIDED.
;
700 
;
SHEET
THE SHEET STRUCTURE OF THIS MOLECULE IS BIFURCATED. IN
ORDER TO REPRESENT THIS FEATURE IN THE SHEET RECORDS BELOW,
TWO SHEETS ARE DEFINED.
;
# 
_pdbx_entry_details.entry_id                 2J8H 
_pdbx_entry_details.compound_details         ? 
_pdbx_entry_details.source_details           ? 
_pdbx_entry_details.nonpolymer_details       ? 
_pdbx_entry_details.sequence_details         'CARDIAC TITIN IS THE ISOFORM 3 OF TITIN: UNP ENTRY Q8WZ42-3' 
_pdbx_entry_details.has_ligand_of_interest   ? 
# 
loop_
_pdbx_unobs_or_zero_occ_residues.id 
_pdbx_unobs_or_zero_occ_residues.PDB_model_num 
_pdbx_unobs_or_zero_occ_residues.polymer_flag 
_pdbx_unobs_or_zero_occ_residues.occupancy_flag 
_pdbx_unobs_or_zero_occ_residues.auth_asym_id 
_pdbx_unobs_or_zero_occ_residues.auth_comp_id 
_pdbx_unobs_or_zero_occ_residues.auth_seq_id 
_pdbx_unobs_or_zero_occ_residues.PDB_ins_code 
_pdbx_unobs_or_zero_occ_residues.label_asym_id 
_pdbx_unobs_or_zero_occ_residues.label_comp_id 
_pdbx_unobs_or_zero_occ_residues.label_seq_id 
1 1 Y 1 A GLY -1 ? A GLY 1 
2 1 Y 1 A ALA 0  ? A ALA 2 
# 
loop_
_chem_comp_atom.comp_id 
_chem_comp_atom.atom_id 
_chem_comp_atom.type_symbol 
_chem_comp_atom.pdbx_aromatic_flag 
_chem_comp_atom.pdbx_stereo_config 
_chem_comp_atom.pdbx_ordinal 
ALA N    N N N 1   
ALA CA   C N S 2   
ALA C    C N N 3   
ALA O    O N N 4   
ALA CB   C N N 5   
ALA OXT  O N N 6   
ALA H    H N N 7   
ALA H2   H N N 8   
ALA HA   H N N 9   
ALA HB1  H N N 10  
ALA HB2  H N N 11  
ALA HB3  H N N 12  
ALA HXT  H N N 13  
ARG N    N N N 14  
ARG CA   C N S 15  
ARG C    C N N 16  
ARG O    O N N 17  
ARG CB   C N N 18  
ARG CG   C N N 19  
ARG CD   C N N 20  
ARG NE   N N N 21  
ARG CZ   C N N 22  
ARG NH1  N N N 23  
ARG NH2  N N N 24  
ARG OXT  O N N 25  
ARG H    H N N 26  
ARG H2   H N N 27  
ARG HA   H N N 28  
ARG HB2  H N N 29  
ARG HB3  H N N 30  
ARG HG2  H N N 31  
ARG HG3  H N N 32  
ARG HD2  H N N 33  
ARG HD3  H N N 34  
ARG HE   H N N 35  
ARG HH11 H N N 36  
ARG HH12 H N N 37  
ARG HH21 H N N 38  
ARG HH22 H N N 39  
ARG HXT  H N N 40  
ASN N    N N N 41  
ASN CA   C N S 42  
ASN C    C N N 43  
ASN O    O N N 44  
ASN CB   C N N 45  
ASN CG   C N N 46  
ASN OD1  O N N 47  
ASN ND2  N N N 48  
ASN OXT  O N N 49  
ASN H    H N N 50  
ASN H2   H N N 51  
ASN HA   H N N 52  
ASN HB2  H N N 53  
ASN HB3  H N N 54  
ASN HD21 H N N 55  
ASN HD22 H N N 56  
ASN HXT  H N N 57  
ASP N    N N N 58  
ASP CA   C N S 59  
ASP C    C N N 60  
ASP O    O N N 61  
ASP CB   C N N 62  
ASP CG   C N N 63  
ASP OD1  O N N 64  
ASP OD2  O N N 65  
ASP OXT  O N N 66  
ASP H    H N N 67  
ASP H2   H N N 68  
ASP HA   H N N 69  
ASP HB2  H N N 70  
ASP HB3  H N N 71  
ASP HD2  H N N 72  
ASP HXT  H N N 73  
CYS N    N N N 74  
CYS CA   C N R 75  
CYS C    C N N 76  
CYS O    O N N 77  
CYS CB   C N N 78  
CYS SG   S N N 79  
CYS OXT  O N N 80  
CYS H    H N N 81  
CYS H2   H N N 82  
CYS HA   H N N 83  
CYS HB2  H N N 84  
CYS HB3  H N N 85  
CYS HG   H N N 86  
CYS HXT  H N N 87  
GLN N    N N N 88  
GLN CA   C N S 89  
GLN C    C N N 90  
GLN O    O N N 91  
GLN CB   C N N 92  
GLN CG   C N N 93  
GLN CD   C N N 94  
GLN OE1  O N N 95  
GLN NE2  N N N 96  
GLN OXT  O N N 97  
GLN H    H N N 98  
GLN H2   H N N 99  
GLN HA   H N N 100 
GLN HB2  H N N 101 
GLN HB3  H N N 102 
GLN HG2  H N N 103 
GLN HG3  H N N 104 
GLN HE21 H N N 105 
GLN HE22 H N N 106 
GLN HXT  H N N 107 
GLU N    N N N 108 
GLU CA   C N S 109 
GLU C    C N N 110 
GLU O    O N N 111 
GLU CB   C N N 112 
GLU CG   C N N 113 
GLU CD   C N N 114 
GLU OE1  O N N 115 
GLU OE2  O N N 116 
GLU OXT  O N N 117 
GLU H    H N N 118 
GLU H2   H N N 119 
GLU HA   H N N 120 
GLU HB2  H N N 121 
GLU HB3  H N N 122 
GLU HG2  H N N 123 
GLU HG3  H N N 124 
GLU HE2  H N N 125 
GLU HXT  H N N 126 
GLY N    N N N 127 
GLY CA   C N N 128 
GLY C    C N N 129 
GLY O    O N N 130 
GLY OXT  O N N 131 
GLY H    H N N 132 
GLY H2   H N N 133 
GLY HA2  H N N 134 
GLY HA3  H N N 135 
GLY HXT  H N N 136 
GOL C1   C N N 137 
GOL O1   O N N 138 
GOL C2   C N N 139 
GOL O2   O N N 140 
GOL C3   C N N 141 
GOL O3   O N N 142 
GOL H11  H N N 143 
GOL H12  H N N 144 
GOL HO1  H N N 145 
GOL H2   H N N 146 
GOL HO2  H N N 147 
GOL H31  H N N 148 
GOL H32  H N N 149 
GOL HO3  H N N 150 
HIS N    N N N 151 
HIS CA   C N S 152 
HIS C    C N N 153 
HIS O    O N N 154 
HIS CB   C N N 155 
HIS CG   C Y N 156 
HIS ND1  N Y N 157 
HIS CD2  C Y N 158 
HIS CE1  C Y N 159 
HIS NE2  N Y N 160 
HIS OXT  O N N 161 
HIS H    H N N 162 
HIS H2   H N N 163 
HIS HA   H N N 164 
HIS HB2  H N N 165 
HIS HB3  H N N 166 
HIS HD1  H N N 167 
HIS HD2  H N N 168 
HIS HE1  H N N 169 
HIS HE2  H N N 170 
HIS HXT  H N N 171 
HOH O    O N N 172 
HOH H1   H N N 173 
HOH H2   H N N 174 
ILE N    N N N 175 
ILE CA   C N S 176 
ILE C    C N N 177 
ILE O    O N N 178 
ILE CB   C N S 179 
ILE CG1  C N N 180 
ILE CG2  C N N 181 
ILE CD1  C N N 182 
ILE OXT  O N N 183 
ILE H    H N N 184 
ILE H2   H N N 185 
ILE HA   H N N 186 
ILE HB   H N N 187 
ILE HG12 H N N 188 
ILE HG13 H N N 189 
ILE HG21 H N N 190 
ILE HG22 H N N 191 
ILE HG23 H N N 192 
ILE HD11 H N N 193 
ILE HD12 H N N 194 
ILE HD13 H N N 195 
ILE HXT  H N N 196 
LEU N    N N N 197 
LEU CA   C N S 198 
LEU C    C N N 199 
LEU O    O N N 200 
LEU CB   C N N 201 
LEU CG   C N N 202 
LEU CD1  C N N 203 
LEU CD2  C N N 204 
LEU OXT  O N N 205 
LEU H    H N N 206 
LEU H2   H N N 207 
LEU HA   H N N 208 
LEU HB2  H N N 209 
LEU HB3  H N N 210 
LEU HG   H N N 211 
LEU HD11 H N N 212 
LEU HD12 H N N 213 
LEU HD13 H N N 214 
LEU HD21 H N N 215 
LEU HD22 H N N 216 
LEU HD23 H N N 217 
LEU HXT  H N N 218 
LYS N    N N N 219 
LYS CA   C N S 220 
LYS C    C N N 221 
LYS O    O N N 222 
LYS CB   C N N 223 
LYS CG   C N N 224 
LYS CD   C N N 225 
LYS CE   C N N 226 
LYS NZ   N N N 227 
LYS OXT  O N N 228 
LYS H    H N N 229 
LYS H2   H N N 230 
LYS HA   H N N 231 
LYS HB2  H N N 232 
LYS HB3  H N N 233 
LYS HG2  H N N 234 
LYS HG3  H N N 235 
LYS HD2  H N N 236 
LYS HD3  H N N 237 
LYS HE2  H N N 238 
LYS HE3  H N N 239 
LYS HZ1  H N N 240 
LYS HZ2  H N N 241 
LYS HZ3  H N N 242 
LYS HXT  H N N 243 
MET N    N N N 244 
MET CA   C N S 245 
MET C    C N N 246 
MET O    O N N 247 
MET CB   C N N 248 
MET CG   C N N 249 
MET SD   S N N 250 
MET CE   C N N 251 
MET OXT  O N N 252 
MET H    H N N 253 
MET H2   H N N 254 
MET HA   H N N 255 
MET HB2  H N N 256 
MET HB3  H N N 257 
MET HG2  H N N 258 
MET HG3  H N N 259 
MET HE1  H N N 260 
MET HE2  H N N 261 
MET HE3  H N N 262 
MET HXT  H N N 263 
PHE N    N N N 264 
PHE CA   C N S 265 
PHE C    C N N 266 
PHE O    O N N 267 
PHE CB   C N N 268 
PHE CG   C Y N 269 
PHE CD1  C Y N 270 
PHE CD2  C Y N 271 
PHE CE1  C Y N 272 
PHE CE2  C Y N 273 
PHE CZ   C Y N 274 
PHE OXT  O N N 275 
PHE H    H N N 276 
PHE H2   H N N 277 
PHE HA   H N N 278 
PHE HB2  H N N 279 
PHE HB3  H N N 280 
PHE HD1  H N N 281 
PHE HD2  H N N 282 
PHE HE1  H N N 283 
PHE HE2  H N N 284 
PHE HZ   H N N 285 
PHE HXT  H N N 286 
PRO N    N N N 287 
PRO CA   C N S 288 
PRO C    C N N 289 
PRO O    O N N 290 
PRO CB   C N N 291 
PRO CG   C N N 292 
PRO CD   C N N 293 
PRO OXT  O N N 294 
PRO H    H N N 295 
PRO HA   H N N 296 
PRO HB2  H N N 297 
PRO HB3  H N N 298 
PRO HG2  H N N 299 
PRO HG3  H N N 300 
PRO HD2  H N N 301 
PRO HD3  H N N 302 
PRO HXT  H N N 303 
SER N    N N N 304 
SER CA   C N S 305 
SER C    C N N 306 
SER O    O N N 307 
SER CB   C N N 308 
SER OG   O N N 309 
SER OXT  O N N 310 
SER H    H N N 311 
SER H2   H N N 312 
SER HA   H N N 313 
SER HB2  H N N 314 
SER HB3  H N N 315 
SER HG   H N N 316 
SER HXT  H N N 317 
THR N    N N N 318 
THR CA   C N S 319 
THR C    C N N 320 
THR O    O N N 321 
THR CB   C N R 322 
THR OG1  O N N 323 
THR CG2  C N N 324 
THR OXT  O N N 325 
THR H    H N N 326 
THR H2   H N N 327 
THR HA   H N N 328 
THR HB   H N N 329 
THR HG1  H N N 330 
THR HG21 H N N 331 
THR HG22 H N N 332 
THR HG23 H N N 333 
THR HXT  H N N 334 
TRP N    N N N 335 
TRP CA   C N S 336 
TRP C    C N N 337 
TRP O    O N N 338 
TRP CB   C N N 339 
TRP CG   C Y N 340 
TRP CD1  C Y N 341 
TRP CD2  C Y N 342 
TRP NE1  N Y N 343 
TRP CE2  C Y N 344 
TRP CE3  C Y N 345 
TRP CZ2  C Y N 346 
TRP CZ3  C Y N 347 
TRP CH2  C Y N 348 
TRP OXT  O N N 349 
TRP H    H N N 350 
TRP H2   H N N 351 
TRP HA   H N N 352 
TRP HB2  H N N 353 
TRP HB3  H N N 354 
TRP HD1  H N N 355 
TRP HE1  H N N 356 
TRP HE3  H N N 357 
TRP HZ2  H N N 358 
TRP HZ3  H N N 359 
TRP HH2  H N N 360 
TRP HXT  H N N 361 
TYR N    N N N 362 
TYR CA   C N S 363 
TYR C    C N N 364 
TYR O    O N N 365 
TYR CB   C N N 366 
TYR CG   C Y N 367 
TYR CD1  C Y N 368 
TYR CD2  C Y N 369 
TYR CE1  C Y N 370 
TYR CE2  C Y N 371 
TYR CZ   C Y N 372 
TYR OH   O N N 373 
TYR OXT  O N N 374 
TYR H    H N N 375 
TYR H2   H N N 376 
TYR HA   H N N 377 
TYR HB2  H N N 378 
TYR HB3  H N N 379 
TYR HD1  H N N 380 
TYR HD2  H N N 381 
TYR HE1  H N N 382 
TYR HE2  H N N 383 
TYR HH   H N N 384 
TYR HXT  H N N 385 
VAL N    N N N 386 
VAL CA   C N S 387 
VAL C    C N N 388 
VAL O    O N N 389 
VAL CB   C N N 390 
VAL CG1  C N N 391 
VAL CG2  C N N 392 
VAL OXT  O N N 393 
VAL H    H N N 394 
VAL H2   H N N 395 
VAL HA   H N N 396 
VAL HB   H N N 397 
VAL HG11 H N N 398 
VAL HG12 H N N 399 
VAL HG13 H N N 400 
VAL HG21 H N N 401 
VAL HG22 H N N 402 
VAL HG23 H N N 403 
VAL HXT  H N N 404 
# 
loop_
_chem_comp_bond.comp_id 
_chem_comp_bond.atom_id_1 
_chem_comp_bond.atom_id_2 
_chem_comp_bond.value_order 
_chem_comp_bond.pdbx_aromatic_flag 
_chem_comp_bond.pdbx_stereo_config 
_chem_comp_bond.pdbx_ordinal 
ALA N   CA   sing N N 1   
ALA N   H    sing N N 2   
ALA N   H2   sing N N 3   
ALA CA  C    sing N N 4   
ALA CA  CB   sing N N 5   
ALA CA  HA   sing N N 6   
ALA C   O    doub N N 7   
ALA C   OXT  sing N N 8   
ALA CB  HB1  sing N N 9   
ALA CB  HB2  sing N N 10  
ALA CB  HB3  sing N N 11  
ALA OXT HXT  sing N N 12  
ARG N   CA   sing N N 13  
ARG N   H    sing N N 14  
ARG N   H2   sing N N 15  
ARG CA  C    sing N N 16  
ARG CA  CB   sing N N 17  
ARG CA  HA   sing N N 18  
ARG C   O    doub N N 19  
ARG C   OXT  sing N N 20  
ARG CB  CG   sing N N 21  
ARG CB  HB2  sing N N 22  
ARG CB  HB3  sing N N 23  
ARG CG  CD   sing N N 24  
ARG CG  HG2  sing N N 25  
ARG CG  HG3  sing N N 26  
ARG CD  NE   sing N N 27  
ARG CD  HD2  sing N N 28  
ARG CD  HD3  sing N N 29  
ARG NE  CZ   sing N N 30  
ARG NE  HE   sing N N 31  
ARG CZ  NH1  sing N N 32  
ARG CZ  NH2  doub N N 33  
ARG NH1 HH11 sing N N 34  
ARG NH1 HH12 sing N N 35  
ARG NH2 HH21 sing N N 36  
ARG NH2 HH22 sing N N 37  
ARG OXT HXT  sing N N 38  
ASN N   CA   sing N N 39  
ASN N   H    sing N N 40  
ASN N   H2   sing N N 41  
ASN CA  C    sing N N 42  
ASN CA  CB   sing N N 43  
ASN CA  HA   sing N N 44  
ASN C   O    doub N N 45  
ASN C   OXT  sing N N 46  
ASN CB  CG   sing N N 47  
ASN CB  HB2  sing N N 48  
ASN CB  HB3  sing N N 49  
ASN CG  OD1  doub N N 50  
ASN CG  ND2  sing N N 51  
ASN ND2 HD21 sing N N 52  
ASN ND2 HD22 sing N N 53  
ASN OXT HXT  sing N N 54  
ASP N   CA   sing N N 55  
ASP N   H    sing N N 56  
ASP N   H2   sing N N 57  
ASP CA  C    sing N N 58  
ASP CA  CB   sing N N 59  
ASP CA  HA   sing N N 60  
ASP C   O    doub N N 61  
ASP C   OXT  sing N N 62  
ASP CB  CG   sing N N 63  
ASP CB  HB2  sing N N 64  
ASP CB  HB3  sing N N 65  
ASP CG  OD1  doub N N 66  
ASP CG  OD2  sing N N 67  
ASP OD2 HD2  sing N N 68  
ASP OXT HXT  sing N N 69  
CYS N   CA   sing N N 70  
CYS N   H    sing N N 71  
CYS N   H2   sing N N 72  
CYS CA  C    sing N N 73  
CYS CA  CB   sing N N 74  
CYS CA  HA   sing N N 75  
CYS C   O    doub N N 76  
CYS C   OXT  sing N N 77  
CYS CB  SG   sing N N 78  
CYS CB  HB2  sing N N 79  
CYS CB  HB3  sing N N 80  
CYS SG  HG   sing N N 81  
CYS OXT HXT  sing N N 82  
GLN N   CA   sing N N 83  
GLN N   H    sing N N 84  
GLN N   H2   sing N N 85  
GLN CA  C    sing N N 86  
GLN CA  CB   sing N N 87  
GLN CA  HA   sing N N 88  
GLN C   O    doub N N 89  
GLN C   OXT  sing N N 90  
GLN CB  CG   sing N N 91  
GLN CB  HB2  sing N N 92  
GLN CB  HB3  sing N N 93  
GLN CG  CD   sing N N 94  
GLN CG  HG2  sing N N 95  
GLN CG  HG3  sing N N 96  
GLN CD  OE1  doub N N 97  
GLN CD  NE2  sing N N 98  
GLN NE2 HE21 sing N N 99  
GLN NE2 HE22 sing N N 100 
GLN OXT HXT  sing N N 101 
GLU N   CA   sing N N 102 
GLU N   H    sing N N 103 
GLU N   H2   sing N N 104 
GLU CA  C    sing N N 105 
GLU CA  CB   sing N N 106 
GLU CA  HA   sing N N 107 
GLU C   O    doub N N 108 
GLU C   OXT  sing N N 109 
GLU CB  CG   sing N N 110 
GLU CB  HB2  sing N N 111 
GLU CB  HB3  sing N N 112 
GLU CG  CD   sing N N 113 
GLU CG  HG2  sing N N 114 
GLU CG  HG3  sing N N 115 
GLU CD  OE1  doub N N 116 
GLU CD  OE2  sing N N 117 
GLU OE2 HE2  sing N N 118 
GLU OXT HXT  sing N N 119 
GLY N   CA   sing N N 120 
GLY N   H    sing N N 121 
GLY N   H2   sing N N 122 
GLY CA  C    sing N N 123 
GLY CA  HA2  sing N N 124 
GLY CA  HA3  sing N N 125 
GLY C   O    doub N N 126 
GLY C   OXT  sing N N 127 
GLY OXT HXT  sing N N 128 
GOL C1  O1   sing N N 129 
GOL C1  C2   sing N N 130 
GOL C1  H11  sing N N 131 
GOL C1  H12  sing N N 132 
GOL O1  HO1  sing N N 133 
GOL C2  O2   sing N N 134 
GOL C2  C3   sing N N 135 
GOL C2  H2   sing N N 136 
GOL O2  HO2  sing N N 137 
GOL C3  O3   sing N N 138 
GOL C3  H31  sing N N 139 
GOL C3  H32  sing N N 140 
GOL O3  HO3  sing N N 141 
HIS N   CA   sing N N 142 
HIS N   H    sing N N 143 
HIS N   H2   sing N N 144 
HIS CA  C    sing N N 145 
HIS CA  CB   sing N N 146 
HIS CA  HA   sing N N 147 
HIS C   O    doub N N 148 
HIS C   OXT  sing N N 149 
HIS CB  CG   sing N N 150 
HIS CB  HB2  sing N N 151 
HIS CB  HB3  sing N N 152 
HIS CG  ND1  sing Y N 153 
HIS CG  CD2  doub Y N 154 
HIS ND1 CE1  doub Y N 155 
HIS ND1 HD1  sing N N 156 
HIS CD2 NE2  sing Y N 157 
HIS CD2 HD2  sing N N 158 
HIS CE1 NE2  sing Y N 159 
HIS CE1 HE1  sing N N 160 
HIS NE2 HE2  sing N N 161 
HIS OXT HXT  sing N N 162 
HOH O   H1   sing N N 163 
HOH O   H2   sing N N 164 
ILE N   CA   sing N N 165 
ILE N   H    sing N N 166 
ILE N   H2   sing N N 167 
ILE CA  C    sing N N 168 
ILE CA  CB   sing N N 169 
ILE CA  HA   sing N N 170 
ILE C   O    doub N N 171 
ILE C   OXT  sing N N 172 
ILE CB  CG1  sing N N 173 
ILE CB  CG2  sing N N 174 
ILE CB  HB   sing N N 175 
ILE CG1 CD1  sing N N 176 
ILE CG1 HG12 sing N N 177 
ILE CG1 HG13 sing N N 178 
ILE CG2 HG21 sing N N 179 
ILE CG2 HG22 sing N N 180 
ILE CG2 HG23 sing N N 181 
ILE CD1 HD11 sing N N 182 
ILE CD1 HD12 sing N N 183 
ILE CD1 HD13 sing N N 184 
ILE OXT HXT  sing N N 185 
LEU N   CA   sing N N 186 
LEU N   H    sing N N 187 
LEU N   H2   sing N N 188 
LEU CA  C    sing N N 189 
LEU CA  CB   sing N N 190 
LEU CA  HA   sing N N 191 
LEU C   O    doub N N 192 
LEU C   OXT  sing N N 193 
LEU CB  CG   sing N N 194 
LEU CB  HB2  sing N N 195 
LEU CB  HB3  sing N N 196 
LEU CG  CD1  sing N N 197 
LEU CG  CD2  sing N N 198 
LEU CG  HG   sing N N 199 
LEU CD1 HD11 sing N N 200 
LEU CD1 HD12 sing N N 201 
LEU CD1 HD13 sing N N 202 
LEU CD2 HD21 sing N N 203 
LEU CD2 HD22 sing N N 204 
LEU CD2 HD23 sing N N 205 
LEU OXT HXT  sing N N 206 
LYS N   CA   sing N N 207 
LYS N   H    sing N N 208 
LYS N   H2   sing N N 209 
LYS CA  C    sing N N 210 
LYS CA  CB   sing N N 211 
LYS CA  HA   sing N N 212 
LYS C   O    doub N N 213 
LYS C   OXT  sing N N 214 
LYS CB  CG   sing N N 215 
LYS CB  HB2  sing N N 216 
LYS CB  HB3  sing N N 217 
LYS CG  CD   sing N N 218 
LYS CG  HG2  sing N N 219 
LYS CG  HG3  sing N N 220 
LYS CD  CE   sing N N 221 
LYS CD  HD2  sing N N 222 
LYS CD  HD3  sing N N 223 
LYS CE  NZ   sing N N 224 
LYS CE  HE2  sing N N 225 
LYS CE  HE3  sing N N 226 
LYS NZ  HZ1  sing N N 227 
LYS NZ  HZ2  sing N N 228 
LYS NZ  HZ3  sing N N 229 
LYS OXT HXT  sing N N 230 
MET N   CA   sing N N 231 
MET N   H    sing N N 232 
MET N   H2   sing N N 233 
MET CA  C    sing N N 234 
MET CA  CB   sing N N 235 
MET CA  HA   sing N N 236 
MET C   O    doub N N 237 
MET C   OXT  sing N N 238 
MET CB  CG   sing N N 239 
MET CB  HB2  sing N N 240 
MET CB  HB3  sing N N 241 
MET CG  SD   sing N N 242 
MET CG  HG2  sing N N 243 
MET CG  HG3  sing N N 244 
MET SD  CE   sing N N 245 
MET CE  HE1  sing N N 246 
MET CE  HE2  sing N N 247 
MET CE  HE3  sing N N 248 
MET OXT HXT  sing N N 249 
PHE N   CA   sing N N 250 
PHE N   H    sing N N 251 
PHE N   H2   sing N N 252 
PHE CA  C    sing N N 253 
PHE CA  CB   sing N N 254 
PHE CA  HA   sing N N 255 
PHE C   O    doub N N 256 
PHE C   OXT  sing N N 257 
PHE CB  CG   sing N N 258 
PHE CB  HB2  sing N N 259 
PHE CB  HB3  sing N N 260 
PHE CG  CD1  doub Y N 261 
PHE CG  CD2  sing Y N 262 
PHE CD1 CE1  sing Y N 263 
PHE CD1 HD1  sing N N 264 
PHE CD2 CE2  doub Y N 265 
PHE CD2 HD2  sing N N 266 
PHE CE1 CZ   doub Y N 267 
PHE CE1 HE1  sing N N 268 
PHE CE2 CZ   sing Y N 269 
PHE CE2 HE2  sing N N 270 
PHE CZ  HZ   sing N N 271 
PHE OXT HXT  sing N N 272 
PRO N   CA   sing N N 273 
PRO N   CD   sing N N 274 
PRO N   H    sing N N 275 
PRO CA  C    sing N N 276 
PRO CA  CB   sing N N 277 
PRO CA  HA   sing N N 278 
PRO C   O    doub N N 279 
PRO C   OXT  sing N N 280 
PRO CB  CG   sing N N 281 
PRO CB  HB2  sing N N 282 
PRO CB  HB3  sing N N 283 
PRO CG  CD   sing N N 284 
PRO CG  HG2  sing N N 285 
PRO CG  HG3  sing N N 286 
PRO CD  HD2  sing N N 287 
PRO CD  HD3  sing N N 288 
PRO OXT HXT  sing N N 289 
SER N   CA   sing N N 290 
SER N   H    sing N N 291 
SER N   H2   sing N N 292 
SER CA  C    sing N N 293 
SER CA  CB   sing N N 294 
SER CA  HA   sing N N 295 
SER C   O    doub N N 296 
SER C   OXT  sing N N 297 
SER CB  OG   sing N N 298 
SER CB  HB2  sing N N 299 
SER CB  HB3  sing N N 300 
SER OG  HG   sing N N 301 
SER OXT HXT  sing N N 302 
THR N   CA   sing N N 303 
THR N   H    sing N N 304 
THR N   H2   sing N N 305 
THR CA  C    sing N N 306 
THR CA  CB   sing N N 307 
THR CA  HA   sing N N 308 
THR C   O    doub N N 309 
THR C   OXT  sing N N 310 
THR CB  OG1  sing N N 311 
THR CB  CG2  sing N N 312 
THR CB  HB   sing N N 313 
THR OG1 HG1  sing N N 314 
THR CG2 HG21 sing N N 315 
THR CG2 HG22 sing N N 316 
THR CG2 HG23 sing N N 317 
THR OXT HXT  sing N N 318 
TRP N   CA   sing N N 319 
TRP N   H    sing N N 320 
TRP N   H2   sing N N 321 
TRP CA  C    sing N N 322 
TRP CA  CB   sing N N 323 
TRP CA  HA   sing N N 324 
TRP C   O    doub N N 325 
TRP C   OXT  sing N N 326 
TRP CB  CG   sing N N 327 
TRP CB  HB2  sing N N 328 
TRP CB  HB3  sing N N 329 
TRP CG  CD1  doub Y N 330 
TRP CG  CD2  sing Y N 331 
TRP CD1 NE1  sing Y N 332 
TRP CD1 HD1  sing N N 333 
TRP CD2 CE2  doub Y N 334 
TRP CD2 CE3  sing Y N 335 
TRP NE1 CE2  sing Y N 336 
TRP NE1 HE1  sing N N 337 
TRP CE2 CZ2  sing Y N 338 
TRP CE3 CZ3  doub Y N 339 
TRP CE3 HE3  sing N N 340 
TRP CZ2 CH2  doub Y N 341 
TRP CZ2 HZ2  sing N N 342 
TRP CZ3 CH2  sing Y N 343 
TRP CZ3 HZ3  sing N N 344 
TRP CH2 HH2  sing N N 345 
TRP OXT HXT  sing N N 346 
TYR N   CA   sing N N 347 
TYR N   H    sing N N 348 
TYR N   H2   sing N N 349 
TYR CA  C    sing N N 350 
TYR CA  CB   sing N N 351 
TYR CA  HA   sing N N 352 
TYR C   O    doub N N 353 
TYR C   OXT  sing N N 354 
TYR CB  CG   sing N N 355 
TYR CB  HB2  sing N N 356 
TYR CB  HB3  sing N N 357 
TYR CG  CD1  doub Y N 358 
TYR CG  CD2  sing Y N 359 
TYR CD1 CE1  sing Y N 360 
TYR CD1 HD1  sing N N 361 
TYR CD2 CE2  doub Y N 362 
TYR CD2 HD2  sing N N 363 
TYR CE1 CZ   doub Y N 364 
TYR CE1 HE1  sing N N 365 
TYR CE2 CZ   sing Y N 366 
TYR CE2 HE2  sing N N 367 
TYR CZ  OH   sing N N 368 
TYR OH  HH   sing N N 369 
TYR OXT HXT  sing N N 370 
VAL N   CA   sing N N 371 
VAL N   H    sing N N 372 
VAL N   H2   sing N N 373 
VAL CA  C    sing N N 374 
VAL CA  CB   sing N N 375 
VAL CA  HA   sing N N 376 
VAL C   O    doub N N 377 
VAL C   OXT  sing N N 378 
VAL CB  CG1  sing N N 379 
VAL CB  CG2  sing N N 380 
VAL CB  HB   sing N N 381 
VAL CG1 HG11 sing N N 382 
VAL CG1 HG12 sing N N 383 
VAL CG1 HG13 sing N N 384 
VAL CG2 HG21 sing N N 385 
VAL CG2 HG22 sing N N 386 
VAL CG2 HG23 sing N N 387 
VAL OXT HXT  sing N N 388 
# 
_atom_sites.entry_id                    2J8H 
_atom_sites.fract_transf_matrix[1][1]   -0.00102832 
_atom_sites.fract_transf_matrix[1][2]   -0.00900715 
_atom_sites.fract_transf_matrix[1][3]   -0.01115076 
_atom_sites.fract_transf_matrix[2][1]   0.00279439 
_atom_sites.fract_transf_matrix[2][2]   -0.00879364 
_atom_sites.fract_transf_matrix[2][3]   0.00684546 
_atom_sites.fract_transf_matrix[3][1]   -0.00923121 
_atom_sites.fract_transf_matrix[3][2]   -0.00139411 
_atom_sites.fract_transf_matrix[3][3]   0.00197741 
_atom_sites.fract_transf_vector[1]      0.160261 
_atom_sites.fract_transf_vector[2]      0.630757 
_atom_sites.fract_transf_vector[3]      -0.061170 
# 
loop_
_atom_type.symbol 
C 
N 
O 
S 
# 
loop_
_atom_site.group_PDB 
_atom_site.id 
_atom_site.type_symbol 
_atom_site.label_atom_id 
_atom_site.label_alt_id 
_atom_site.label_comp_id 
_atom_site.label_asym_id 
_atom_site.label_entity_id 
_atom_site.label_seq_id 
_atom_site.pdbx_PDB_ins_code 
_atom_site.Cartn_x 
_atom_site.Cartn_y 
_atom_site.Cartn_z 
_atom_site.occupancy 
_atom_site.B_iso_or_equiv 
_atom_site.pdbx_formal_charge 
_atom_site.auth_seq_id 
_atom_site.auth_comp_id 
_atom_site.auth_asym_id 
_atom_site.auth_atom_id 
_atom_site.pdbx_PDB_model_num 
ATOM   1    N N   . MET A 1 3   ? -37.939 -15.441 -6.629  1.00 51.02 ? 1    MET A N   1 
ATOM   2    C CA  . MET A 1 3   ? -38.132 -15.944 -5.249  1.00 50.85 ? 1    MET A CA  1 
ATOM   3    C C   . MET A 1 3   ? -36.758 -16.083 -4.586  1.00 50.15 ? 1    MET A C   1 
ATOM   4    O O   . MET A 1 3   ? -36.482 -15.310 -3.686  1.00 48.97 ? 1    MET A O   1 
ATOM   5    C CB  . MET A 1 3   ? -38.890 -17.248 -5.217  1.00 52.65 ? 1    MET A CB  1 
ATOM   6    C CG  . MET A 1 3   ? -40.370 -17.145 -5.659  1.00 54.86 ? 1    MET A CG  1 
ATOM   7    S SD  . MET A 1 3   ? -41.416 -16.647 -4.257  1.00 63.83 ? 1    MET A SD  1 
ATOM   8    C CE  . MET A 1 3   ? -42.642 -15.605 -5.061  1.00 57.68 ? 1    MET A CE  1 
ATOM   9    N N   . ALA A 1 4   ? -35.904 -17.021 -5.029  1.00 49.15 ? 2    ALA A N   1 
ATOM   10   C CA  . ALA A 1 4   ? -34.530 -17.155 -4.468  1.00 49.31 ? 2    ALA A CA  1 
ATOM   11   C C   . ALA A 1 4   ? -33.716 -15.893 -4.733  1.00 48.88 ? 2    ALA A C   1 
ATOM   12   O O   . ALA A 1 4   ? -33.971 -15.208 -5.717  1.00 49.08 ? 2    ALA A O   1 
ATOM   13   C CB  . ALA A 1 4   ? -33.817 -18.337 -5.058  1.00 49.18 ? 2    ALA A CB  1 
ATOM   14   N N   . PRO A 1 5   ? -32.708 -15.598 -3.884  1.00 48.98 ? 3    PRO A N   1 
ATOM   15   C CA  . PRO A 1 5   ? -31.946 -14.366 -4.074  1.00 48.84 ? 3    PRO A CA  1 
ATOM   16   C C   . PRO A 1 5   ? -31.151 -14.327 -5.373  1.00 48.94 ? 3    PRO A C   1 
ATOM   17   O O   . PRO A 1 5   ? -30.679 -15.362 -5.841  1.00 48.12 ? 3    PRO A O   1 
ATOM   18   C CB  . PRO A 1 5   ? -30.983 -14.363 -2.893  1.00 48.83 ? 3    PRO A CB  1 
ATOM   19   C CG  . PRO A 1 5   ? -31.552 -15.342 -1.904  1.00 48.92 ? 3    PRO A CG  1 
ATOM   20   C CD  . PRO A 1 5   ? -32.201 -16.369 -2.735  1.00 48.21 ? 3    PRO A CD  1 
ATOM   21   N N   . HIS A 1 6   ? -31.012 -13.131 -5.943  1.00 49.34 ? 4    HIS A N   1 
ATOM   22   C CA  . HIS A 1 6   ? -30.233 -12.917 -7.162  1.00 49.26 ? 4    HIS A CA  1 
ATOM   23   C C   . HIS A 1 6   ? -29.575 -11.549 -7.062  1.00 48.74 ? 4    HIS A C   1 
ATOM   24   O O   . HIS A 1 6   ? -30.119 -10.654 -6.443  1.00 48.38 ? 4    HIS A O   1 
ATOM   25   C CB  . HIS A 1 6   ? -31.154 -12.991 -8.367  1.00 50.07 ? 4    HIS A CB  1 
ATOM   26   C CG  . HIS A 1 6   ? -30.479 -12.809 -9.695  1.00 52.11 ? 4    HIS A CG  1 
ATOM   27   N ND1 . HIS A 1 6   ? -29.717 -13.793 -10.289 1.00 57.62 ? 4    HIS A ND1 1 
ATOM   28   C CD2 . HIS A 1 6   ? -30.546 -11.795 -10.595 1.00 55.84 ? 4    HIS A CD2 1 
ATOM   29   C CE1 . HIS A 1 6   ? -29.298 -13.374 -11.474 1.00 57.26 ? 4    HIS A CE1 1 
ATOM   30   N NE2 . HIS A 1 6   ? -29.795 -12.168 -11.688 1.00 56.64 ? 4    HIS A NE2 1 
ATOM   31   N N   . PHE A 1 7   ? -28.376 -11.425 -7.618  1.00 48.68 ? 5    PHE A N   1 
ATOM   32   C CA  . PHE A 1 7   ? -27.701 -10.128 -7.741  1.00 48.59 ? 5    PHE A CA  1 
ATOM   33   C C   . PHE A 1 7   ? -28.080 -9.535  -9.081  1.00 48.54 ? 5    PHE A C   1 
ATOM   34   O O   . PHE A 1 7   ? -27.584 -9.966  -10.116 1.00 48.99 ? 5    PHE A O   1 
ATOM   35   C CB  . PHE A 1 7   ? -26.189 -10.279 -7.578  1.00 48.96 ? 5    PHE A CB  1 
ATOM   36   C CG  . PHE A 1 7   ? -25.797 -10.606 -6.197  1.00 48.20 ? 5    PHE A CG  1 
ATOM   37   C CD1 . PHE A 1 7   ? -25.444 -11.887 -5.848  1.00 50.36 ? 5    PHE A CD1 1 
ATOM   38   C CD2 . PHE A 1 7   ? -25.882 -9.653  -5.211  1.00 49.83 ? 5    PHE A CD2 1 
ATOM   39   C CE1 . PHE A 1 7   ? -25.133 -12.210 -4.544  1.00 50.01 ? 5    PHE A CE1 1 
ATOM   40   C CE2 . PHE A 1 7   ? -25.562 -9.957  -3.919  1.00 51.91 ? 5    PHE A CE2 1 
ATOM   41   C CZ  . PHE A 1 7   ? -25.203 -11.270 -3.580  1.00 49.80 ? 5    PHE A CZ  1 
ATOM   42   N N   . LYS A 1 8   ? -29.041 -8.613  -9.054  1.00 48.49 ? 6    LYS A N   1 
ATOM   43   C CA  . LYS A 1 8   ? -29.468 -7.876  -10.246 1.00 48.65 ? 6    LYS A CA  1 
ATOM   44   C C   . LYS A 1 8   ? -28.325 -6.966  -10.688 1.00 48.59 ? 6    LYS A C   1 
ATOM   45   O O   . LYS A 1 8   ? -28.079 -6.772  -11.867 1.00 48.05 ? 6    LYS A O   1 
ATOM   46   C CB  . LYS A 1 8   ? -30.713 -7.048  -9.908  1.00 49.21 ? 6    LYS A CB  1 
ATOM   47   C CG  . LYS A 1 8   ? -31.334 -6.262  -11.043 1.00 49.53 ? 6    LYS A CG  1 
ATOM   48   C CD  . LYS A 1 8   ? -32.114 -7.156  -11.936 1.00 52.10 ? 6    LYS A CD  1 
ATOM   49   C CE  . LYS A 1 8   ? -32.749 -6.396  -13.079 1.00 51.99 ? 6    LYS A CE  1 
ATOM   50   N NZ  . LYS A 1 8   ? -33.207 -7.349  -14.135 1.00 53.74 ? 6    LYS A NZ  1 
ATOM   51   N N   . GLU A 1 9   ? -27.633 -6.390  -9.714  1.00 49.00 ? 7    GLU A N   1 
ATOM   52   C CA  . GLU A 1 9   ? -26.399 -5.655  -9.984  1.00 49.30 ? 7    GLU A CA  1 
ATOM   53   C C   . GLU A 1 9   ? -25.325 -6.255  -9.082  1.00 48.82 ? 7    GLU A C   1 
ATOM   54   O O   . GLU A 1 9   ? -25.431 -6.203  -7.874  1.00 47.82 ? 7    GLU A O   1 
ATOM   55   C CB  . GLU A 1 9   ? -26.611 -4.167  -9.745  1.00 49.01 ? 7    GLU A CB  1 
ATOM   56   C CG  . GLU A 1 9   ? -27.773 -3.625  -10.583 1.00 49.68 ? 7    GLU A CG  1 
ATOM   57   C CD  . GLU A 1 9   ? -27.969 -2.131  -10.437 1.00 50.15 ? 7    GLU A CD  1 
ATOM   58   O OE1 . GLU A 1 9   ? -27.286 -1.539  -9.586  1.00 51.65 ? 7    GLU A OE1 1 
ATOM   59   O OE2 . GLU A 1 9   ? -28.800 -1.546  -11.167 1.00 52.02 ? 7    GLU A OE2 1 
ATOM   60   N N   . GLU A 1 10  ? -24.340 -6.894  -9.697  1.00 49.22 ? 8    GLU A N   1 
ATOM   61   C CA  . GLU A 1 10  ? -23.282 -7.610  -8.980  1.00 51.05 ? 8    GLU A CA  1 
ATOM   62   C C   . GLU A 1 10  ? -22.241 -6.628  -8.466  1.00 50.94 ? 8    GLU A C   1 
ATOM   63   O O   . GLU A 1 10  ? -22.127 -5.514  -8.978  1.00 49.92 ? 8    GLU A O   1 
ATOM   64   C CB  . GLU A 1 10  ? -22.578 -8.603  -9.922  1.00 51.01 ? 8    GLU A CB  1 
ATOM   65   C CG  . GLU A 1 10  ? -23.468 -9.689  -10.511 1.00 52.54 ? 8    GLU A CG  1 
ATOM   66   C CD  . GLU A 1 10  ? -22.755 -10.490 -11.598 1.00 54.72 ? 8    GLU A CD  1 
ATOM   67   O OE1 . GLU A 1 10  ? -21.501 -10.569 -11.589 1.00 60.98 ? 8    GLU A OE1 1 
ATOM   68   O OE2 . GLU A 1 10  ? -23.449 -11.016 -12.505 1.00 61.46 ? 8    GLU A OE2 1 
ATOM   69   N N   . LEU A 1 11  ? -21.486 -7.046  -7.449  1.00 52.05 ? 9    LEU A N   1 
ATOM   70   C CA  . LEU A 1 11  ? -20.368 -6.262  -6.930  1.00 52.84 ? 9    LEU A CA  1 
ATOM   71   C C   . LEU A 1 11  ? -19.332 -6.000  -8.001  1.00 53.36 ? 9    LEU A C   1 
ATOM   72   O O   . LEU A 1 11  ? -19.050 -6.863  -8.821  1.00 53.96 ? 9    LEU A O   1 
ATOM   73   C CB  . LEU A 1 11  ? -19.651 -7.007  -5.801  1.00 53.41 ? 9    LEU A CB  1 
ATOM   74   C CG  . LEU A 1 11  ? -20.151 -7.006  -4.377  1.00 54.54 ? 9    LEU A CG  1 
ATOM   75   C CD1 . LEU A 1 11  ? -19.006 -7.544  -3.454  1.00 54.38 ? 9    LEU A CD1 1 
ATOM   76   C CD2 . LEU A 1 11  ? -20.631 -5.617  -3.921  1.00 53.40 ? 9    LEU A CD2 1 
ATOM   77   N N   . ARG A 1 12  ? -18.765 -4.799  -7.992  1.00 54.27 ? 10   ARG A N   1 
ATOM   78   C CA  . ARG A 1 12  ? -17.715 -4.436  -8.948  1.00 54.86 ? 10   ARG A CA  1 
ATOM   79   C C   . ARG A 1 12  ? -16.351 -4.480  -8.276  1.00 53.61 ? 10   ARG A C   1 
ATOM   80   O O   . ARG A 1 12  ? -16.221 -4.016  -7.159  1.00 53.21 ? 10   ARG A O   1 
ATOM   81   C CB  . ARG A 1 12  ? -17.944 -3.006  -9.458  1.00 55.36 ? 10   ARG A CB  1 
ATOM   82   C CG  . ARG A 1 12  ? -18.965 -2.901  -10.561 1.00 58.25 ? 10   ARG A CG  1 
ATOM   83   C CD  . ARG A 1 12  ? -19.042 -1.478  -11.142 1.00 59.98 ? 10   ARG A CD  1 
ATOM   84   N NE  . ARG A 1 12  ? -20.431 -1.159  -11.504 1.00 64.42 ? 10   ARG A NE  1 
ATOM   85   C CZ  . ARG A 1 12  ? -20.968 -1.273  -12.718 1.00 65.29 ? 10   ARG A CZ  1 
ATOM   86   N NH1 . ARG A 1 12  ? -20.241 -1.672  -13.764 1.00 66.00 ? 10   ARG A NH1 1 
ATOM   87   N NH2 . ARG A 1 12  ? -22.257 -0.967  -12.884 1.00 65.45 ? 10   ARG A NH2 1 
ATOM   88   N N   . ASN A 1 13  ? -15.343 -5.006  -8.971  1.00 53.14 ? 11   ASN A N   1 
ATOM   89   C CA  . ASN A 1 13  ? -13.954 -4.840  -8.551  1.00 52.78 ? 11   ASN A CA  1 
ATOM   90   C C   . ASN A 1 13  ? -13.644 -3.349  -8.455  1.00 52.45 ? 11   ASN A C   1 
ATOM   91   O O   . ASN A 1 13  ? -14.082 -2.555  -9.312  1.00 53.29 ? 11   ASN A O   1 
ATOM   92   C CB  . ASN A 1 13  ? -12.993 -5.501  -9.545  1.00 52.80 ? 11   ASN A CB  1 
ATOM   93   C CG  . ASN A 1 13  ? -12.981 -7.016  -9.451  1.00 52.97 ? 11   ASN A CG  1 
ATOM   94   O OD1 . ASN A 1 13  ? -13.489 -7.605  -8.490  1.00 52.62 ? 11   ASN A OD1 1 
ATOM   95   N ND2 . ASN A 1 13  ? -12.364 -7.656  -10.439 1.00 51.80 ? 11   ASN A ND2 1 
ATOM   96   N N   . LEU A 1 14  ? -12.892 -2.963  -7.429  1.00 51.61 ? 12   LEU A N   1 
ATOM   97   C CA  . LEU A 1 14  ? -12.602 -1.551  -7.146  1.00 51.35 ? 12   LEU A CA  1 
ATOM   98   C C   . LEU A 1 14  ? -11.105 -1.309  -7.106  1.00 50.41 ? 12   LEU A C   1 
ATOM   99   O O   . LEU A 1 14  ? -10.358 -2.164  -6.645  1.00 50.01 ? 12   LEU A O   1 
ATOM   100  C CB  . LEU A 1 14  ? -13.116 -1.143  -5.764  1.00 51.63 ? 12   LEU A CB  1 
ATOM   101  C CG  . LEU A 1 14  ? -14.600 -1.129  -5.397  1.00 54.35 ? 12   LEU A CG  1 
ATOM   102  C CD1 . LEU A 1 14  ? -14.737 -0.731  -3.926  1.00 55.57 ? 12   LEU A CD1 1 
ATOM   103  C CD2 . LEU A 1 14  ? -15.344 -0.153  -6.318  1.00 57.07 ? 12   LEU A CD2 1 
ATOM   104  N N   . ASN A 1 15  ? -10.703 -0.121  -7.554  1.00 49.76 ? 13   ASN A N   1 
ATOM   105  C CA  . ASN A 1 15  ? -9.369  0.425   -7.368  1.00 49.45 ? 13   ASN A CA  1 
ATOM   106  C C   . ASN A 1 15  ? -9.527  1.797   -6.731  1.00 48.79 ? 13   ASN A C   1 
ATOM   107  O O   . ASN A 1 15  ? -10.024 2.727   -7.356  1.00 48.60 ? 13   ASN A O   1 
ATOM   108  C CB  . ASN A 1 15  ? -8.656  0.575   -8.702  1.00 49.48 ? 13   ASN A CB  1 
ATOM   109  C CG  . ASN A 1 15  ? -8.160  -0.742  -9.241  1.00 51.33 ? 13   ASN A CG  1 
ATOM   110  O OD1 . ASN A 1 15  ? -8.943  -1.586  -9.640  1.00 55.91 ? 13   ASN A OD1 1 
ATOM   111  N ND2 . ASN A 1 15  ? -6.851  -0.922  -9.257  1.00 55.07 ? 13   ASN A ND2 1 
ATOM   112  N N   . VAL A 1 16  ? -9.090  1.923   -5.492  1.00 47.74 ? 14   VAL A N   1 
ATOM   113  C CA  . VAL A 1 16  ? -9.347  3.113   -4.701  1.00 47.74 ? 14   VAL A CA  1 
ATOM   114  C C   . VAL A 1 16  ? -8.027  3.671   -4.216  1.00 47.35 ? 14   VAL A C   1 
ATOM   115  O O   . VAL A 1 16  ? -7.111  2.930   -3.873  1.00 46.17 ? 14   VAL A O   1 
ATOM   116  C CB  . VAL A 1 16  ? -10.271 2.770   -3.505  1.00 47.33 ? 14   VAL A CB  1 
ATOM   117  C CG1 . VAL A 1 16  ? -10.505 3.978   -2.593  1.00 47.37 ? 14   VAL A CG1 1 
ATOM   118  C CG2 . VAL A 1 16  ? -11.578 2.259   -4.030  1.00 48.16 ? 14   VAL A CG2 1 
ATOM   119  N N   . ARG A 1 17  ? -7.919  4.990   -4.225  1.00 47.70 ? 15   ARG A N   1 
ATOM   120  C CA  . ARG A 1 17  ? -6.725  5.637   -3.735  1.00 48.20 ? 15   ARG A CA  1 
ATOM   121  C C   . ARG A 1 17  ? -6.635  5.453   -2.227  1.00 48.22 ? 15   ARG A C   1 
ATOM   122  O O   . ARG A 1 17  ? -7.630  5.511   -1.530  1.00 48.40 ? 15   ARG A O   1 
ATOM   123  C CB  . ARG A 1 17  ? -6.719  7.125   -4.111  1.00 47.58 ? 15   ARG A CB  1 
ATOM   124  C CG  . ARG A 1 17  ? -5.477  7.868   -3.701  1.00 48.38 ? 15   ARG A CG  1 
ATOM   125  C CD  . ARG A 1 17  ? -4.249  7.442   -4.484  1.00 49.44 ? 15   ARG A CD  1 
ATOM   126  N NE  . ARG A 1 17  ? -4.454  7.415   -5.939  1.00 48.82 ? 15   ARG A NE  1 
ATOM   127  C CZ  . ARG A 1 17  ? -4.340  8.457   -6.760  1.00 50.10 ? 15   ARG A CZ  1 
ATOM   128  N NH1 . ARG A 1 17  ? -4.008  9.673   -6.311  1.00 48.15 ? 15   ARG A NH1 1 
ATOM   129  N NH2 . ARG A 1 17  ? -4.549  8.275   -8.063  1.00 51.07 ? 15   ARG A NH2 1 
ATOM   130  N N   . TYR A 1 18  ? -5.428  5.182   -1.755  1.00 49.14 ? 16   TYR A N   1 
ATOM   131  C CA  . TYR A 1 18  ? -5.088  5.153   -0.336  1.00 49.69 ? 16   TYR A CA  1 
ATOM   132  C C   . TYR A 1 18  ? -5.755  6.306   0.437   1.00 49.82 ? 16   TYR A C   1 
ATOM   133  O O   . TYR A 1 18  ? -5.762  7.438   -0.035  1.00 48.85 ? 16   TYR A O   1 
ATOM   134  C CB  . TYR A 1 18  ? -3.566  5.259   -0.262  1.00 51.04 ? 16   TYR A CB  1 
ATOM   135  C CG  . TYR A 1 18  ? -2.946  5.407   1.089   1.00 50.55 ? 16   TYR A CG  1 
ATOM   136  C CD1 . TYR A 1 18  ? -2.970  4.362   2.002   1.00 52.84 ? 16   TYR A CD1 1 
ATOM   137  C CD2 . TYR A 1 18  ? -2.280  6.572   1.431   1.00 52.56 ? 16   TYR A CD2 1 
ATOM   138  C CE1 . TYR A 1 18  ? -2.379  4.483   3.248   1.00 52.36 ? 16   TYR A CE1 1 
ATOM   139  C CE2 . TYR A 1 18  ? -1.677  6.709   2.670   1.00 53.83 ? 16   TYR A CE2 1 
ATOM   140  C CZ  . TYR A 1 18  ? -1.738  5.649   3.581   1.00 54.20 ? 16   TYR A CZ  1 
ATOM   141  O OH  . TYR A 1 18  ? -1.127  5.779   4.816   1.00 54.78 ? 16   TYR A OH  1 
ATOM   142  N N   . GLN A 1 19  ? -6.321  5.987   1.603   1.00 50.36 ? 17   GLN A N   1 
ATOM   143  C CA  . GLN A 1 19  ? -7.007  6.938   2.509   1.00 51.01 ? 17   GLN A CA  1 
ATOM   144  C C   . GLN A 1 19  ? -8.394  7.437   2.048   1.00 50.94 ? 17   GLN A C   1 
ATOM   145  O O   . GLN A 1 19  ? -9.046  8.183   2.771   1.00 52.16 ? 17   GLN A O   1 
ATOM   146  C CB  . GLN A 1 19  ? -6.085  8.105   2.913   1.00 51.58 ? 17   GLN A CB  1 
ATOM   147  C CG  . GLN A 1 19  ? -4.906  7.639   3.810   1.00 52.42 ? 17   GLN A CG  1 
ATOM   148  C CD  . GLN A 1 19  ? -3.897  8.730   4.159   1.00 53.40 ? 17   GLN A CD  1 
ATOM   149  O OE1 . GLN A 1 19  ? -3.981  9.876   3.687   1.00 57.84 ? 17   GLN A OE1 1 
ATOM   150  N NE2 . GLN A 1 19  ? -2.907  8.366   4.972   1.00 54.66 ? 17   GLN A NE2 1 
ATOM   151  N N   . SER A 1 20  ? -8.850  7.032   0.867   1.00 50.30 ? 18   SER A N   1 
ATOM   152  C CA  . SER A 1 20  ? -10.228 7.265   0.452   1.00 49.76 ? 18   SER A CA  1 
ATOM   153  C C   . SER A 1 20  ? -11.118 6.166   1.007   1.00 49.69 ? 18   SER A C   1 
ATOM   154  O O   . SER A 1 20  ? -10.631 5.181   1.557   1.00 49.62 ? 18   SER A O   1 
ATOM   155  C CB  . SER A 1 20  ? -10.345 7.302   -1.068  1.00 49.43 ? 18   SER A CB  1 
ATOM   156  O OG  . SER A 1 20  ? -9.741  8.478   -1.583  1.00 49.80 ? 18   SER A OG  1 
ATOM   157  N N   . ASN A 1 21  ? -12.427 6.359   0.879   1.00 49.28 ? 19   ASN A N   1 
ATOM   158  C CA  . ASN A 1 21  ? -13.386 5.379   1.293   1.00 49.14 ? 19   ASN A CA  1 
ATOM   159  C C   . ASN A 1 21  ? -13.671 4.524   0.075   1.00 48.76 ? 19   ASN A C   1 
ATOM   160  O O   . ASN A 1 21  ? -13.766 5.037   -1.035  1.00 49.60 ? 19   ASN A O   1 
ATOM   161  C CB  . ASN A 1 21  ? -14.669 6.041   1.805   1.00 49.33 ? 19   ASN A CB  1 
ATOM   162  C CG  . ASN A 1 21  ? -14.456 6.814   3.099   1.00 51.84 ? 19   ASN A CG  1 
ATOM   163  O OD1 . ASN A 1 21  ? -13.341 6.898   3.625   1.00 53.92 ? 19   ASN A OD1 1 
ATOM   164  N ND2 . ASN A 1 21  ? -15.531 7.405   3.607   1.00 55.35 ? 19   ASN A ND2 1 
ATOM   165  N N   . ALA A 1 22  ? -13.754 3.218   0.271   1.00 47.54 ? 20   ALA A N   1 
ATOM   166  C CA  . ALA A 1 22  ? -14.149 2.320   -0.781  1.00 47.25 ? 20   ALA A CA  1 
ATOM   167  C C   . ALA A 1 22  ? -15.597 1.948   -0.484  1.00 47.52 ? 20   ALA A C   1 
ATOM   168  O O   . ALA A 1 22  ? -15.932 1.629   0.657   1.00 46.92 ? 20   ALA A O   1 
ATOM   169  C CB  . ALA A 1 22  ? -13.265 1.092   -0.784  1.00 46.69 ? 20   ALA A CB  1 
ATOM   170  N N   . THR A 1 23  ? -16.453 2.017   -1.505  1.00 47.25 ? 21   THR A N   1 
ATOM   171  C CA  . THR A 1 23  ? -17.858 1.653   -1.365  1.00 46.94 ? 21   THR A CA  1 
ATOM   172  C C   . THR A 1 23  ? -18.165 0.566   -2.346  1.00 47.05 ? 21   THR A C   1 
ATOM   173  O O   . THR A 1 23  ? -17.999 0.741   -3.544  1.00 46.36 ? 21   THR A O   1 
ATOM   174  C CB  . THR A 1 23  ? -18.765 2.851   -1.631  1.00 47.05 ? 21   THR A CB  1 
ATOM   175  O OG1 . THR A 1 23  ? -18.389 3.899   -0.736  1.00 45.03 ? 21   THR A OG1 1 
ATOM   176  C CG2 . THR A 1 23  ? -20.242 2.475   -1.412  1.00 46.18 ? 21   THR A CG2 1 
ATOM   177  N N   . LEU A 1 24  ? -18.618 -0.559  -1.820  1.00 47.28 ? 22   LEU A N   1 
ATOM   178  C CA  . LEU A 1 24  ? -18.985 -1.708  -2.619  1.00 48.16 ? 22   LEU A CA  1 
ATOM   179  C C   . LEU A 1 24  ? -20.497 -1.720  -2.609  1.00 48.05 ? 22   LEU A C   1 
ATOM   180  O O   . LEU A 1 24  ? -21.094 -1.636  -1.533  1.00 48.21 ? 22   LEU A O   1 
ATOM   181  C CB  . LEU A 1 24  ? -18.473 -2.972  -1.957  1.00 48.20 ? 22   LEU A CB  1 
ATOM   182  C CG  . LEU A 1 24  ? -16.969 -3.240  -1.975  1.00 50.47 ? 22   LEU A CG  1 
ATOM   183  C CD1 . LEU A 1 24  ? -16.145 -2.253  -1.210  1.00 53.44 ? 22   LEU A CD1 1 
ATOM   184  C CD2 . LEU A 1 24  ? -16.758 -4.563  -1.347  1.00 50.88 ? 22   LEU A CD2 1 
ATOM   185  N N   . VAL A 1 25  ? -21.108 -1.800  -3.786  1.00 47.60 ? 23   VAL A N   1 
ATOM   186  C CA  . VAL A 1 25  ? -22.537 -1.623  -3.934  1.00 48.23 ? 23   VAL A CA  1 
ATOM   187  C C   . VAL A 1 25  ? -23.050 -2.780  -4.756  1.00 48.12 ? 23   VAL A C   1 
ATOM   188  O O   . VAL A 1 25  ? -22.382 -3.220  -5.704  1.00 48.73 ? 23   VAL A O   1 
ATOM   189  C CB  . VAL A 1 25  ? -22.905 -0.327  -4.723  1.00 49.11 ? 23   VAL A CB  1 
ATOM   190  C CG1 . VAL A 1 25  ? -24.409 -0.042  -4.568  1.00 50.18 ? 23   VAL A CG1 1 
ATOM   191  C CG2 . VAL A 1 25  ? -22.077 0.884   -4.283  1.00 51.12 ? 23   VAL A CG2 1 
ATOM   192  N N   . CYS A 1 26  ? -24.248 -3.253  -4.441  1.00 48.04 ? 24   CYS A N   1 
ATOM   193  C CA  . CYS A 1 26  ? -24.891 -4.270  -5.270  1.00 47.92 ? 24   CYS A CA  1 
ATOM   194  C C   . CYS A 1 26  ? -26.390 -4.089  -5.131  1.00 47.95 ? 24   CYS A C   1 
ATOM   195  O O   . CYS A 1 26  ? -26.836 -3.312  -4.269  1.00 47.54 ? 24   CYS A O   1 
ATOM   196  C CB  . CYS A 1 26  ? -24.436 -5.664  -4.857  1.00 48.12 ? 24   CYS A CB  1 
ATOM   197  S SG  . CYS A 1 26  ? -24.890 -6.151  -3.227  1.00 50.46 ? 24   CYS A SG  1 
ATOM   198  N N   . LYS A 1 27  ? -27.152 -4.761  -6.000  1.00 47.10 ? 25   LYS A N   1 
ATOM   199  C CA  . LYS A 1 27  ? -28.597 -4.735  -5.947  1.00 47.03 ? 25   LYS A CA  1 
ATOM   200  C C   . LYS A 1 27  ? -29.102 -6.179  -5.960  1.00 47.32 ? 25   LYS A C   1 
ATOM   201  O O   . LYS A 1 27  ? -28.784 -6.957  -6.859  1.00 46.95 ? 25   LYS A O   1 
ATOM   202  C CB  . LYS A 1 27  ? -29.200 -3.943  -7.102  1.00 46.64 ? 25   LYS A CB  1 
ATOM   203  C CG  . LYS A 1 27  ? -30.698 -3.755  -7.022  1.00 46.85 ? 25   LYS A CG  1 
ATOM   204  C CD  . LYS A 1 27  ? -31.170 -3.040  -8.260  1.00 46.99 ? 25   LYS A CD  1 
ATOM   205  C CE  . LYS A 1 27  ? -32.631 -2.719  -8.225  1.00 47.86 ? 25   LYS A CE  1 
ATOM   206  N NZ  . LYS A 1 27  ? -32.928 -1.819  -9.358  1.00 49.56 ? 25   LYS A NZ  1 
ATOM   207  N N   . VAL A 1 28  ? -29.910 -6.494  -4.960  1.00 47.21 ? 26   VAL A N   1 
ATOM   208  C CA  . VAL A 1 28  ? -30.383 -7.836  -4.711  1.00 48.01 ? 26   VAL A CA  1 
ATOM   209  C C   . VAL A 1 28  ? -31.879 -7.911  -4.982  1.00 48.16 ? 26   VAL A C   1 
ATOM   210  O O   . VAL A 1 28  ? -32.635 -7.010  -4.626  1.00 47.57 ? 26   VAL A O   1 
ATOM   211  C CB  . VAL A 1 28  ? -30.070 -8.207  -3.250  1.00 48.76 ? 26   VAL A CB  1 
ATOM   212  C CG1 . VAL A 1 28  ? -30.716 -9.541  -2.818  1.00 48.81 ? 26   VAL A CG1 1 
ATOM   213  C CG2 . VAL A 1 28  ? -28.544 -8.224  -3.037  1.00 49.33 ? 26   VAL A CG2 1 
ATOM   214  N N   . THR A 1 29  ? -32.303 -8.993  -5.621  1.00 48.27 ? 27   THR A N   1 
ATOM   215  C CA  . THR A 1 29  ? -33.721 -9.307  -5.733  1.00 48.42 ? 27   THR A CA  1 
ATOM   216  C C   . THR A 1 29  ? -34.015 -10.626 -5.030  1.00 48.05 ? 27   THR A C   1 
ATOM   217  O O   . THR A 1 29  ? -33.116 -11.401 -4.729  1.00 47.24 ? 27   THR A O   1 
ATOM   218  C CB  . THR A 1 29  ? -34.173 -9.383  -7.184  1.00 48.87 ? 27   THR A CB  1 
ATOM   219  O OG1 . THR A 1 29  ? -33.408 -10.375 -7.870  1.00 50.35 ? 27   THR A OG1 1 
ATOM   220  C CG2 . THR A 1 29  ? -33.999 -8.013  -7.883  1.00 49.40 ? 27   THR A CG2 1 
ATOM   221  N N   . GLY A 1 30  ? -35.286 -10.859 -4.763  1.00 48.55 ? 28   GLY A N   1 
ATOM   222  C CA  . GLY A 1 30  ? -35.739 -12.114 -4.173  1.00 49.01 ? 28   GLY A CA  1 
ATOM   223  C C   . GLY A 1 30  ? -36.923 -11.840 -3.284  1.00 49.21 ? 28   GLY A C   1 
ATOM   224  O O   . GLY A 1 30  ? -37.106 -10.719 -2.816  1.00 48.90 ? 28   GLY A O   1 
ATOM   225  N N   . HIS A 1 31  ? -37.730 -12.876 -3.085  1.00 49.68 ? 29   HIS A N   1 
ATOM   226  C CA  . HIS A 1 31  ? -38.868 -12.849 -2.196  1.00 50.09 ? 29   HIS A CA  1 
ATOM   227  C C   . HIS A 1 31  ? -38.892 -14.150 -1.405  1.00 49.93 ? 29   HIS A C   1 
ATOM   228  O O   . HIS A 1 31  ? -38.922 -15.241 -2.000  1.00 48.40 ? 29   HIS A O   1 
ATOM   229  C CB  . HIS A 1 31  ? -40.183 -12.732 -2.977  1.00 50.93 ? 29   HIS A CB  1 
ATOM   230  C CG  . HIS A 1 31  ? -40.292 -11.485 -3.796  1.00 53.36 ? 29   HIS A CG  1 
ATOM   231  N ND1 . HIS A 1 31  ? -40.270 -10.225 -3.239  1.00 56.60 ? 29   HIS A ND1 1 
ATOM   232  C CD2 . HIS A 1 31  ? -40.416 -11.305 -5.133  1.00 56.46 ? 29   HIS A CD2 1 
ATOM   233  C CE1 . HIS A 1 31  ? -40.370 -9.322  -4.198  1.00 57.85 ? 29   HIS A CE1 1 
ATOM   234  N NE2 . HIS A 1 31  ? -40.478 -9.951  -5.356  1.00 57.40 ? 29   HIS A NE2 1 
ATOM   235  N N   . PRO A 1 32  ? -38.935 -14.050 -0.069  1.00 50.16 ? 30   PRO A N   1 
ATOM   236  C CA  . PRO A 1 32  ? -38.886 -12.828 0.719   1.00 50.86 ? 30   PRO A CA  1 
ATOM   237  C C   . PRO A 1 32  ? -37.595 -12.034 0.521   1.00 50.92 ? 30   PRO A C   1 
ATOM   238  O O   . PRO A 1 32  ? -36.617 -12.571 -0.011  1.00 50.80 ? 30   PRO A O   1 
ATOM   239  C CB  . PRO A 1 32  ? -38.999 -13.340 2.162   1.00 50.77 ? 30   PRO A CB  1 
ATOM   240  C CG  . PRO A 1 32  ? -39.664 -14.642 2.050   1.00 50.81 ? 30   PRO A CG  1 
ATOM   241  C CD  . PRO A 1 32  ? -39.152 -15.232 0.782   1.00 50.68 ? 30   PRO A CD  1 
ATOM   242  N N   . LYS A 1 33  ? -37.612 -10.768 0.934   1.00 51.43 ? 31   LYS A N   1 
ATOM   243  C CA  . LYS A 1 33  ? -36.453 -9.897  0.803   1.00 51.42 ? 31   LYS A CA  1 
ATOM   244  C C   . LYS A 1 33  ? -35.206 -10.572 1.388   1.00 51.25 ? 31   LYS A C   1 
ATOM   245  O O   . LYS A 1 33  ? -35.188 -10.914 2.573   1.00 50.93 ? 31   LYS A O   1 
ATOM   246  C CB  . LYS A 1 33  ? -36.674 -8.561  1.510   1.00 51.91 ? 31   LYS A CB  1 
ATOM   247  C CG  . LYS A 1 33  ? -35.654 -7.510  1.125   1.00 52.52 ? 31   LYS A CG  1 
ATOM   248  C CD  . LYS A 1 33  ? -35.948 -6.140  1.716   1.00 53.89 ? 31   LYS A CD  1 
ATOM   249  C CE  . LYS A 1 33  ? -35.251 -5.935  3.075   1.00 58.09 ? 31   LYS A CE  1 
ATOM   250  N NZ  . LYS A 1 33  ? -35.444 -4.545  3.709   1.00 59.07 ? 31   LYS A NZ  1 
ATOM   251  N N   . PRO A 1 34  ? -34.165 -10.791 0.561   1.00 50.63 ? 32   PRO A N   1 
ATOM   252  C CA  . PRO A 1 34  ? -32.974 -11.422 1.119   1.00 50.11 ? 32   PRO A CA  1 
ATOM   253  C C   . PRO A 1 34  ? -32.236 -10.611 2.155   1.00 50.42 ? 32   PRO A C   1 
ATOM   254  O O   . PRO A 1 34  ? -32.182 -9.373  2.072   1.00 50.63 ? 32   PRO A O   1 
ATOM   255  C CB  . PRO A 1 34  ? -32.094 -11.659 -0.109  1.00 49.90 ? 32   PRO A CB  1 
ATOM   256  C CG  . PRO A 1 34  ? -33.073 -11.733 -1.262  1.00 50.38 ? 32   PRO A CG  1 
ATOM   257  C CD  . PRO A 1 34  ? -34.047 -10.629 -0.894  1.00 50.82 ? 32   PRO A CD  1 
ATOM   258  N N   . ILE A 1 35  ? -31.633 -11.329 3.091   1.00 49.80 ? 33   ILE A N   1 
ATOM   259  C CA  . ILE A 1 35  ? -30.810 -10.755 4.124   1.00 49.63 ? 33   ILE A CA  1 
ATOM   260  C C   . ILE A 1 35  ? -29.370 -10.868 3.651   1.00 48.96 ? 33   ILE A C   1 
ATOM   261  O O   . ILE A 1 35  ? -28.952 -11.902 3.114   1.00 48.42 ? 33   ILE A O   1 
ATOM   262  C CB  . ILE A 1 35  ? -31.011 -11.510 5.439   1.00 50.31 ? 33   ILE A CB  1 
ATOM   263  C CG1 . ILE A 1 35  ? -32.467 -11.350 5.889   1.00 50.46 ? 33   ILE A CG1 1 
ATOM   264  C CG2 . ILE A 1 35  ? -30.011 -11.043 6.488   1.00 49.79 ? 33   ILE A CG2 1 
ATOM   265  C CD1 . ILE A 1 35  ? -32.757 -12.069 7.161   1.00 52.43 ? 33   ILE A CD1 1 
ATOM   266  N N   . VAL A 1 36  ? -28.614 -9.789  3.826   1.00 48.33 ? 34   VAL A N   1 
ATOM   267  C CA  . VAL A 1 36  ? -27.306 -9.688  3.248   1.00 47.62 ? 34   VAL A CA  1 
ATOM   268  C C   . VAL A 1 36  ? -26.260 -9.629  4.332   1.00 48.10 ? 34   VAL A C   1 
ATOM   269  O O   . VAL A 1 36  ? -26.454 -8.989  5.357   1.00 47.51 ? 34   VAL A O   1 
ATOM   270  C CB  . VAL A 1 36  ? -27.226 -8.471  2.354   1.00 47.41 ? 34   VAL A CB  1 
ATOM   271  C CG1 . VAL A 1 36  ? -25.767 -8.145  1.994   1.00 46.23 ? 34   VAL A CG1 1 
ATOM   272  C CG2 . VAL A 1 36  ? -28.101 -8.718  1.104   1.00 47.91 ? 34   VAL A CG2 1 
ATOM   273  N N   . LYS A 1 37  ? -25.164 -10.347 4.112   1.00 48.26 ? 35   LYS A N   1 
ATOM   274  C CA  . LYS A 1 37  ? -24.015 -10.303 4.983   1.00 47.63 ? 35   LYS A CA  1 
ATOM   275  C C   . LYS A 1 37  ? -22.814 -10.015 4.094   1.00 47.24 ? 35   LYS A C   1 
ATOM   276  O O   . LYS A 1 37  ? -22.812 -10.342 2.902   1.00 46.65 ? 35   LYS A O   1 
ATOM   277  C CB  . LYS A 1 37  ? -23.840 -11.636 5.717   1.00 48.02 ? 35   LYS A CB  1 
ATOM   278  C CG  . LYS A 1 37  ? -24.886 -11.960 6.767   1.00 48.80 ? 35   LYS A CG  1 
ATOM   279  C CD  . LYS A 1 37  ? -24.608 -13.304 7.519   1.00 48.83 ? 35   LYS A CD  1 
ATOM   280  C CE  . LYS A 1 37  ? -24.995 -14.580 6.735   1.00 52.24 ? 35   LYS A CE  1 
ATOM   281  N NZ  . LYS A 1 37  ? -24.839 -15.938 7.505   1.00 50.75 ? 35   LYS A NZ  1 
ATOM   282  N N   . TRP A 1 38  ? -21.807 -9.393  4.687   1.00 46.87 ? 36   TRP A N   1 
ATOM   283  C CA  . TRP A 1 38  ? -20.604 -8.985  3.995   1.00 47.19 ? 36   TRP A CA  1 
ATOM   284  C C   . TRP A 1 38  ? -19.404 -9.635  4.634   1.00 47.05 ? 36   TRP A C   1 
ATOM   285  O O   . TRP A 1 38  ? -19.375 -9.816  5.866   1.00 46.78 ? 36   TRP A O   1 
ATOM   286  C CB  . TRP A 1 38  ? -20.446 -7.482  4.148   1.00 47.43 ? 36   TRP A CB  1 
ATOM   287  C CG  . TRP A 1 38  ? -21.453 -6.667  3.409   1.00 46.77 ? 36   TRP A CG  1 
ATOM   288  C CD1 . TRP A 1 38  ? -22.652 -6.220  3.875   1.00 46.59 ? 36   TRP A CD1 1 
ATOM   289  C CD2 . TRP A 1 38  ? -21.341 -6.194  2.074   1.00 46.29 ? 36   TRP A CD2 1 
ATOM   290  N NE1 . TRP A 1 38  ? -23.285 -5.485  2.915   1.00 45.56 ? 36   TRP A NE1 1 
ATOM   291  C CE2 . TRP A 1 38  ? -22.504 -5.457  1.793   1.00 47.13 ? 36   TRP A CE2 1 
ATOM   292  C CE3 . TRP A 1 38  ? -20.368 -6.323  1.076   1.00 47.24 ? 36   TRP A CE3 1 
ATOM   293  C CZ2 . TRP A 1 38  ? -22.711 -4.832  0.570   1.00 47.22 ? 36   TRP A CZ2 1 
ATOM   294  C CZ3 . TRP A 1 38  ? -20.582 -5.703  -0.136  1.00 46.88 ? 36   TRP A CZ3 1 
ATOM   295  C CH2 . TRP A 1 38  ? -21.751 -4.966  -0.375  1.00 46.72 ? 36   TRP A CH2 1 
ATOM   296  N N   . TYR A 1 39  ? -18.396 -9.952  3.825   1.00 47.06 ? 37   TYR A N   1 
ATOM   297  C CA  . TYR A 1 39  ? -17.233 -10.686 4.308   1.00 47.11 ? 37   TYR A CA  1 
ATOM   298  C C   . TYR A 1 39  ? -15.968 -10.103 3.720   1.00 47.91 ? 37   TYR A C   1 
ATOM   299  O O   . TYR A 1 39  ? -15.961 -9.667  2.559   1.00 46.88 ? 37   TYR A O   1 
ATOM   300  C CB  . TYR A 1 39  ? -17.296 -12.149 3.867   1.00 46.23 ? 37   TYR A CB  1 
ATOM   301  C CG  . TYR A 1 39  ? -18.558 -12.842 4.295   1.00 46.70 ? 37   TYR A CG  1 
ATOM   302  C CD1 . TYR A 1 39  ? -19.737 -12.640 3.592   1.00 48.45 ? 37   TYR A CD1 1 
ATOM   303  C CD2 . TYR A 1 39  ? -18.586 -13.712 5.397   1.00 45.13 ? 37   TYR A CD2 1 
ATOM   304  C CE1 . TYR A 1 39  ? -20.912 -13.263 3.961   1.00 45.11 ? 37   TYR A CE1 1 
ATOM   305  C CE2 . TYR A 1 39  ? -19.773 -14.307 5.783   1.00 45.30 ? 37   TYR A CE2 1 
ATOM   306  C CZ  . TYR A 1 39  ? -20.915 -14.087 5.043   1.00 45.55 ? 37   TYR A CZ  1 
ATOM   307  O OH  . TYR A 1 39  ? -22.108 -14.663 5.381   1.00 46.61 ? 37   TYR A OH  1 
ATOM   308  N N   . ARG A 1 40  ? -14.893 -10.160 4.502   1.00 48.30 ? 38   ARG A N   1 
ATOM   309  C CA  . ARG A 1 40  ? -13.558 -9.867  4.022   1.00 49.01 ? 38   ARG A CA  1 
ATOM   310  C C   . ARG A 1 40  ? -12.821 -11.196 4.046   1.00 48.94 ? 38   ARG A C   1 
ATOM   311  O O   . ARG A 1 40  ? -12.669 -11.816 5.098   1.00 47.56 ? 38   ARG A O   1 
ATOM   312  C CB  . ARG A 1 40  ? -12.886 -8.855  4.951   1.00 49.28 ? 38   ARG A CB  1 
ATOM   313  C CG  . ARG A 1 40  ? -11.463 -8.457  4.577   1.00 50.40 ? 38   ARG A CG  1 
ATOM   314  C CD  . ARG A 1 40  ? -10.851 -7.745  5.767   1.00 51.68 ? 38   ARG A CD  1 
ATOM   315  N NE  . ARG A 1 40  ? -9.433  -7.463  5.638   1.00 55.19 ? 38   ARG A NE  1 
ATOM   316  C CZ  . ARG A 1 40  ? -8.464  -8.365  5.712   1.00 58.61 ? 38   ARG A CZ  1 
ATOM   317  N NH1 . ARG A 1 40  ? -8.738  -9.660  5.883   1.00 60.11 ? 38   ARG A NH1 1 
ATOM   318  N NH2 . ARG A 1 40  ? -7.194  -7.970  5.572   1.00 58.70 ? 38   ARG A NH2 1 
ATOM   319  N N   . GLN A 1 41  ? -12.370 -11.643 2.880   1.00 49.56 ? 39   GLN A N   1 
ATOM   320  C CA  . GLN A 1 41  ? -11.690 -12.926 2.768   1.00 50.01 ? 39   GLN A CA  1 
ATOM   321  C C   . GLN A 1 41  ? -12.418 -14.009 3.539   1.00 49.68 ? 39   GLN A C   1 
ATOM   322  O O   . GLN A 1 41  ? -11.802 -14.744 4.301   1.00 49.37 ? 39   GLN A O   1 
ATOM   323  C CB  . GLN A 1 41  ? -10.259 -12.848 3.302   1.00 50.79 ? 39   GLN A CB  1 
ATOM   324  C CG  . GLN A 1 41  ? -9.277  -12.269 2.354   1.00 52.94 ? 39   GLN A CG  1 
ATOM   325  C CD  . GLN A 1 41  ? -7.855  -12.492 2.802   1.00 53.02 ? 39   GLN A CD  1 
ATOM   326  O OE1 . GLN A 1 41  ? -7.322  -11.734 3.619   1.00 57.57 ? 39   GLN A OE1 1 
ATOM   327  N NE2 . GLN A 1 41  ? -7.230  -13.544 2.280   1.00 57.51 ? 39   GLN A NE2 1 
ATOM   328  N N   . GLY A 1 42  ? -13.732 -14.085 3.371   1.00 49.26 ? 40   GLY A N   1 
ATOM   329  C CA  . GLY A 1 42  ? -14.495 -15.181 3.959   1.00 48.90 ? 40   GLY A CA  1 
ATOM   330  C C   . GLY A 1 42  ? -14.740 -15.081 5.457   1.00 48.60 ? 40   GLY A C   1 
ATOM   331  O O   . GLY A 1 42  ? -15.214 -16.029 6.057   1.00 47.92 ? 40   GLY A O   1 
ATOM   332  N N   . LYS A 1 43  ? -14.399 -13.956 6.076   1.00 48.09 ? 41   LYS A N   1 
ATOM   333  C CA  . LYS A 1 43  ? -14.717 -13.730 7.482   1.00 48.60 ? 41   LYS A CA  1 
ATOM   334  C C   . LYS A 1 43  ? -15.729 -12.614 7.533   1.00 47.64 ? 41   LYS A C   1 
ATOM   335  O O   . LYS A 1 43  ? -15.516 -11.547 6.946   1.00 46.63 ? 41   LYS A O   1 
ATOM   336  C CB  . LYS A 1 43  ? -13.471 -13.366 8.281   1.00 49.17 ? 41   LYS A CB  1 
ATOM   337  C CG  . LYS A 1 43  ? -12.494 -14.556 8.444   1.00 52.67 ? 41   LYS A CG  1 
ATOM   338  C CD  . LYS A 1 43  ? -11.374 -14.255 9.451   1.00 52.69 ? 41   LYS A CD  1 
ATOM   339  C CE  . LYS A 1 43  ? -10.455 -15.460 9.728   1.00 54.52 ? 41   LYS A CE  1 
ATOM   340  N NZ  . LYS A 1 43  ? -9.274  -15.037 10.590  1.00 55.87 ? 41   LYS A NZ  1 
ATOM   341  N N   . GLU A 1 44  ? -16.836 -12.828 8.229   1.00 46.48 ? 42   GLU A N   1 
ATOM   342  C CA  . GLU A 1 44  ? -17.919 -11.851 8.177   1.00 47.07 ? 42   GLU A CA  1 
ATOM   343  C C   . GLU A 1 44  ? -17.464 -10.485 8.689   1.00 46.73 ? 42   GLU A C   1 
ATOM   344  O O   . GLU A 1 44  ? -16.751 -10.400 9.677   1.00 45.24 ? 42   GLU A O   1 
ATOM   345  C CB  . GLU A 1 44  ? -19.129 -12.304 8.982   1.00 47.31 ? 42   GLU A CB  1 
ATOM   346  C CG  . GLU A 1 44  ? -20.348 -11.481 8.631   1.00 46.95 ? 42   GLU A CG  1 
ATOM   347  C CD  . GLU A 1 44  ? -21.605 -11.865 9.389   1.00 48.28 ? 42   GLU A CD  1 
ATOM   348  O OE1 . GLU A 1 44  ? -21.599 -12.864 10.151  1.00 48.48 ? 42   GLU A OE1 1 
ATOM   349  O OE2 . GLU A 1 44  ? -22.598 -11.137 9.196   1.00 50.12 ? 42   GLU A OE2 1 
ATOM   350  N N   . ILE A 1 45  ? -17.860 -9.432  7.988   1.00 46.85 ? 43   ILE A N   1 
ATOM   351  C CA  . ILE A 1 45  ? -17.679 -8.074  8.486   1.00 47.40 ? 43   ILE A CA  1 
ATOM   352  C C   . ILE A 1 45  ? -18.866 -7.689  9.355   1.00 47.19 ? 43   ILE A C   1 
ATOM   353  O O   . ILE A 1 45  ? -20.007 -7.687  8.896   1.00 48.75 ? 43   ILE A O   1 
ATOM   354  C CB  . ILE A 1 45  ? -17.573 -7.048  7.343   1.00 47.23 ? 43   ILE A CB  1 
ATOM   355  C CG1 . ILE A 1 45  ? -16.277 -7.242  6.542   1.00 46.72 ? 43   ILE A CG1 1 
ATOM   356  C CG2 . ILE A 1 45  ? -17.539 -5.630  7.924   1.00 47.51 ? 43   ILE A CG2 1 
ATOM   357  C CD1 . ILE A 1 45  ? -16.296 -6.475  5.219   1.00 47.03 ? 43   ILE A CD1 1 
ATOM   358  N N   . ILE A 1 46  ? -18.589 -7.362  10.599  1.00 47.67 ? 44   ILE A N   1 
ATOM   359  C CA  . ILE A 1 46  ? -19.577 -6.780  11.499  1.00 47.92 ? 44   ILE A CA  1 
ATOM   360  C C   . ILE A 1 46  ? -19.325 -5.268  11.518  1.00 48.03 ? 44   ILE A C   1 
ATOM   361  O O   . ILE A 1 46  ? -18.285 -4.805  11.914  1.00 47.49 ? 44   ILE A O   1 
ATOM   362  C CB  . ILE A 1 46  ? -19.466 -7.402  12.893  1.00 48.27 ? 44   ILE A CB  1 
ATOM   363  C CG1 . ILE A 1 46  ? -19.700 -8.936  12.805  1.00 49.80 ? 44   ILE A CG1 1 
ATOM   364  C CG2 . ILE A 1 46  ? -20.453 -6.780  13.899  1.00 48.21 ? 44   ILE A CG2 1 
ATOM   365  C CD1 . ILE A 1 46  ? -21.008 -9.350  12.153  1.00 49.00 ? 44   ILE A CD1 1 
ATOM   366  N N   . ALA A 1 47  ? -20.285 -4.506  11.029  1.00 47.82 ? 45   ALA A N   1 
ATOM   367  C CA  . ALA A 1 47  ? -20.132 -3.069  10.926  1.00 47.36 ? 45   ALA A CA  1 
ATOM   368  C C   . ALA A 1 47  ? -19.925 -2.480  12.303  1.00 47.03 ? 45   ALA A C   1 
ATOM   369  O O   . ALA A 1 47  ? -20.621 -2.849  13.238  1.00 46.76 ? 45   ALA A O   1 
ATOM   370  C CB  . ALA A 1 47  ? -21.361 -2.468  10.268  1.00 47.65 ? 45   ALA A CB  1 
ATOM   371  N N   . ASP A 1 48  ? -18.973 -1.557  12.405  1.00 46.26 ? 46   ASP A N   1 
ATOM   372  C CA  . ASP A 1 48  ? -18.693 -0.833  13.619  1.00 46.62 ? 46   ASP A CA  1 
ATOM   373  C C   . ASP A 1 48  ? -19.009 0.669   13.572  1.00 45.44 ? 46   ASP A C   1 
ATOM   374  O O   . ASP A 1 48  ? -18.947 1.350   14.599  1.00 43.93 ? 46   ASP A O   1 
ATOM   375  C CB  . ASP A 1 48  ? -17.224 -1.038  14.006  1.00 47.90 ? 46   ASP A CB  1 
ATOM   376  C CG  . ASP A 1 48  ? -16.248 -0.447  13.002  1.00 48.91 ? 46   ASP A CG  1 
ATOM   377  O OD1 . ASP A 1 48  ? -16.619 -0.165  11.867  1.00 51.45 ? 46   ASP A OD1 1 
ATOM   378  O OD2 . ASP A 1 48  ? -15.077 -0.239  13.380  1.00 57.43 ? 46   ASP A OD2 1 
ATOM   379  N N   . GLY A 1 49  ? -19.354 1.165   12.388  1.00 45.31 ? 47   GLY A N   1 
ATOM   380  C CA  . GLY A 1 49  ? -19.715 2.546   12.196  1.00 46.41 ? 47   GLY A CA  1 
ATOM   381  C C   . GLY A 1 49  ? -18.545 3.426   11.810  1.00 46.93 ? 47   GLY A C   1 
ATOM   382  O O   . GLY A 1 49  ? -18.734 4.566   11.446  1.00 48.66 ? 47   GLY A O   1 
ATOM   383  N N   . LEU A 1 50  ? -17.333 2.909   11.940  1.00 47.71 ? 48   LEU A N   1 
ATOM   384  C CA  . LEU A 1 50  ? -16.105 3.672   11.759  1.00 47.65 ? 48   LEU A CA  1 
ATOM   385  C C   . LEU A 1 50  ? -15.403 3.102   10.525  1.00 47.76 ? 48   LEU A C   1 
ATOM   386  O O   . LEU A 1 50  ? -15.633 3.575   9.396   1.00 48.86 ? 48   LEU A O   1 
ATOM   387  C CB  . LEU A 1 50  ? -15.261 3.524   13.014  1.00 48.22 ? 48   LEU A CB  1 
ATOM   388  C CG  . LEU A 1 50  ? -15.948 4.076   14.285  1.00 49.78 ? 48   LEU A CG  1 
ATOM   389  C CD1 . LEU A 1 50  ? -15.508 3.271   15.507  1.00 52.76 ? 48   LEU A CD1 1 
ATOM   390  C CD2 . LEU A 1 50  ? -15.647 5.551   14.467  1.00 52.08 ? 48   LEU A CD2 1 
ATOM   391  N N   . LYS A 1 51  ? -14.645 2.030   10.710  1.00 47.43 ? 49   LYS A N   1 
ATOM   392  C CA  . LYS A 1 51  ? -13.957 1.391   9.588   1.00 47.48 ? 49   LYS A CA  1 
ATOM   393  C C   . LYS A 1 51  ? -14.951 0.848   8.591   1.00 47.33 ? 49   LYS A C   1 
ATOM   394  O O   . LYS A 1 51  ? -14.727 0.948   7.393   1.00 47.15 ? 49   LYS A O   1 
ATOM   395  C CB  . LYS A 1 51  ? -13.079 0.235   10.062  1.00 47.79 ? 49   LYS A CB  1 
ATOM   396  C CG  . LYS A 1 51  ? -12.228 -0.414  8.957   1.00 47.69 ? 49   LYS A CG  1 
ATOM   397  C CD  . LYS A 1 51  ? -11.266 0.602   8.319   1.00 48.94 ? 49   LYS A CD  1 
ATOM   398  C CE  . LYS A 1 51  ? -10.385 -0.013  7.205   1.00 48.45 ? 49   LYS A CE  1 
ATOM   399  N NZ  . LYS A 1 51  ? -9.547  1.054   6.612   1.00 45.10 ? 49   LYS A NZ  1 
ATOM   400  N N   . TYR A 1 52  ? -16.042 0.251   9.095   1.00 47.50 ? 50   TYR A N   1 
ATOM   401  C CA  . TYR A 1 52  ? -17.028 -0.423  8.247   1.00 47.58 ? 50   TYR A CA  1 
ATOM   402  C C   . TYR A 1 52  ? -18.426 0.064   8.537   1.00 47.60 ? 50   TYR A C   1 
ATOM   403  O O   . TYR A 1 52  ? -18.857 0.043   9.687   1.00 47.21 ? 50   TYR A O   1 
ATOM   404  C CB  . TYR A 1 52  ? -17.017 -1.925  8.495   1.00 48.19 ? 50   TYR A CB  1 
ATOM   405  C CG  . TYR A 1 52  ? -15.723 -2.612  8.189   1.00 47.90 ? 50   TYR A CG  1 
ATOM   406  C CD1 . TYR A 1 52  ? -14.962 -3.172  9.205   1.00 50.08 ? 50   TYR A CD1 1 
ATOM   407  C CD2 . TYR A 1 52  ? -15.263 -2.733  6.878   1.00 48.72 ? 50   TYR A CD2 1 
ATOM   408  C CE1 . TYR A 1 52  ? -13.776 -3.832  8.937   1.00 50.82 ? 50   TYR A CE1 1 
ATOM   409  C CE2 . TYR A 1 52  ? -14.058 -3.393  6.594   1.00 48.64 ? 50   TYR A CE2 1 
ATOM   410  C CZ  . TYR A 1 52  ? -13.328 -3.943  7.627   1.00 49.52 ? 50   TYR A CZ  1 
ATOM   411  O OH  . TYR A 1 52  ? -12.125 -4.582  7.394   1.00 50.75 ? 50   TYR A OH  1 
ATOM   412  N N   . ARG A 1 53  ? -19.128 0.481   7.489   1.00 47.54 ? 51   ARG A N   1 
ATOM   413  C CA  . ARG A 1 53  ? -20.530 0.860   7.577   1.00 48.29 ? 51   ARG A CA  1 
ATOM   414  C C   . ARG A 1 53  ? -21.282 0.074   6.534   1.00 47.96 ? 51   ARG A C   1 
ATOM   415  O O   . ARG A 1 53  ? -20.851 -0.006  5.390   1.00 48.48 ? 51   ARG A O   1 
ATOM   416  C CB  . ARG A 1 53  ? -20.709 2.347   7.280   1.00 47.86 ? 51   ARG A CB  1 
ATOM   417  C CG  . ARG A 1 53  ? -20.346 3.258   8.384   1.00 50.24 ? 51   ARG A CG  1 
ATOM   418  C CD  . ARG A 1 53  ? -20.443 4.704   7.933   1.00 51.43 ? 51   ARG A CD  1 
ATOM   419  N NE  . ARG A 1 53  ? -19.233 5.074   7.229   1.00 55.38 ? 51   ARG A NE  1 
ATOM   420  C CZ  . ARG A 1 53  ? -19.126 6.089   6.364   1.00 58.76 ? 51   ARG A CZ  1 
ATOM   421  N NH1 . ARG A 1 53  ? -20.183 6.852   6.069   1.00 58.49 ? 51   ARG A NH1 1 
ATOM   422  N NH2 . ARG A 1 53  ? -17.935 6.347   5.791   1.00 58.27 ? 51   ARG A NH2 1 
ATOM   423  N N   . ILE A 1 54  ? -22.401 -0.504  6.920   1.00 48.43 ? 52   ILE A N   1 
ATOM   424  C CA  . ILE A 1 54  ? -23.205 -1.313  6.024   1.00 49.13 ? 52   ILE A CA  1 
ATOM   425  C C   . ILE A 1 54  ? -24.506 -0.585  5.874   1.00 49.98 ? 52   ILE A C   1 
ATOM   426  O O   . ILE A 1 54  ? -25.072 -0.095  6.849   1.00 50.96 ? 52   ILE A O   1 
ATOM   427  C CB  . ILE A 1 54  ? -23.439 -2.703  6.588   1.00 49.02 ? 52   ILE A CB  1 
ATOM   428  C CG1 . ILE A 1 54  ? -22.138 -3.482  6.526   1.00 49.39 ? 52   ILE A CG1 1 
ATOM   429  C CG2 . ILE A 1 54  ? -24.584 -3.429  5.803   1.00 49.74 ? 52   ILE A CG2 1 
ATOM   430  C CD1 . ILE A 1 54  ? -22.149 -4.783  7.269   1.00 50.64 ? 52   ILE A CD1 1 
ATOM   431  N N   . GLN A 1 55  ? -24.987 -0.465  4.642   1.00 50.53 ? 53   GLN A N   1 
ATOM   432  C CA  . GLN A 1 55  ? -26.146 0.371   4.387   1.00 49.85 ? 53   GLN A CA  1 
ATOM   433  C C   . GLN A 1 55  ? -27.066 -0.312  3.399   1.00 49.97 ? 53   GLN A C   1 
ATOM   434  O O   . GLN A 1 55  ? -26.618 -1.074  2.534   1.00 50.68 ? 53   GLN A O   1 
ATOM   435  C CB  . GLN A 1 55  ? -25.719 1.720   3.864   1.00 50.13 ? 53   GLN A CB  1 
ATOM   436  C CG  . GLN A 1 55  ? -24.825 2.503   4.804   1.00 51.63 ? 53   GLN A CG  1 
ATOM   437  C CD  . GLN A 1 55  ? -24.550 3.887   4.324   1.00 51.52 ? 53   GLN A CD  1 
ATOM   438  O OE1 . GLN A 1 55  ? -24.655 4.180   3.134   1.00 56.67 ? 53   GLN A OE1 1 
ATOM   439  N NE2 . GLN A 1 55  ? -24.146 4.760   5.242   1.00 56.64 ? 53   GLN A NE2 1 
ATOM   440  N N   . GLU A 1 56  ? -28.358 -0.065  3.569   1.00 49.03 ? 54   GLU A N   1 
ATOM   441  C CA  . GLU A 1 56  ? -29.385 -0.677  2.739   1.00 48.45 ? 54   GLU A CA  1 
ATOM   442  C C   . GLU A 1 56  ? -30.397 0.403   2.344   1.00 46.82 ? 54   GLU A C   1 
ATOM   443  O O   . GLU A 1 56  ? -30.621 1.354   3.090   1.00 45.15 ? 54   GLU A O   1 
ATOM   444  C CB  . GLU A 1 56  ? -30.046 -1.829  3.485   1.00 47.99 ? 54   GLU A CB  1 
ATOM   445  C CG  . GLU A 1 56  ? -30.951 -2.623  2.624   1.00 50.14 ? 54   GLU A CG  1 
ATOM   446  C CD  . GLU A 1 56  ? -31.604 -3.776  3.366   1.00 50.63 ? 54   GLU A CD  1 
ATOM   447  O OE1 . GLU A 1 56  ? -31.210 -4.040  4.524   1.00 53.70 ? 54   GLU A OE1 1 
ATOM   448  O OE2 . GLU A 1 56  ? -32.496 -4.407  2.765   1.00 53.06 ? 54   GLU A OE2 1 
ATOM   449  N N   . PHE A 1 57  ? -30.969 0.258   1.147   1.00 46.05 ? 55   PHE A N   1 
ATOM   450  C CA  . PHE A 1 57  ? -31.872 1.231   0.574   1.00 46.02 ? 55   PHE A CA  1 
ATOM   451  C C   . PHE A 1 57  ? -33.027 0.513   -0.125  1.00 46.42 ? 55   PHE A C   1 
ATOM   452  O O   . PHE A 1 57  ? -32.884 -0.623  -0.568  1.00 46.92 ? 55   PHE A O   1 
ATOM   453  C CB  . PHE A 1 57  ? -31.129 2.110   -0.435  1.00 44.61 ? 55   PHE A CB  1 
ATOM   454  C CG  . PHE A 1 57  ? -29.976 2.846   0.144   1.00 42.60 ? 55   PHE A CG  1 
ATOM   455  C CD1 . PHE A 1 57  ? -28.721 2.287   0.148   1.00 43.68 ? 55   PHE A CD1 1 
ATOM   456  C CD2 . PHE A 1 57  ? -30.143 4.118   0.666   1.00 43.41 ? 55   PHE A CD2 1 
ATOM   457  C CE1 . PHE A 1 57  ? -27.634 2.969   0.690   1.00 42.56 ? 55   PHE A CE1 1 
ATOM   458  C CE2 . PHE A 1 57  ? -29.062 4.811   1.214   1.00 42.72 ? 55   PHE A CE2 1 
ATOM   459  C CZ  . PHE A 1 57  ? -27.818 4.241   1.225   1.00 41.98 ? 55   PHE A CZ  1 
ATOM   460  N N   . LYS A 1 58  ? -34.170 1.175   -0.202  1.00 47.39 ? 56   LYS A N   1 
ATOM   461  C CA  . LYS A 1 58  ? -35.338 0.594   -0.866  1.00 48.25 ? 56   LYS A CA  1 
ATOM   462  C C   . LYS A 1 58  ? -34.965 0.185   -2.275  1.00 47.82 ? 56   LYS A C   1 
ATOM   463  O O   . LYS A 1 58  ? -34.155 0.839   -2.926  1.00 47.97 ? 56   LYS A O   1 
ATOM   464  C CB  . LYS A 1 58  ? -36.492 1.579   -0.908  1.00 49.25 ? 56   LYS A CB  1 
ATOM   465  C CG  . LYS A 1 58  ? -37.407 1.494   0.310   1.00 51.03 ? 56   LYS A CG  1 
ATOM   466  C CD  . LYS A 1 58  ? -38.634 2.376   0.146   1.00 51.32 ? 56   LYS A CD  1 
ATOM   467  C CE  . LYS A 1 58  ? -39.107 2.905   1.503   1.00 53.14 ? 56   LYS A CE  1 
ATOM   468  N NZ  . LYS A 1 58  ? -39.493 1.784   2.408   1.00 54.73 ? 56   LYS A NZ  1 
ATOM   469  N N   . GLY A 1 59  ? -35.546 -0.919  -2.720  1.00 47.80 ? 57   GLY A N   1 
ATOM   470  C CA  . GLY A 1 59  ? -35.306 -1.452  -4.055  1.00 47.42 ? 57   GLY A CA  1 
ATOM   471  C C   . GLY A 1 59  ? -34.217 -2.496  -4.065  1.00 47.06 ? 57   GLY A C   1 
ATOM   472  O O   . GLY A 1 59  ? -33.780 -2.899  -5.130  1.00 47.89 ? 57   GLY A O   1 
ATOM   473  N N   . GLY A 1 60  ? -33.730 -2.896  -2.896  1.00 46.63 ? 58   GLY A N   1 
ATOM   474  C CA  . GLY A 1 60  ? -32.730 -3.966  -2.787  1.00 46.27 ? 58   GLY A CA  1 
ATOM   475  C C   . GLY A 1 60  ? -31.272 -3.560  -2.899  1.00 46.01 ? 58   GLY A C   1 
ATOM   476  O O   . GLY A 1 60  ? -30.416 -4.390  -3.215  1.00 45.06 ? 58   GLY A O   1 
ATOM   477  N N   . TYR A 1 61  ? -30.968 -2.289  -2.662  1.00 45.73 ? 59   TYR A N   1 
ATOM   478  C CA  . TYR A 1 61  ? -29.601 -1.835  -2.774  1.00 45.66 ? 59   TYR A CA  1 
ATOM   479  C C   . TYR A 1 61  ? -28.881 -2.013  -1.455  1.00 46.19 ? 59   TYR A C   1 
ATOM   480  O O   . TYR A 1 61  ? -29.420 -1.654  -0.404  1.00 45.96 ? 59   TYR A O   1 
ATOM   481  C CB  . TYR A 1 61  ? -29.528 -0.375  -3.162  1.00 46.37 ? 59   TYR A CB  1 
ATOM   482  C CG  . TYR A 1 61  ? -29.981 -0.111  -4.550  1.00 46.41 ? 59   TYR A CG  1 
ATOM   483  C CD1 . TYR A 1 61  ? -31.292 0.213   -4.804  1.00 47.28 ? 59   TYR A CD1 1 
ATOM   484  C CD2 . TYR A 1 61  ? -29.097 -0.200  -5.623  1.00 47.20 ? 59   TYR A CD2 1 
ATOM   485  C CE1 . TYR A 1 61  ? -31.739 0.464   -6.111  1.00 47.19 ? 59   TYR A CE1 1 
ATOM   486  C CE2 . TYR A 1 61  ? -29.522 0.049   -6.930  1.00 47.03 ? 59   TYR A CE2 1 
ATOM   487  C CZ  . TYR A 1 61  ? -30.847 0.374   -7.163  1.00 47.29 ? 59   TYR A CZ  1 
ATOM   488  O OH  . TYR A 1 61  ? -31.301 0.624   -8.446  1.00 49.69 ? 59   TYR A OH  1 
ATOM   489  N N   . HIS A 1 62  ? -27.666 -2.547  -1.538  1.00 46.11 ? 60   HIS A N   1 
ATOM   490  C CA  . HIS A 1 62  ? -26.826 -2.825  -0.378  1.00 46.48 ? 60   HIS A CA  1 
ATOM   491  C C   . HIS A 1 62  ? -25.453 -2.282  -0.646  1.00 46.82 ? 60   HIS A C   1 
ATOM   492  O O   . HIS A 1 62  ? -24.919 -2.454  -1.756  1.00 46.19 ? 60   HIS A O   1 
ATOM   493  C CB  . HIS A 1 62  ? -26.706 -4.321  -0.171  1.00 47.48 ? 60   HIS A CB  1 
ATOM   494  C CG  . HIS A 1 62  ? -27.980 -4.945  0.276   1.00 46.82 ? 60   HIS A CG  1 
ATOM   495  N ND1 . HIS A 1 62  ? -28.334 -5.025  1.603   1.00 47.93 ? 60   HIS A ND1 1 
ATOM   496  C CD2 . HIS A 1 62  ? -29.027 -5.433  -0.429  1.00 47.24 ? 60   HIS A CD2 1 
ATOM   497  C CE1 . HIS A 1 62  ? -29.531 -5.575  1.697   1.00 48.56 ? 60   HIS A CE1 1 
ATOM   498  N NE2 . HIS A 1 62  ? -29.974 -5.826  0.478   1.00 47.56 ? 60   HIS A NE2 1 
ATOM   499  N N   . GLN A 1 63  ? -24.869 -1.609  0.344   1.00 46.00 ? 61   GLN A N   1 
ATOM   500  C CA  . GLN A 1 63  ? -23.511 -1.152  0.170   1.00 46.18 ? 61   GLN A CA  1 
ATOM   501  C C   . GLN A 1 63  ? -22.715 -1.243  1.459   1.00 46.07 ? 61   GLN A C   1 
ATOM   502  O O   . GLN A 1 63  ? -23.252 -1.168  2.567   1.00 45.45 ? 61   GLN A O   1 
ATOM   503  C CB  . GLN A 1 63  ? -23.453 0.234   -0.508  1.00 46.47 ? 61   GLN A CB  1 
ATOM   504  C CG  . GLN A 1 63  ? -23.703 1.403   0.358   1.00 46.78 ? 61   GLN A CG  1 
ATOM   505  C CD  . GLN A 1 63  ? -23.762 2.738   -0.360  1.00 46.50 ? 61   GLN A CD  1 
ATOM   506  O OE1 . GLN A 1 63  ? -23.644 2.826   -1.577  1.00 48.66 ? 61   GLN A OE1 1 
ATOM   507  N NE2 . GLN A 1 63  ? -24.028 3.791   0.402   1.00 45.73 ? 61   GLN A NE2 1 
ATOM   508  N N   . LEU A 1 64  ? -21.425 -1.475  1.277   1.00 45.66 ? 62   LEU A N   1 
ATOM   509  C CA  . LEU A 1 64  ? -20.482 -1.502  2.357   1.00 45.35 ? 62   LEU A CA  1 
ATOM   510  C C   . LEU A 1 64  ? -19.517 -0.368  2.105   1.00 45.46 ? 62   LEU A C   1 
ATOM   511  O O   . LEU A 1 64  ? -18.948 -0.265  1.016   1.00 46.45 ? 62   LEU A O   1 
ATOM   512  C CB  . LEU A 1 64  ? -19.738 -2.826  2.343   1.00 45.24 ? 62   LEU A CB  1 
ATOM   513  C CG  . LEU A 1 64  ? -18.516 -2.942  3.283   1.00 45.12 ? 62   LEU A CG  1 
ATOM   514  C CD1 . LEU A 1 64  ? -18.948 -2.972  4.730   1.00 44.12 ? 62   LEU A CD1 1 
ATOM   515  C CD2 . LEU A 1 64  ? -17.716 -4.215  2.905   1.00 46.16 ? 62   LEU A CD2 1 
ATOM   516  N N   . ILE A 1 65  ? -19.324 0.480   3.101   1.00 45.21 ? 63   ILE A N   1 
ATOM   517  C CA  . ILE A 1 65  ? -18.337 1.525   3.036   1.00 45.39 ? 63   ILE A CA  1 
ATOM   518  C C   . ILE A 1 65  ? -17.170 1.158   3.943   1.00 45.77 ? 63   ILE A C   1 
ATOM   519  O O   . ILE A 1 65  ? -17.346 0.962   5.143   1.00 44.68 ? 63   ILE A O   1 
ATOM   520  C CB  . ILE A 1 65  ? -18.905 2.897   3.475   1.00 45.30 ? 63   ILE A CB  1 
ATOM   521  C CG1 . ILE A 1 65  ? -20.223 3.194   2.737   1.00 45.75 ? 63   ILE A CG1 1 
ATOM   522  C CG2 . ILE A 1 65  ? -17.862 4.028   3.222   1.00 44.83 ? 63   ILE A CG2 1 
ATOM   523  C CD1 . ILE A 1 65  ? -21.024 4.377   3.312   1.00 46.08 ? 63   ILE A CD1 1 
ATOM   524  N N   . ILE A 1 66  ? -15.975 1.078   3.345   1.00 45.80 ? 64   ILE A N   1 
ATOM   525  C CA  . ILE A 1 66  ? -14.730 0.829   4.064   1.00 45.70 ? 64   ILE A CA  1 
ATOM   526  C C   . ILE A 1 66  ? -14.000 2.135   4.089   1.00 45.88 ? 64   ILE A C   1 
ATOM   527  O O   . ILE A 1 66  ? -13.607 2.628   3.048   1.00 45.23 ? 64   ILE A O   1 
ATOM   528  C CB  . ILE A 1 66  ? -13.848 -0.210  3.349   1.00 45.86 ? 64   ILE A CB  1 
ATOM   529  C CG1 . ILE A 1 66  ? -14.669 -1.462  3.037   1.00 45.58 ? 64   ILE A CG1 1 
ATOM   530  C CG2 . ILE A 1 66  ? -12.617 -0.551  4.173   1.00 44.99 ? 64   ILE A CG2 1 
ATOM   531  C CD1 . ILE A 1 66  ? -13.976 -2.436  2.114   1.00 47.59 ? 64   ILE A CD1 1 
ATOM   532  N N   . ALA A 1 67  ? -13.800 2.675   5.286   1.00 45.94 ? 65   ALA A N   1 
ATOM   533  C CA  . ALA A 1 67  ? -13.230 3.986   5.429   1.00 46.62 ? 65   ALA A CA  1 
ATOM   534  C C   . ALA A 1 67  ? -11.739 3.951   5.265   1.00 47.56 ? 65   ALA A C   1 
ATOM   535  O O   . ALA A 1 67  ? -11.063 2.998   5.700   1.00 47.55 ? 65   ALA A O   1 
ATOM   536  C CB  . ALA A 1 67  ? -13.577 4.577   6.790   1.00 46.38 ? 65   ALA A CB  1 
ATOM   537  N N   . SER A 1 68  ? -11.216 5.020   4.661   1.00 48.22 ? 66   SER A N   1 
ATOM   538  C CA  . SER A 1 68  ? -9.809  5.307   4.744   1.00 48.93 ? 66   SER A CA  1 
ATOM   539  C C   . SER A 1 68  ? -8.972  4.081   4.442   1.00 47.87 ? 66   SER A C   1 
ATOM   540  O O   . SER A 1 68  ? -8.285  3.531   5.320   1.00 47.12 ? 66   SER A O   1 
ATOM   541  C CB  . SER A 1 68  ? -9.485  5.857   6.135   1.00 50.23 ? 66   SER A CB  1 
ATOM   542  O OG  . SER A 1 68  ? -10.105 7.128   6.306   1.00 53.36 ? 66   SER A OG  1 
ATOM   543  N N   . VAL A 1 69  ? -9.054  3.640   3.193   1.00 47.03 ? 67   VAL A N   1 
ATOM   544  C CA  . VAL A 1 69  ? -8.468  2.370   2.828   1.00 46.57 ? 67   VAL A CA  1 
ATOM   545  C C   . VAL A 1 69  ? -6.950  2.385   2.882   1.00 46.97 ? 67   VAL A C   1 
ATOM   546  O O   . VAL A 1 69  ? -6.313  3.378   2.537   1.00 47.09 ? 67   VAL A O   1 
ATOM   547  C CB  . VAL A 1 69  ? -8.992  1.845   1.469   1.00 46.73 ? 67   VAL A CB  1 
ATOM   548  C CG1 . VAL A 1 69  ? -10.451 1.552   1.590   1.00 45.45 ? 67   VAL A CG1 1 
ATOM   549  C CG2 . VAL A 1 69  ? -8.715  2.821   0.326   1.00 47.07 ? 67   VAL A CG2 1 
ATOM   550  N N   . THR A 1 70  ? -6.393  1.287   3.386   1.00 47.22 ? 68   THR A N   1 
ATOM   551  C CA  . THR A 1 70  ? -4.970  1.044   3.391   1.00 47.06 ? 68   THR A CA  1 
ATOM   552  C C   . THR A 1 70  ? -4.724  -0.265  2.647   1.00 47.23 ? 68   THR A C   1 
ATOM   553  O O   . THR A 1 70  ? -5.677  -0.960  2.266   1.00 45.93 ? 68   THR A O   1 
ATOM   554  C CB  . THR A 1 70  ? -4.475  0.883   4.808   1.00 47.05 ? 68   THR A CB  1 
ATOM   555  O OG1 . THR A 1 70  ? -5.010  -0.321  5.345   1.00 48.93 ? 68   THR A OG1 1 
ATOM   556  C CG2 . THR A 1 70  ? -4.937  2.066   5.662   1.00 47.71 ? 68   THR A CG2 1 
ATOM   557  N N   . ASP A 1 71  ? -3.455  -0.607  2.450   1.00 47.65 ? 69   ASP A N   1 
ATOM   558  C CA  . ASP A 1 71  ? -3.129  -1.846  1.761   1.00 47.94 ? 69   ASP A CA  1 
ATOM   559  C C   . ASP A 1 71  ? -3.721  -3.057  2.504   1.00 47.99 ? 69   ASP A C   1 
ATOM   560  O O   . ASP A 1 71  ? -4.001  -4.092  1.888   1.00 48.07 ? 69   ASP A O   1 
ATOM   561  C CB  . ASP A 1 71  ? -1.614  -1.975  1.543   1.00 48.27 ? 69   ASP A CB  1 
ATOM   562  C CG  . ASP A 1 71  ? -1.254  -3.208  0.721   1.00 48.92 ? 69   ASP A CG  1 
ATOM   563  O OD1 . ASP A 1 71  ? -1.788  -3.370  -0.412  1.00 47.77 ? 69   ASP A OD1 1 
ATOM   564  O OD2 . ASP A 1 71  ? -0.446  -4.022  1.229   1.00 52.82 ? 69   ASP A OD2 1 
ATOM   565  N N   . ASP A 1 72  ? -3.962  -2.921  3.811   1.00 48.40 ? 70   ASP A N   1 
ATOM   566  C CA  . ASP A 1 72  ? -4.590  -4.000  4.574   1.00 47.87 ? 70   ASP A CA  1 
ATOM   567  C C   . ASP A 1 72  ? -6.014  -4.303  4.099   1.00 47.21 ? 70   ASP A C   1 
ATOM   568  O O   . ASP A 1 72  ? -6.517  -5.402  4.274   1.00 47.11 ? 70   ASP A O   1 
ATOM   569  C CB  . ASP A 1 72  ? -4.599  -3.693  6.079   1.00 48.96 ? 70   ASP A CB  1 
ATOM   570  C CG  . ASP A 1 72  ? -5.237  -4.826  6.904   1.00 50.93 ? 70   ASP A CG  1 
ATOM   571  O OD1 . ASP A 1 72  ? -4.577  -5.877  7.101   1.00 57.21 ? 70   ASP A OD1 1 
ATOM   572  O OD2 . ASP A 1 72  ? -6.414  -4.688  7.325   1.00 56.72 ? 70   ASP A OD2 1 
ATOM   573  N N   . ASP A 1 73  ? -6.666  -3.320  3.487   1.00 46.46 ? 71   ASP A N   1 
ATOM   574  C CA  . ASP A 1 73  ? -7.995  -3.505  2.973   1.00 45.86 ? 71   ASP A CA  1 
ATOM   575  C C   . ASP A 1 73  ? -8.012  -4.051  1.557   1.00 45.01 ? 71   ASP A C   1 
ATOM   576  O O   . ASP A 1 73  ? -9.066  -4.359  1.052   1.00 45.21 ? 71   ASP A O   1 
ATOM   577  C CB  . ASP A 1 73  ? -8.739  -2.178  3.026   1.00 45.80 ? 71   ASP A CB  1 
ATOM   578  C CG  . ASP A 1 73  ? -8.795  -1.626  4.420   1.00 46.19 ? 71   ASP A CG  1 
ATOM   579  O OD1 . ASP A 1 73  ? -9.242  -2.382  5.324   1.00 46.03 ? 71   ASP A OD1 1 
ATOM   580  O OD2 . ASP A 1 73  ? -8.367  -0.470  4.610   1.00 45.22 ? 71   ASP A OD2 1 
ATOM   581  N N   . ALA A 1 74  ? -6.854  -4.151  0.925   1.00 44.57 ? 72   ALA A N   1 
ATOM   582  C CA  . ALA A 1 74  ? -6.759  -4.548  -0.467  1.00 44.70 ? 72   ALA A CA  1 
ATOM   583  C C   . ALA A 1 74  ? -6.821  -6.057  -0.535  1.00 44.48 ? 72   ALA A C   1 
ATOM   584  O O   . ALA A 1 74  ? -5.807  -6.741  -0.455  1.00 43.74 ? 72   ALA A O   1 
ATOM   585  C CB  . ALA A 1 74  ? -5.463  -4.036  -1.085  1.00 43.24 ? 72   ALA A CB  1 
ATOM   586  N N   . THR A 1 75  ? -8.022  -6.585  -0.655  1.00 45.25 ? 73   THR A N   1 
ATOM   587  C CA  . THR A 1 75  ? -8.188  -8.033  -0.693  1.00 46.01 ? 73   THR A CA  1 
ATOM   588  C C   . THR A 1 75  ? -9.532  -8.335  -1.331  1.00 46.46 ? 73   THR A C   1 
ATOM   589  O O   . THR A 1 75  ? -10.152 -7.450  -1.926  1.00 46.72 ? 73   THR A O   1 
ATOM   590  C CB  . THR A 1 75  ? -8.057  -8.660  0.734   1.00 45.97 ? 73   THR A CB  1 
ATOM   591  O OG1 . THR A 1 75  ? -8.046  -10.087 0.625   1.00 47.96 ? 73   THR A OG1 1 
ATOM   592  C CG2 . THR A 1 75  ? -9.196  -8.213  1.654   1.00 44.52 ? 73   THR A CG2 1 
ATOM   593  N N   . VAL A 1 76  ? -9.984  -9.572  -1.216  1.00 47.96 ? 74   VAL A N   1 
ATOM   594  C CA  . VAL A 1 76  ? -11.261 -9.982  -1.781  1.00 47.85 ? 74   VAL A CA  1 
ATOM   595  C C   . VAL A 1 76  ? -12.361 -9.918  -0.729  1.00 48.29 ? 74   VAL A C   1 
ATOM   596  O O   . VAL A 1 76  ? -12.144 -10.235 0.441   1.00 48.09 ? 74   VAL A O   1 
ATOM   597  C CB  . VAL A 1 76  ? -11.183 -11.403 -2.390  1.00 49.03 ? 74   VAL A CB  1 
ATOM   598  C CG1 . VAL A 1 76  ? -11.016 -12.445 -1.295  1.00 50.70 ? 74   VAL A CG1 1 
ATOM   599  C CG2 . VAL A 1 76  ? -12.428 -11.699 -3.200  1.00 49.28 ? 74   VAL A CG2 1 
ATOM   600  N N   . TYR A 1 77  ? -13.528 -9.450  -1.168  1.00 47.87 ? 75   TYR A N   1 
ATOM   601  C CA  . TYR A 1 77  ? -14.701 -9.292  -0.342  1.00 47.55 ? 75   TYR A CA  1 
ATOM   602  C C   . TYR A 1 77  ? -15.799 -10.109 -0.970  1.00 47.88 ? 75   TYR A C   1 
ATOM   603  O O   . TYR A 1 77  ? -15.784 -10.343 -2.179  1.00 48.26 ? 75   TYR A O   1 
ATOM   604  C CB  . TYR A 1 77  ? -15.123 -7.824  -0.277  1.00 47.60 ? 75   TYR A CB  1 
ATOM   605  C CG  . TYR A 1 77  ? -14.101 -6.982  0.447   1.00 47.38 ? 75   TYR A CG  1 
ATOM   606  C CD1 . TYR A 1 77  ? -12.949 -6.523  -0.207  1.00 48.37 ? 75   TYR A CD1 1 
ATOM   607  C CD2 . TYR A 1 77  ? -14.257 -6.689  1.785   1.00 47.14 ? 75   TYR A CD2 1 
ATOM   608  C CE1 . TYR A 1 77  ? -11.997 -5.777  0.473   1.00 45.34 ? 75   TYR A CE1 1 
ATOM   609  C CE2 . TYR A 1 77  ? -13.301 -5.973  2.475   1.00 46.40 ? 75   TYR A CE2 1 
ATOM   610  C CZ  . TYR A 1 77  ? -12.176 -5.508  1.811   1.00 45.93 ? 75   TYR A CZ  1 
ATOM   611  O OH  . TYR A 1 77  ? -11.248 -4.774  2.531   1.00 45.42 ? 75   TYR A OH  1 
ATOM   612  N N   . GLN A 1 78  ? -16.716 -10.575 -0.126  1.00 47.88 ? 76   GLN A N   1 
ATOM   613  C CA  . GLN A 1 78  ? -17.901 -11.299 -0.558  1.00 47.80 ? 76   GLN A CA  1 
ATOM   614  C C   . GLN A 1 78  ? -19.134 -10.627 0.021   1.00 47.03 ? 76   GLN A C   1 
ATOM   615  O O   . GLN A 1 78  ? -19.093 -10.054 1.085   1.00 46.64 ? 76   GLN A O   1 
ATOM   616  C CB  . GLN A 1 78  ? -17.869 -12.749 -0.078  1.00 48.54 ? 76   GLN A CB  1 
ATOM   617  C CG  . GLN A 1 78  ? -16.755 -13.607 -0.624  1.00 50.24 ? 76   GLN A CG  1 
ATOM   618  C CD  . GLN A 1 78  ? -15.460 -13.512 0.168   1.00 51.93 ? 76   GLN A CD  1 
ATOM   619  O OE1 . GLN A 1 78  ? -15.469 -13.302 1.377   1.00 53.93 ? 76   GLN A OE1 1 
ATOM   620  N NE2 . GLN A 1 78  ? -14.333 -13.712 -0.516  1.00 51.71 ? 76   GLN A NE2 1 
ATOM   621  N N   . VAL A 1 79  ? -20.218 -10.676 -0.726  1.00 46.70 ? 77   VAL A N   1 
ATOM   622  C CA  . VAL A 1 79  ? -21.542 -10.295 -0.254  1.00 46.37 ? 77   VAL A CA  1 
ATOM   623  C C   . VAL A 1 79  ? -22.433 -11.498 -0.486  1.00 46.24 ? 77   VAL A C   1 
ATOM   624  O O   . VAL A 1 79  ? -22.337 -12.179 -1.534  1.00 44.42 ? 77   VAL A O   1 
ATOM   625  C CB  . VAL A 1 79  ? -22.093 -9.038  -0.973  1.00 46.91 ? 77   VAL A CB  1 
ATOM   626  C CG1 . VAL A 1 79  ? -22.258 -9.287  -2.434  1.00 45.79 ? 77   VAL A CG1 1 
ATOM   627  C CG2 . VAL A 1 79  ? -23.419 -8.534  -0.313  1.00 45.79 ? 77   VAL A CG2 1 
ATOM   628  N N   . ARG A 1 80  ? -23.230 -11.802 0.532   1.00 46.18 ? 78   ARG A N   1 
ATOM   629  C CA  . ARG A 1 80  ? -24.106 -12.945 0.489   1.00 46.15 ? 78   ARG A CA  1 
ATOM   630  C C   . ARG A 1 80  ? -25.530 -12.514 0.661   1.00 46.22 ? 78   ARG A C   1 
ATOM   631  O O   . ARG A 1 80  ? -25.826 -11.714 1.535   1.00 47.68 ? 78   ARG A O   1 
ATOM   632  C CB  . ARG A 1 80  ? -23.728 -13.924 1.604   1.00 46.04 ? 78   ARG A CB  1 
ATOM   633  C CG  . ARG A 1 80  ? -24.543 -15.227 1.534   1.00 45.61 ? 78   ARG A CG  1 
ATOM   634  C CD  . ARG A 1 80  ? -24.281 -16.136 2.728   1.00 45.63 ? 78   ARG A CD  1 
ATOM   635  N NE  . ARG A 1 80  ? -22.898 -16.595 2.736   1.00 44.00 ? 78   ARG A NE  1 
ATOM   636  C CZ  . ARG A 1 80  ? -22.377 -17.393 3.655   1.00 43.76 ? 78   ARG A CZ  1 
ATOM   637  N NH1 . ARG A 1 80  ? -23.131 -17.867 4.645   1.00 43.36 ? 78   ARG A NH1 1 
ATOM   638  N NH2 . ARG A 1 80  ? -21.102 -17.743 3.578   1.00 43.35 ? 78   ARG A NH2 1 
ATOM   639  N N   . ALA A 1 81  ? -26.430 -13.083 -0.134  1.00 45.86 ? 79   ALA A N   1 
ATOM   640  C CA  . ALA A 1 81  ? -27.853 -12.782 -0.033  1.00 45.25 ? 79   ALA A CA  1 
ATOM   641  C C   . ALA A 1 81  ? -28.588 -14.084 0.202   1.00 44.96 ? 79   ALA A C   1 
ATOM   642  O O   . ALA A 1 81  ? -28.395 -15.024 -0.549  1.00 44.03 ? 79   ALA A O   1 
ATOM   643  C CB  . ALA A 1 81  ? -28.360 -12.105 -1.330  1.00 45.22 ? 79   ALA A CB  1 
ATOM   644  N N   . THR A 1 82  ? -29.430 -14.125 1.231   1.00 45.21 ? 80   THR A N   1 
ATOM   645  C CA  . THR A 1 82  ? -30.101 -15.335 1.647   1.00 45.12 ? 80   THR A CA  1 
ATOM   646  C C   . THR A 1 82  ? -31.575 -15.069 1.939   1.00 45.68 ? 80   THR A C   1 
ATOM   647  O O   . THR A 1 82  ? -31.931 -14.098 2.606   1.00 45.40 ? 80   THR A O   1 
ATOM   648  C CB  . THR A 1 82  ? -29.471 -15.849 2.954   1.00 45.36 ? 80   THR A CB  1 
ATOM   649  O OG1 . THR A 1 82  ? -28.068 -16.043 2.774   1.00 45.57 ? 80   THR A OG1 1 
ATOM   650  C CG2 . THR A 1 82  ? -30.102 -17.150 3.427   1.00 44.67 ? 80   THR A CG2 1 
ATOM   651  N N   . ASN A 1 83  ? -32.428 -15.965 1.467   1.00 45.24 ? 81   ASN A N   1 
ATOM   652  C CA  . ASN A 1 83  ? -33.786 -16.050 1.985   1.00 45.65 ? 81   ASN A CA  1 
ATOM   653  C C   . ASN A 1 83  ? -34.124 -17.543 2.077   1.00 45.94 ? 81   ASN A C   1 
ATOM   654  O O   . ASN A 1 83  ? -33.248 -18.386 1.910   1.00 45.20 ? 81   ASN A O   1 
ATOM   655  C CB  . ASN A 1 83  ? -34.776 -15.230 1.140   1.00 45.58 ? 81   ASN A CB  1 
ATOM   656  C CG  . ASN A 1 83  ? -34.903 -15.721 -0.262  1.00 45.63 ? 81   ASN A CG  1 
ATOM   657  O OD1 . ASN A 1 83  ? -34.527 -16.843 -0.572  1.00 47.13 ? 81   ASN A OD1 1 
ATOM   658  N ND2 . ASN A 1 83  ? -35.493 -14.888 -1.136  1.00 48.17 ? 81   ASN A ND2 1 
ATOM   659  N N   . GLN A 1 84  ? -35.378 -17.883 2.330   1.00 46.52 ? 82   GLN A N   1 
ATOM   660  C CA  . GLN A 1 84  ? -35.709 -19.267 2.608   1.00 46.57 ? 82   GLN A CA  1 
ATOM   661  C C   . GLN A 1 84  ? -35.610 -20.072 1.314   1.00 46.54 ? 82   GLN A C   1 
ATOM   662  O O   . GLN A 1 84  ? -35.542 -21.305 1.341   1.00 47.46 ? 82   GLN A O   1 
ATOM   663  C CB  . GLN A 1 84  ? -37.104 -19.366 3.266   1.00 47.84 ? 82   GLN A CB  1 
ATOM   664  C CG  . GLN A 1 84  ? -37.296 -18.406 4.539   1.00 51.13 ? 82   GLN A CG  1 
ATOM   665  C CD  . GLN A 1 84  ? -36.601 -18.866 5.875   1.00 53.82 ? 82   GLN A CD  1 
ATOM   666  O OE1 . GLN A 1 84  ? -35.381 -18.750 6.046   1.00 56.72 ? 82   GLN A OE1 1 
ATOM   667  N NE2 . GLN A 1 84  ? -37.409 -19.342 6.826   1.00 56.86 ? 82   GLN A NE2 1 
ATOM   668  N N   . GLY A 1 85  ? -35.555 -19.370 0.183   1.00 45.81 ? 83   GLY A N   1 
ATOM   669  C CA  . GLY A 1 85  ? -35.428 -19.996 -1.122  1.00 45.08 ? 83   GLY A CA  1 
ATOM   670  C C   . GLY A 1 85  ? -34.014 -20.286 -1.567  1.00 44.33 ? 83   GLY A C   1 
ATOM   671  O O   . GLY A 1 85  ? -33.802 -21.002 -2.534  1.00 43.99 ? 83   GLY A O   1 
ATOM   672  N N   . GLY A 1 86  ? -33.028 -19.732 -0.886  1.00 43.67 ? 84   GLY A N   1 
ATOM   673  C CA  . GLY A 1 86  ? -31.650 -19.990 -1.270  1.00 43.34 ? 84   GLY A CA  1 
ATOM   674  C C   . GLY A 1 86  ? -30.683 -18.960 -0.769  1.00 42.60 ? 84   GLY A C   1 
ATOM   675  O O   . GLY A 1 86  ? -31.079 -17.947 -0.183  1.00 41.27 ? 84   GLY A O   1 
ATOM   676  N N   . SER A 1 87  ? -29.400 -19.230 -0.995  1.00 42.35 ? 85   SER A N   1 
ATOM   677  C CA  . SER A 1 87  ? -28.339 -18.298 -0.645  1.00 42.21 ? 85   SER A CA  1 
ATOM   678  C C   . SER A 1 87  ? -27.315 -18.270 -1.762  1.00 42.02 ? 85   SER A C   1 
ATOM   679  O O   . SER A 1 87  ? -26.979 -19.308 -2.330  1.00 41.67 ? 85   SER A O   1 
ATOM   680  C CB  . SER A 1 87  ? -27.663 -18.739 0.657   1.00 42.13 ? 85   SER A CB  1 
ATOM   681  O OG  . SER A 1 87  ? -26.715 -17.785 1.129   1.00 41.40 ? 85   SER A OG  1 
ATOM   682  N N   . VAL A 1 88  ? -26.801 -17.089 -2.062  1.00 42.80 ? 86   VAL A N   1 
ATOM   683  C CA  . VAL A 1 88  ? -25.788 -16.912 -3.113  1.00 43.06 ? 86   VAL A CA  1 
ATOM   684  C C   . VAL A 1 88  ? -24.866 -15.773 -2.725  1.00 43.74 ? 86   VAL A C   1 
ATOM   685  O O   . VAL A 1 88  ? -25.278 -14.856 -2.025  1.00 43.38 ? 86   VAL A O   1 
ATOM   686  C CB  . VAL A 1 88  ? -26.451 -16.653 -4.491  1.00 43.82 ? 86   VAL A CB  1 
ATOM   687  C CG1 . VAL A 1 88  ? -27.228 -15.337 -4.507  1.00 43.34 ? 86   VAL A CG1 1 
ATOM   688  C CG2 . VAL A 1 88  ? -25.427 -16.726 -5.625  1.00 43.86 ? 86   VAL A CG2 1 
ATOM   689  N N   . SER A 1 89  ? -23.612 -15.851 -3.141  1.00 44.31 ? 87   SER A N   1 
ATOM   690  C CA  . SER A 1 89  ? -22.695 -14.751 -2.918  1.00 44.83 ? 87   SER A CA  1 
ATOM   691  C C   . SER A 1 89  ? -22.128 -14.174 -4.204  1.00 44.53 ? 87   SER A C   1 
ATOM   692  O O   . SER A 1 89  ? -22.169 -14.769 -5.275  1.00 42.72 ? 87   SER A O   1 
ATOM   693  C CB  . SER A 1 89  ? -21.525 -15.156 -2.019  1.00 45.38 ? 87   SER A CB  1 
ATOM   694  O OG  . SER A 1 89  ? -20.776 -16.155 -2.649  1.00 48.34 ? 87   SER A OG  1 
ATOM   695  N N   . GLY A 1 90  ? -21.573 -12.993 -4.050  1.00 44.09 ? 88   GLY A N   1 
ATOM   696  C CA  . GLY A 1 90  ? -20.827 -12.353 -5.109  1.00 45.44 ? 88   GLY A CA  1 
ATOM   697  C C   . GLY A 1 90  ? -19.542 -11.907 -4.475  1.00 46.29 ? 88   GLY A C   1 
ATOM   698  O O   . GLY A 1 90  ? -19.435 -11.815 -3.254  1.00 45.58 ? 88   GLY A O   1 
ATOM   699  N N   . THR A 1 91  ? -18.562 -11.647 -5.319  1.00 47.73 ? 89   THR A N   1 
ATOM   700  C CA  . THR A 1 91  ? -17.230 -11.332 -4.850  1.00 48.98 ? 89   THR A CA  1 
ATOM   701  C C   . THR A 1 91  ? -16.649 -10.171 -5.687  1.00 48.70 ? 89   THR A C   1 
ATOM   702  O O   . THR A 1 91  ? -16.932 -10.045 -6.888  1.00 48.64 ? 89   THR A O   1 
ATOM   703  C CB  . THR A 1 91  ? -16.345 -12.602 -4.928  1.00 49.18 ? 89   THR A CB  1 
ATOM   704  O OG1 . THR A 1 91  ? -15.009 -12.288 -4.502  1.00 54.43 ? 89   THR A OG1 1 
ATOM   705  C CG2 . THR A 1 91  ? -16.285 -13.106 -6.323  1.00 51.27 ? 89   THR A CG2 1 
ATOM   706  N N   . ALA A 1 92  ? -15.855 -9.329  -5.031  1.00 48.53 ? 90   ALA A N   1 
ATOM   707  C CA  . ALA A 1 92  ? -15.114 -8.250  -5.690  1.00 48.76 ? 90   ALA A CA  1 
ATOM   708  C C   . ALA A 1 92  ? -13.764 -8.127  -5.001  1.00 48.59 ? 90   ALA A C   1 
ATOM   709  O O   . ALA A 1 92  ? -13.649 -8.384  -3.799  1.00 49.13 ? 90   ALA A O   1 
ATOM   710  C CB  . ALA A 1 92  ? -15.873 -6.923  -5.573  1.00 48.94 ? 90   ALA A CB  1 
ATOM   711  N N   . SER A 1 93  ? -12.754 -7.713  -5.745  1.00 48.80 ? 91   SER A N   1 
ATOM   712  C CA  . SER A 1 93  ? -11.477 -7.377  -5.152  1.00 48.70 ? 91   SER A CA  1 
ATOM   713  C C   . SER A 1 93  ? -11.381 -5.863  -5.009  1.00 48.66 ? 91   SER A C   1 
ATOM   714  O O   . SER A 1 93  ? -11.835 -5.105  -5.875  1.00 48.95 ? 91   SER A O   1 
ATOM   715  C CB  . SER A 1 93  ? -10.373 -7.872  -6.047  1.00 49.29 ? 91   SER A CB  1 
ATOM   716  O OG  . SER A 1 93  ? -10.388 -7.103  -7.232  1.00 52.05 ? 91   SER A OG  1 
ATOM   717  N N   . LEU A 1 94  ? -10.792 -5.432  -3.905  1.00 48.23 ? 92   LEU A N   1 
ATOM   718  C CA  . LEU A 1 94  ? -10.382 -4.070  -3.721  1.00 48.05 ? 92   LEU A CA  1 
ATOM   719  C C   . LEU A 1 94  ? -8.851  -4.010  -3.875  1.00 47.83 ? 92   LEU A C   1 
ATOM   720  O O   . LEU A 1 94  ? -8.128  -4.734  -3.205  1.00 47.40 ? 92   LEU A O   1 
ATOM   721  C CB  . LEU A 1 94  ? -10.783 -3.620  -2.330  1.00 47.90 ? 92   LEU A CB  1 
ATOM   722  C CG  . LEU A 1 94  ? -10.345 -2.216  -1.909  1.00 48.88 ? 92   LEU A CG  1 
ATOM   723  C CD1 . LEU A 1 94  ? -10.701 -1.134  -2.950  1.00 49.77 ? 92   LEU A CD1 1 
ATOM   724  C CD2 . LEU A 1 94  ? -10.951 -1.907  -0.554  1.00 47.98 ? 92   LEU A CD2 1 
ATOM   725  N N   . GLU A 1 95  ? -8.362  -3.183  -4.788  1.00 47.69 ? 93   GLU A N   1 
ATOM   726  C CA  . GLU A 1 95  ? -6.958  -2.910  -4.864  1.00 48.24 ? 93   GLU A CA  1 
ATOM   727  C C   . GLU A 1 95  ? -6.806  -1.467  -4.440  1.00 47.64 ? 93   GLU A C   1 
ATOM   728  O O   . GLU A 1 95  ? -7.640  -0.629  -4.757  1.00 46.81 ? 93   GLU A O   1 
ATOM   729  C CB  . GLU A 1 95  ? -6.437  -3.168  -6.275  1.00 48.61 ? 93   GLU A CB  1 
ATOM   730  C CG  . GLU A 1 95  ? -6.094  -4.651  -6.480  1.00 51.38 ? 93   GLU A CG  1 
ATOM   731  C CD  . GLU A 1 95  ? -6.497  -5.203  -7.839  1.00 52.69 ? 93   GLU A CD  1 
ATOM   732  O OE1 . GLU A 1 95  ? -5.966  -4.703  -8.873  1.00 57.71 ? 93   GLU A OE1 1 
ATOM   733  O OE2 . GLU A 1 95  ? -7.315  -6.173  -7.860  1.00 60.72 ? 93   GLU A OE2 1 
ATOM   734  N N   . VAL A 1 96  ? -5.761  -1.186  -3.679  1.00 47.73 ? 94   VAL A N   1 
ATOM   735  C CA  . VAL A 1 96  ? -5.580  0.136   -3.105  1.00 47.38 ? 94   VAL A CA  1 
ATOM   736  C C   . VAL A 1 96  ? -4.346  0.723   -3.727  1.00 47.21 ? 94   VAL A C   1 
ATOM   737  O O   . VAL A 1 96  ? -3.260  0.138   -3.663  1.00 46.17 ? 94   VAL A O   1 
ATOM   738  C CB  . VAL A 1 96  ? -5.470  0.109   -1.564  1.00 47.48 ? 94   VAL A CB  1 
ATOM   739  C CG1 . VAL A 1 96  ? -5.185  1.518   -1.023  1.00 45.95 ? 94   VAL A CG1 1 
ATOM   740  C CG2 . VAL A 1 96  ? -6.753  -0.482  -0.939  1.00 48.08 ? 94   VAL A CG2 1 
ATOM   741  N N   . GLU A 1 97  ? -4.529  1.882   -4.347  1.00 47.36 ? 95   GLU A N   1 
ATOM   742  C CA  . GLU A 1 97  ? -3.473  2.536   -5.084  1.00 47.78 ? 95   GLU A CA  1 
ATOM   743  C C   . GLU A 1 97  ? -2.723  3.417   -4.101  1.00 47.19 ? 95   GLU A C   1 
ATOM   744  O O   . GLU A 1 97  ? -3.322  4.243   -3.410  1.00 45.44 ? 95   GLU A O   1 
ATOM   745  C CB  . GLU A 1 97  ? -4.034  3.409   -6.215  1.00 48.31 ? 95   GLU A CB  1 
ATOM   746  C CG  . GLU A 1 97  ? -5.183  2.777   -7.026  1.00 49.42 ? 95   GLU A CG  1 
ATOM   747  C CD  . GLU A 1 97  ? -5.847  3.776   -7.969  1.00 50.35 ? 95   GLU A CD  1 
ATOM   748  O OE1 . GLU A 1 97  ? -5.923  4.991   -7.630  1.00 53.79 ? 95   GLU A OE1 1 
ATOM   749  O OE2 . GLU A 1 97  ? -6.270  3.347   -9.062  1.00 53.27 ? 95   GLU A OE2 1 
ATOM   750  N N   . VAL A 1 98  ? -1.417  3.208   -4.011  1.00 47.05 ? 96   VAL A N   1 
ATOM   751  C CA  . VAL A 1 98  ? -0.581  4.022   -3.132  1.00 47.31 ? 96   VAL A CA  1 
ATOM   752  C C   . VAL A 1 98  ? 0.542   4.558   -3.999  1.00 47.63 ? 96   VAL A C   1 
ATOM   753  O O   . VAL A 1 98  ? 1.349   3.776   -4.532  1.00 47.52 ? 96   VAL A O   1 
ATOM   754  C CB  . VAL A 1 98  ? 0.001   3.192   -1.967  1.00 47.74 ? 96   VAL A CB  1 
ATOM   755  C CG1 . VAL A 1 98  ? 0.782   4.091   -1.016  1.00 48.37 ? 96   VAL A CG1 1 
ATOM   756  C CG2 . VAL A 1 98  ? -1.110  2.413   -1.232  1.00 48.45 ? 96   VAL A CG2 1 
ATOM   757  N N   . PRO A 1 99  ? 0.581   5.876   -4.205  1.00 47.80 ? 97   PRO A N   1 
ATOM   758  C CA  . PRO A 1 99  ? 1.666   6.473   -4.986  1.00 47.75 ? 97   PRO A CA  1 
ATOM   759  C C   . PRO A 1 99  ? 3.033   6.146   -4.410  1.00 47.03 ? 97   PRO A C   1 
ATOM   760  O O   . PRO A 1 99  ? 3.170   6.054   -3.183  1.00 47.87 ? 97   PRO A O   1 
ATOM   761  C CB  . PRO A 1 99  ? 1.388   7.974   -4.856  1.00 48.08 ? 97   PRO A CB  1 
ATOM   762  C CG  . PRO A 1 99  ? -0.044  8.048   -4.643  1.00 47.94 ? 97   PRO A CG  1 
ATOM   763  C CD  . PRO A 1 99  ? -0.375  6.903   -3.758  1.00 48.05 ? 97   PRO A CD  1 
ATOM   764  N N   . ALA A 1 100 ? 4.036   5.968   -5.268  1.00 46.67 ? 98   ALA A N   1 
ATOM   765  C CA  . ALA A 1 100 ? 5.389   5.709   -4.766  1.00 46.29 ? 98   ALA A CA  1 
ATOM   766  C C   . ALA A 1 100 ? 5.830   6.901   -3.969  1.00 45.92 ? 98   ALA A C   1 
ATOM   767  O O   . ALA A 1 100 ? 5.695   8.029   -4.436  1.00 44.37 ? 98   ALA A O   1 
ATOM   768  C CB  . ALA A 1 100 ? 6.380   5.438   -5.902  1.00 46.51 ? 98   ALA A CB  1 
ATOM   769  N N   . LYS A 1 101 ? 6.391   6.661   -2.788  1.00 46.55 ? 99   LYS A N   1 
ATOM   770  C CA  . LYS A 1 101 ? 6.760   7.752   -1.907  1.00 46.94 ? 99   LYS A CA  1 
ATOM   771  C C   . LYS A 1 101 ? 7.923   7.339   -1.036  1.00 46.77 ? 99   LYS A C   1 
ATOM   772  O O   . LYS A 1 101 ? 7.961   6.234   -0.526  1.00 47.70 ? 99   LYS A O   1 
ATOM   773  C CB  . LYS A 1 101 ? 5.543   8.175   -1.058  1.00 47.92 ? 99   LYS A CB  1 
ATOM   774  C CG  . LYS A 1 101 ? 5.766   9.376   -0.145  1.00 49.50 ? 99   LYS A CG  1 
ATOM   775  C CD  . LYS A 1 101 ? 5.772   10.701  -0.884  1.00 54.25 ? 99   LYS A CD  1 
ATOM   776  C CE  . LYS A 1 101 ? 6.390   11.879  -0.013  1.00 55.31 ? 99   LYS A CE  1 
ATOM   777  N NZ  . LYS A 1 101 ? 7.898   11.889  0.049   1.00 54.21 ? 99   LYS A NZ  1 
ATOM   778  N N   . ILE A 1 102 ? 8.889   8.230   -0.908  1.00 47.13 ? 100  ILE A N   1 
ATOM   779  C CA  . ILE A 1 102 ? 10.043  8.022   -0.037  1.00 47.46 ? 100  ILE A CA  1 
ATOM   780  C C   . ILE A 1 102 ? 9.762   8.788   1.253   1.00 47.77 ? 100  ILE A C   1 
ATOM   781  O O   . ILE A 1 102 ? 9.331   9.931   1.194   1.00 48.01 ? 100  ILE A O   1 
ATOM   782  C CB  . ILE A 1 102 ? 11.334  8.586   -0.658  1.00 47.14 ? 100  ILE A CB  1 
ATOM   783  C CG1 . ILE A 1 102 ? 11.737  7.822   -1.906  1.00 45.89 ? 100  ILE A CG1 1 
ATOM   784  C CG2 . ILE A 1 102 ? 12.466  8.551   0.351   1.00 47.45 ? 100  ILE A CG2 1 
ATOM   785  C CD1 . ILE A 1 102 ? 11.891  6.342   -1.703  1.00 46.73 ? 100  ILE A CD1 1 
ATOM   786  N N   . HIS A 1 103 ? 9.998   8.147   2.391   1.00 47.63 ? 101  HIS A N   1 
ATOM   787  C CA  . HIS A 1 103 ? 9.702   8.722   3.709   1.00 48.04 ? 101  HIS A CA  1 
ATOM   788  C C   . HIS A 1 103 ? 10.966  8.833   4.529   1.00 48.85 ? 101  HIS A C   1 
ATOM   789  O O   . HIS A 1 103 ? 11.353  7.879   5.205   1.00 51.04 ? 101  HIS A O   1 
ATOM   790  C CB  . HIS A 1 103 ? 8.758   7.822   4.496   1.00 48.34 ? 101  HIS A CB  1 
ATOM   791  C CG  . HIS A 1 103 ? 7.498   7.475   3.772   1.00 47.59 ? 101  HIS A CG  1 
ATOM   792  N ND1 . HIS A 1 103 ? 6.525   8.402   3.495   1.00 50.17 ? 101  HIS A ND1 1 
ATOM   793  C CD2 . HIS A 1 103 ? 7.046   6.294   3.284   1.00 51.02 ? 101  HIS A CD2 1 
ATOM   794  C CE1 . HIS A 1 103 ? 5.529   7.811   2.850   1.00 50.78 ? 101  HIS A CE1 1 
ATOM   795  N NE2 . HIS A 1 103 ? 5.826   6.534   2.709   1.00 48.69 ? 101  HIS A NE2 1 
ATOM   796  N N   . LEU A 1 104 ? 11.592  9.998   4.517   1.00 48.66 ? 102  LEU A N   1 
ATOM   797  C CA  . LEU A 1 104 ? 12.778  10.243  5.346   1.00 47.59 ? 102  LEU A CA  1 
ATOM   798  C C   . LEU A 1 104 ? 12.382  10.448  6.804   1.00 46.74 ? 102  LEU A C   1 
ATOM   799  O O   . LEU A 1 104 ? 11.691  11.421  7.136   1.00 46.54 ? 102  LEU A O   1 
ATOM   800  C CB  . LEU A 1 104 ? 13.515  11.475  4.855   1.00 47.98 ? 102  LEU A CB  1 
ATOM   801  C CG  . LEU A 1 104 ? 14.151  11.458  3.472   1.00 50.04 ? 102  LEU A CG  1 
ATOM   802  C CD1 . LEU A 1 104 ? 14.851  12.823  3.248   1.00 51.03 ? 102  LEU A CD1 1 
ATOM   803  C CD2 . LEU A 1 104 ? 15.092  10.278  3.274   1.00 53.42 ? 102  LEU A CD2 1 
ATOM   804  N N   . PRO A 1 105 ? 12.821  9.556   7.703   1.00 45.81 ? 103  PRO A N   1 
ATOM   805  C CA  . PRO A 1 105 ? 12.504  9.771   9.111   1.00 45.69 ? 103  PRO A CA  1 
ATOM   806  C C   . PRO A 1 105 ? 13.023  11.102  9.679   1.00 44.96 ? 103  PRO A C   1 
ATOM   807  O O   . PRO A 1 105 ? 12.303  11.822  10.380  1.00 41.58 ? 103  PRO A O   1 
ATOM   808  C CB  . PRO A 1 105 ? 13.192  8.599   9.794   1.00 46.14 ? 103  PRO A CB  1 
ATOM   809  C CG  . PRO A 1 105 ? 13.311  7.558   8.750   1.00 46.06 ? 103  PRO A CG  1 
ATOM   810  C CD  . PRO A 1 105 ? 13.565  8.305   7.496   1.00 46.84 ? 103  PRO A CD  1 
ATOM   811  N N   . LYS A 1 106 ? 14.272  11.428  9.360   1.00 46.20 ? 104  LYS A N   1 
ATOM   812  C CA  . LYS A 1 106 ? 14.912  12.664  9.878   1.00 46.74 ? 104  LYS A CA  1 
ATOM   813  C C   . LYS A 1 106 ? 15.582  13.413  8.753   1.00 45.86 ? 104  LYS A C   1 
ATOM   814  O O   . LYS A 1 106 ? 16.272  12.810  7.946   1.00 46.10 ? 104  LYS A O   1 
ATOM   815  C CB  . LYS A 1 106 ? 15.994  12.333  10.885  1.00 47.72 ? 104  LYS A CB  1 
ATOM   816  C CG  . LYS A 1 106 ? 15.552  11.635  12.112  1.00 50.18 ? 104  LYS A CG  1 
ATOM   817  C CD  . LYS A 1 106 ? 16.693  11.619  13.128  1.00 50.46 ? 104  LYS A CD  1 
ATOM   818  C CE  . LYS A 1 106 ? 16.702  12.871  13.988  1.00 53.53 ? 104  LYS A CE  1 
ATOM   819  N NZ  . LYS A 1 106 ? 18.058  13.087  14.636  1.00 54.52 ? 104  LYS A NZ  1 
ATOM   820  N N   . THR A 1 107 ? 15.410  14.726  8.714   1.00 45.23 ? 105  THR A N   1 
ATOM   821  C CA  . THR A 1 107 ? 16.046  15.539  7.703   1.00 45.03 ? 105  THR A CA  1 
ATOM   822  C C   . THR A 1 107 ? 16.777  16.722  8.305   1.00 44.89 ? 105  THR A C   1 
ATOM   823  O O   . THR A 1 107 ? 16.388  17.278  9.337   1.00 43.28 ? 105  THR A O   1 
ATOM   824  C CB  . THR A 1 107 ? 15.048  16.095  6.679   1.00 45.26 ? 105  THR A CB  1 
ATOM   825  O OG1 . THR A 1 107 ? 14.170  17.010  7.314   1.00 45.61 ? 105  THR A OG1 1 
ATOM   826  C CG2 . THR A 1 107 ? 14.243  15.022  6.078   1.00 44.09 ? 105  THR A CG2 1 
ATOM   827  N N   . LEU A 1 108 ? 17.855  17.091  7.638   1.00 45.19 ? 106  LEU A N   1 
ATOM   828  C CA  . LEU A 1 108 ? 18.592  18.285  7.944   1.00 46.22 ? 106  LEU A CA  1 
ATOM   829  C C   . LEU A 1 108 ? 18.666  19.039  6.625   1.00 46.42 ? 106  LEU A C   1 
ATOM   830  O O   . LEU A 1 108 ? 19.154  18.512  5.634   1.00 45.44 ? 106  LEU A O   1 
ATOM   831  C CB  . LEU A 1 108 ? 19.986  17.923  8.454   1.00 46.18 ? 106  LEU A CB  1 
ATOM   832  C CG  . LEU A 1 108 ? 20.939  19.094  8.716   1.00 46.13 ? 106  LEU A CG  1 
ATOM   833  C CD1 . LEU A 1 108 ? 20.359  20.166  9.658   1.00 47.90 ? 106  LEU A CD1 1 
ATOM   834  C CD2 . LEU A 1 108 ? 22.257  18.532  9.247   1.00 46.85 ? 106  LEU A CD2 1 
ATOM   835  N N   . GLU A 1 109 ? 18.126  20.247  6.601   1.00 47.28 ? 107  GLU A N   1 
ATOM   836  C CA  . GLU A 1 109 ? 18.093  21.042  5.378   1.00 48.36 ? 107  GLU A CA  1 
ATOM   837  C C   . GLU A 1 109 ? 17.429  20.320  4.202   1.00 48.43 ? 107  GLU A C   1 
ATOM   838  O O   . GLU A 1 109 ? 17.905  20.373  3.084   1.00 49.30 ? 107  GLU A O   1 
ATOM   839  C CB  . GLU A 1 109 ? 19.519  21.505  5.034   1.00 49.30 ? 107  GLU A CB  1 
ATOM   840  C CG  . GLU A 1 109 ? 20.000  22.629  5.953   1.00 51.68 ? 107  GLU A CG  1 
ATOM   841  C CD  . GLU A 1 109 ? 19.458  24.005  5.531   1.00 56.00 ? 107  GLU A CD  1 
ATOM   842  O OE1 . GLU A 1 109 ? 19.842  24.465  4.423   1.00 59.90 ? 107  GLU A OE1 1 
ATOM   843  O OE2 . GLU A 1 109 ? 18.677  24.639  6.297   1.00 56.10 ? 107  GLU A OE2 1 
ATOM   844  N N   . GLY A 1 110 ? 16.329  19.632  4.468   1.00 48.14 ? 108  GLY A N   1 
ATOM   845  C CA  . GLY A 1 110 ? 15.574  18.951  3.416   1.00 48.80 ? 108  GLY A CA  1 
ATOM   846  C C   . GLY A 1 110 ? 16.128  17.630  2.949   1.00 48.86 ? 108  GLY A C   1 
ATOM   847  O O   . GLY A 1 110 ? 15.510  16.948  2.132   1.00 50.44 ? 108  GLY A O   1 
ATOM   848  N N   . MET A 1 111 ? 17.277  17.236  3.483   1.00 48.92 ? 109  MET A N   1 
ATOM   849  C CA  . MET A 1 111 ? 17.918  16.002  3.081   1.00 48.82 ? 109  MET A CA  1 
ATOM   850  C C   . MET A 1 111 ? 18.132  15.121  4.282   1.00 47.91 ? 109  MET A C   1 
ATOM   851  O O   . MET A 1 111 ? 18.244  15.593  5.412   1.00 47.77 ? 109  MET A O   1 
ATOM   852  C CB  . MET A 1 111 ? 19.276  16.307  2.465   1.00 48.69 ? 109  MET A CB  1 
ATOM   853  C CG  . MET A 1 111 ? 19.216  17.063  1.187   1.00 49.43 ? 109  MET A CG  1 
ATOM   854  S SD  . MET A 1 111 ? 20.903  17.370  0.578   1.00 52.45 ? 109  MET A SD  1 
ATOM   855  C CE  . MET A 1 111 ? 21.455  18.592  1.745   1.00 51.09 ? 109  MET A CE  1 
ATOM   856  N N   . GLY A 1 112 ? 18.197  13.826  4.031   1.00 47.78 ? 110  GLY A N   1 
ATOM   857  C CA  . GLY A 1 112 ? 18.712  12.909  5.014   1.00 48.31 ? 110  GLY A CA  1 
ATOM   858  C C   . GLY A 1 112 ? 20.127  13.325  5.370   1.00 48.49 ? 110  GLY A C   1 
ATOM   859  O O   . GLY A 1 112 ? 20.789  14.026  4.607   1.00 47.96 ? 110  GLY A O   1 
ATOM   860  N N   . ALA A 1 113 ? 20.573  12.888  6.540   1.00 49.02 ? 111  ALA A N   1 
ATOM   861  C CA  . ALA A 1 113 ? 21.926  13.110  6.989   1.00 49.01 ? 111  ALA A CA  1 
ATOM   862  C C   . ALA A 1 113 ? 22.384  11.885  7.751   1.00 49.71 ? 111  ALA A C   1 
ATOM   863  O O   . ALA A 1 113 ? 21.741  11.455  8.707   1.00 50.20 ? 111  ALA A O   1 
ATOM   864  C CB  . ALA A 1 113 ? 21.982  14.304  7.881   1.00 48.14 ? 111  ALA A CB  1 
ATOM   865  N N   . VAL A 1 114 ? 23.522  11.351  7.335   1.00 49.72 ? 112  VAL A N   1 
ATOM   866  C CA  . VAL A 1 114 ? 24.179  10.260  8.037   1.00 49.61 ? 112  VAL A CA  1 
ATOM   867  C C   . VAL A 1 114 ? 25.589  10.742  8.333   1.00 49.76 ? 112  VAL A C   1 
ATOM   868  O O   . VAL A 1 114 ? 26.279  11.219  7.445   1.00 50.00 ? 112  VAL A O   1 
ATOM   869  C CB  . VAL A 1 114 ? 24.175  8.954   7.204   1.00 49.46 ? 112  VAL A CB  1 
ATOM   870  C CG1 . VAL A 1 114 ? 24.949  7.858   7.926   1.00 47.42 ? 112  VAL A CG1 1 
ATOM   871  C CG2 . VAL A 1 114 ? 22.736  8.506   6.943   1.00 48.71 ? 112  VAL A CG2 1 
ATOM   872  N N   . HIS A 1 115 ? 25.980  10.661  9.596   1.00 50.53 ? 113  HIS A N   1 
ATOM   873  C CA  . HIS A 1 115 ? 27.305  11.078  10.033  1.00 51.15 ? 113  HIS A CA  1 
ATOM   874  C C   . HIS A 1 115 ? 28.042  9.799   10.417  1.00 51.42 ? 113  HIS A C   1 
ATOM   875  O O   . HIS A 1 115 ? 27.643  9.092   11.345  1.00 52.10 ? 113  HIS A O   1 
ATOM   876  C CB  . HIS A 1 115 ? 27.173  12.062  11.199  1.00 52.23 ? 113  HIS A CB  1 
ATOM   877  C CG  . HIS A 1 115 ? 26.148  13.123  10.955  1.00 54.47 ? 113  HIS A CG  1 
ATOM   878  N ND1 . HIS A 1 115 ? 26.280  14.066  9.958   1.00 57.16 ? 113  HIS A ND1 1 
ATOM   879  C CD2 . HIS A 1 115 ? 24.940  13.349  11.527  1.00 57.12 ? 113  HIS A CD2 1 
ATOM   880  C CE1 . HIS A 1 115 ? 25.213  14.844  9.947   1.00 58.29 ? 113  HIS A CE1 1 
ATOM   881  N NE2 . HIS A 1 115 ? 24.387  14.434  10.893  1.00 57.37 ? 113  HIS A NE2 1 
ATOM   882  N N   . ALA A 1 116 ? 29.083  9.468   9.668   1.00 50.87 ? 114  ALA A N   1 
ATOM   883  C CA  . ALA A 1 116 ? 29.770  8.206   9.866   1.00 50.92 ? 114  ALA A CA  1 
ATOM   884  C C   . ALA A 1 116 ? 31.224  8.444   10.221  1.00 50.75 ? 114  ALA A C   1 
ATOM   885  O O   . ALA A 1 116 ? 31.761  9.511   9.965   1.00 50.56 ? 114  ALA A O   1 
ATOM   886  C CB  . ALA A 1 116 ? 29.661  7.344   8.604   1.00 50.48 ? 114  ALA A CB  1 
ATOM   887  N N   . LEU A 1 117 ? 31.841  7.432   10.822  1.00 51.07 ? 115  LEU A N   1 
ATOM   888  C CA  . LEU A 1 117 ? 33.274  7.415   11.051  1.00 51.38 ? 115  LEU A CA  1 
ATOM   889  C C   . LEU A 1 117 ? 33.928  6.416   10.090  1.00 51.32 ? 115  LEU A C   1 
ATOM   890  O O   . LEU A 1 117 ? 33.299  5.430   9.706   1.00 50.60 ? 115  LEU A O   1 
ATOM   891  C CB  . LEU A 1 117 ? 33.560  6.993   12.486  1.00 51.93 ? 115  LEU A CB  1 
ATOM   892  C CG  . LEU A 1 117 ? 33.082  7.923   13.600  1.00 53.51 ? 115  LEU A CG  1 
ATOM   893  C CD1 . LEU A 1 117 ? 33.469  7.302   14.935  1.00 54.77 ? 115  LEU A CD1 1 
ATOM   894  C CD2 . LEU A 1 117 ? 33.662  9.340   13.480  1.00 54.70 ? 115  LEU A CD2 1 
ATOM   895  N N   . ARG A 1 118 ? 35.179  6.669   9.706   1.00 50.98 ? 116  ARG A N   1 
ATOM   896  C CA  . ARG A 1 118 ? 35.888  5.769   8.819   1.00 51.39 ? 116  ARG A CA  1 
ATOM   897  C C   . ARG A 1 118 ? 35.811  4.348   9.333   1.00 50.76 ? 116  ARG A C   1 
ATOM   898  O O   . ARG A 1 118 ? 36.023  4.101   10.528  1.00 49.89 ? 116  ARG A O   1 
ATOM   899  C CB  . ARG A 1 118 ? 37.363  6.136   8.715   1.00 51.78 ? 116  ARG A CB  1 
ATOM   900  C CG  . ARG A 1 118 ? 37.673  7.235   7.736   1.00 53.20 ? 116  ARG A CG  1 
ATOM   901  C CD  . ARG A 1 118 ? 39.161  7.551   7.809   1.00 54.42 ? 116  ARG A CD  1 
ATOM   902  N NE  . ARG A 1 118 ? 39.974  6.776   6.864   1.00 57.14 ? 116  ARG A NE  1 
ATOM   903  C CZ  . ARG A 1 118 ? 41.272  6.503   7.019   1.00 58.26 ? 116  ARG A CZ  1 
ATOM   904  N NH1 . ARG A 1 118 ? 41.938  6.893   8.112   1.00 58.46 ? 116  ARG A NH1 1 
ATOM   905  N NH2 . ARG A 1 118 ? 41.910  5.810   6.081   1.00 58.09 ? 116  ARG A NH2 1 
ATOM   906  N N   . GLY A 1 119 ? 35.522  3.424   8.417   1.00 50.04 ? 117  GLY A N   1 
ATOM   907  C CA  . GLY A 1 119 ? 35.453  2.006   8.730   1.00 50.38 ? 117  GLY A CA  1 
ATOM   908  C C   . GLY A 1 119 ? 34.122  1.520   9.256   1.00 50.10 ? 117  GLY A C   1 
ATOM   909  O O   . GLY A 1 119 ? 33.908  0.325   9.382   1.00 50.10 ? 117  GLY A O   1 
ATOM   910  N N   . GLU A 1 120 ? 33.212  2.440   9.549   1.00 50.15 ? 118  GLU A N   1 
ATOM   911  C CA  . GLU A 1 120 ? 31.900  2.084   10.047  1.00 50.18 ? 118  GLU A CA  1 
ATOM   912  C C   . GLU A 1 120 ? 31.072  1.450   8.922   1.00 49.26 ? 118  GLU A C   1 
ATOM   913  O O   . GLU A 1 120 ? 31.024  1.981   7.818   1.00 48.82 ? 118  GLU A O   1 
ATOM   914  C CB  . GLU A 1 120 ? 31.208  3.350   10.549  1.00 50.24 ? 118  GLU A CB  1 
ATOM   915  C CG  . GLU A 1 120 ? 29.855  3.127   11.169  1.00 51.45 ? 118  GLU A CG  1 
ATOM   916  C CD  . GLU A 1 120 ? 29.226  4.421   11.649  1.00 52.80 ? 118  GLU A CD  1 
ATOM   917  O OE1 . GLU A 1 120 ? 29.989  5.374   11.955  1.00 54.35 ? 118  GLU A OE1 1 
ATOM   918  O OE2 . GLU A 1 120 ? 27.969  4.473   11.725  1.00 57.31 ? 118  GLU A OE2 1 
ATOM   919  N N   . VAL A 1 121 ? 30.440  0.314   9.202   1.00 49.02 ? 119  VAL A N   1 
ATOM   920  C CA  . VAL A 1 121 ? 29.560  -0.320  8.229   1.00 48.83 ? 119  VAL A CA  1 
ATOM   921  C C   . VAL A 1 121 ? 28.227  0.415   8.287   1.00 49.21 ? 119  VAL A C   1 
ATOM   922  O O   . VAL A 1 121 ? 27.358  0.128   9.114   1.00 50.76 ? 119  VAL A O   1 
ATOM   923  C CB  . VAL A 1 121 ? 29.375  -1.819  8.496   1.00 48.71 ? 119  VAL A CB  1 
ATOM   924  C CG1 . VAL A 1 121 ? 28.416  -2.393  7.499   1.00 47.95 ? 119  VAL A CG1 1 
ATOM   925  C CG2 . VAL A 1 121 ? 30.733  -2.565  8.435   1.00 47.51 ? 119  VAL A CG2 1 
ATOM   926  N N   . VAL A 1 122 ? 28.076  1.373   7.388   1.00 48.83 ? 120  VAL A N   1 
ATOM   927  C CA  . VAL A 1 122 ? 26.926  2.235   7.345   1.00 48.11 ? 120  VAL A CA  1 
ATOM   928  C C   . VAL A 1 122 ? 25.796  1.642   6.509   1.00 48.07 ? 120  VAL A C   1 
ATOM   929  O O   . VAL A 1 122 ? 26.036  1.063   5.447   1.00 46.07 ? 120  VAL A O   1 
ATOM   930  C CB  . VAL A 1 122 ? 27.367  3.608   6.769   1.00 48.83 ? 120  VAL A CB  1 
ATOM   931  C CG1 . VAL A 1 122 ? 26.173  4.425   6.286   1.00 47.30 ? 120  VAL A CG1 1 
ATOM   932  C CG2 . VAL A 1 122 ? 28.213  4.361   7.821   1.00 47.78 ? 120  VAL A CG2 1 
ATOM   933  N N   . SER A 1 123 ? 24.565  1.779   7.014   1.00 47.65 ? 121  SER A N   1 
ATOM   934  C CA  . SER A 1 123 ? 23.348  1.563   6.228   1.00 48.04 ? 121  SER A CA  1 
ATOM   935  C C   . SER A 1 123 ? 22.529  2.845   6.186   1.00 47.96 ? 121  SER A C   1 
ATOM   936  O O   . SER A 1 123 ? 22.256  3.458   7.225   1.00 48.96 ? 121  SER A O   1 
ATOM   937  C CB  . SER A 1 123 ? 22.503  0.461   6.835   1.00 47.64 ? 121  SER A CB  1 
ATOM   938  O OG  . SER A 1 123 ? 23.250  -0.743  6.922   1.00 51.24 ? 121  SER A OG  1 
ATOM   939  N N   . ILE A 1 124 ? 22.188  3.282   4.986   1.00 47.65 ? 122  ILE A N   1 
ATOM   940  C CA  . ILE A 1 124 ? 21.273  4.408   4.831   1.00 47.70 ? 122  ILE A CA  1 
ATOM   941  C C   . ILE A 1 124 ? 19.907  3.786   4.585   1.00 47.57 ? 122  ILE A C   1 
ATOM   942  O O   . ILE A 1 124 ? 19.632  3.325   3.476   1.00 47.15 ? 122  ILE A O   1 
ATOM   943  C CB  . ILE A 1 124 ? 21.683  5.337   3.674   1.00 47.49 ? 122  ILE A CB  1 
ATOM   944  C CG1 . ILE A 1 124 ? 23.163  5.745   3.803   1.00 46.54 ? 122  ILE A CG1 1 
ATOM   945  C CG2 . ILE A 1 124 ? 20.772  6.556   3.665   1.00 47.08 ? 122  ILE A CG2 1 
ATOM   946  C CD1 . ILE A 1 124 ? 23.671  6.621   2.694   1.00 47.50 ? 122  ILE A CD1 1 
ATOM   947  N N   . LYS A 1 125 ? 19.090  3.735   5.635   1.00 48.16 ? 123  LYS A N   1 
ATOM   948  C CA  . LYS A 1 125 ? 17.827  2.994   5.637   1.00 48.46 ? 123  LYS A CA  1 
ATOM   949  C C   . LYS A 1 125 ? 16.669  3.937   5.350   1.00 48.22 ? 123  LYS A C   1 
ATOM   950  O O   . LYS A 1 125 ? 16.432  4.882   6.110   1.00 49.01 ? 123  LYS A O   1 
ATOM   951  C CB  . LYS A 1 125 ? 17.610  2.285   6.972   1.00 49.17 ? 123  LYS A CB  1 
ATOM   952  C CG  . LYS A 1 125 ? 16.368  1.375   7.002   1.00 49.38 ? 123  LYS A CG  1 
ATOM   953  C CD  . LYS A 1 125 ? 16.195  0.644   8.321   1.00 50.16 ? 123  LYS A CD  1 
ATOM   954  C CE  . LYS A 1 125 ? 14.977  -0.276  8.287   1.00 51.25 ? 123  LYS A CE  1 
ATOM   955  N NZ  . LYS A 1 125 ? 14.822  -1.137  9.520   1.00 50.44 ? 123  LYS A NZ  1 
ATOM   956  N N   . ILE A 1 126 ? 15.951  3.676   4.263   1.00 47.48 ? 124  ILE A N   1 
ATOM   957  C CA  . ILE A 1 126 ? 14.937  4.579   3.761   1.00 47.50 ? 124  ILE A CA  1 
ATOM   958  C C   . ILE A 1 126 ? 13.592  3.870   3.605   1.00 47.68 ? 124  ILE A C   1 
ATOM   959  O O   . ILE A 1 126 ? 13.439  3.014   2.708   1.00 47.40 ? 124  ILE A O   1 
ATOM   960  C CB  . ILE A 1 126 ? 15.303  5.150   2.385   1.00 47.78 ? 124  ILE A CB  1 
ATOM   961  C CG1 . ILE A 1 126 ? 16.701  5.788   2.391   1.00 48.93 ? 124  ILE A CG1 1 
ATOM   962  C CG2 . ILE A 1 126 ? 14.319  6.252   2.024   1.00 47.69 ? 124  ILE A CG2 1 
ATOM   963  C CD1 . ILE A 1 126 ? 16.807  6.999   3.319   1.00 46.50 ? 124  ILE A CD1 1 
ATOM   964  N N   . PRO A 1 127 ? 12.621  4.194   4.475   1.00 46.43 ? 125  PRO A N   1 
ATOM   965  C CA  . PRO A 1 127 ? 11.290  3.630   4.272   1.00 46.20 ? 125  PRO A CA  1 
ATOM   966  C C   . PRO A 1 127 ? 10.643  4.178   3.016   1.00 45.40 ? 125  PRO A C   1 
ATOM   967  O O   . PRO A 1 127 ? 10.890  5.322   2.636   1.00 44.80 ? 125  PRO A O   1 
ATOM   968  C CB  . PRO A 1 127 ? 10.516  4.078   5.510   1.00 46.79 ? 125  PRO A CB  1 
ATOM   969  C CG  . PRO A 1 127 ? 11.520  4.600   6.446   1.00 46.38 ? 125  PRO A CG  1 
ATOM   970  C CD  . PRO A 1 127 ? 12.669  5.051   5.664   1.00 47.14 ? 125  PRO A CD  1 
ATOM   971  N N   . PHE A 1 128 ? 9.829   3.366   2.358   1.00 46.04 ? 126  PHE A N   1 
ATOM   972  C CA  . PHE A 1 128 ? 9.048   3.855   1.242   1.00 46.08 ? 126  PHE A CA  1 
ATOM   973  C C   . PHE A 1 128 ? 7.683   3.183   1.173   1.00 45.83 ? 126  PHE A C   1 
ATOM   974  O O   . PHE A 1 128 ? 7.449   2.151   1.774   1.00 44.45 ? 126  PHE A O   1 
ATOM   975  C CB  . PHE A 1 128 ? 9.807   3.630   -0.062  1.00 46.97 ? 126  PHE A CB  1 
ATOM   976  C CG  . PHE A 1 128 ? 9.983   2.212   -0.393  1.00 46.41 ? 126  PHE A CG  1 
ATOM   977  C CD1 . PHE A 1 128 ? 8.991   1.523   -1.035  1.00 47.15 ? 126  PHE A CD1 1 
ATOM   978  C CD2 . PHE A 1 128 ? 11.135  1.538   -0.032  1.00 48.91 ? 126  PHE A CD2 1 
ATOM   979  C CE1 . PHE A 1 128 ? 9.131   0.219   -1.328  1.00 48.28 ? 126  PHE A CE1 1 
ATOM   980  C CE2 . PHE A 1 128 ? 11.271  0.197   -0.328  1.00 49.68 ? 126  PHE A CE2 1 
ATOM   981  C CZ  . PHE A 1 128 ? 10.284  -0.457  -0.956  1.00 48.71 ? 126  PHE A CZ  1 
ATOM   982  N N   . SER A 1 129 ? 6.782   3.808   0.425   1.00 46.58 ? 127  SER A N   1 
ATOM   983  C CA  . SER A 1 129 ? 5.458   3.262   0.176   1.00 46.54 ? 127  SER A CA  1 
ATOM   984  C C   . SER A 1 129 ? 5.262   3.174   -1.329  1.00 46.13 ? 127  SER A C   1 
ATOM   985  O O   . SER A 1 129 ? 5.952   3.845   -2.104  1.00 45.19 ? 127  SER A O   1 
ATOM   986  C CB  . SER A 1 129 ? 4.395   4.198   0.757   1.00 47.31 ? 127  SER A CB  1 
ATOM   987  O OG  . SER A 1 129 ? 4.571   4.383   2.155   1.00 49.84 ? 127  SER A OG  1 
ATOM   988  N N   . GLY A 1 130 ? 4.305   2.354   -1.734  1.00 46.43 ? 128  GLY A N   1 
ATOM   989  C CA  . GLY A 1 130 ? 3.907   2.296   -3.130  1.00 46.62 ? 128  GLY A CA  1 
ATOM   990  C C   . GLY A 1 130 ? 3.193   1.008   -3.442  1.00 46.15 ? 128  GLY A C   1 
ATOM   991  O O   . GLY A 1 130 ? 3.654   -0.055  -3.071  1.00 46.21 ? 128  GLY A O   1 
ATOM   992  N N   . LYS A 1 131 ? 2.049   1.111   -4.092  1.00 46.39 ? 129  LYS A N   1 
ATOM   993  C CA  . LYS A 1 131 ? 1.309   -0.060  -4.555  1.00 46.66 ? 129  LYS A CA  1 
ATOM   994  C C   . LYS A 1 131 ? 0.748   0.364   -5.898  1.00 46.31 ? 129  LYS A C   1 
ATOM   995  O O   . LYS A 1 131 ? -0.027  1.321   -5.956  1.00 45.30 ? 129  LYS A O   1 
ATOM   996  C CB  . LYS A 1 131 ? 0.166   -0.436  -3.590  1.00 47.64 ? 129  LYS A CB  1 
ATOM   997  C CG  . LYS A 1 131 ? 0.614   -0.943  -2.217  1.00 49.37 ? 129  LYS A CG  1 
ATOM   998  C CD  . LYS A 1 131 ? 1.101   -2.381  -2.254  1.00 53.00 ? 129  LYS A CD  1 
ATOM   999  C CE  . LYS A 1 131 ? 2.141   -2.638  -1.158  1.00 53.49 ? 129  LYS A CE  1 
ATOM   1000 N NZ  . LYS A 1 131 ? 2.418   -4.096  -1.083  1.00 55.86 ? 129  LYS A NZ  1 
ATOM   1001 N N   . PRO A 1 132 ? 1.149   -0.315  -6.986  1.00 46.06 ? 130  PRO A N   1 
ATOM   1002 C CA  . PRO A 1 132 ? 2.067   -1.426  -7.097  1.00 46.19 ? 130  PRO A CA  1 
ATOM   1003 C C   . PRO A 1 132 ? 3.416   -1.171  -6.467  1.00 45.96 ? 130  PRO A C   1 
ATOM   1004 O O   . PRO A 1 132 ? 3.856   -0.034  -6.396  1.00 46.38 ? 130  PRO A O   1 
ATOM   1005 C CB  . PRO A 1 132 ? 2.211   -1.605  -8.615  1.00 46.31 ? 130  PRO A CB  1 
ATOM   1006 C CG  . PRO A 1 132 ? 0.987   -1.166  -9.157  1.00 46.05 ? 130  PRO A CG  1 
ATOM   1007 C CD  . PRO A 1 132 ? 0.571   0.010   -8.294  1.00 46.36 ? 130  PRO A CD  1 
ATOM   1008 N N   . ASP A 1 133 ? 4.065   -2.230  -6.003  1.00 46.14 ? 131  ASP A N   1 
ATOM   1009 C CA  . ASP A 1 133 ? 5.368   -2.109  -5.359  1.00 46.41 ? 131  ASP A CA  1 
ATOM   1010 C C   . ASP A 1 133 ? 6.273   -1.335  -6.312  1.00 45.74 ? 131  ASP A C   1 
ATOM   1011 O O   . ASP A 1 133 ? 6.327   -1.646  -7.500  1.00 45.50 ? 131  ASP A O   1 
ATOM   1012 C CB  . ASP A 1 133 ? 5.976   -3.490  -5.049  1.00 47.58 ? 131  ASP A CB  1 
ATOM   1013 C CG  . ASP A 1 133 ? 5.164   -4.300  -4.021  1.00 50.73 ? 131  ASP A CG  1 
ATOM   1014 O OD1 . ASP A 1 133 ? 4.209   -3.763  -3.423  1.00 56.76 ? 131  ASP A OD1 1 
ATOM   1015 O OD2 . ASP A 1 133 ? 5.486   -5.485  -3.799  1.00 55.50 ? 131  ASP A OD2 1 
ATOM   1016 N N   . PRO A 1 134 ? 6.938   -0.284  -5.811  1.00 45.54 ? 132  PRO A N   1 
ATOM   1017 C CA  . PRO A 1 134 ? 7.716   0.582   -6.674  1.00 45.85 ? 132  PRO A CA  1 
ATOM   1018 C C   . PRO A 1 134 ? 9.106   0.050   -7.051  1.00 46.47 ? 132  PRO A C   1 
ATOM   1019 O O   . PRO A 1 134 ? 9.670   -0.801  -6.361  1.00 47.09 ? 132  PRO A O   1 
ATOM   1020 C CB  . PRO A 1 134 ? 7.836   1.852   -5.850  1.00 45.81 ? 132  PRO A CB  1 
ATOM   1021 C CG  . PRO A 1 134 ? 7.857   1.378   -4.480  1.00 45.38 ? 132  PRO A CG  1 
ATOM   1022 C CD  . PRO A 1 134 ? 6.971   0.184   -4.420  1.00 45.19 ? 132  PRO A CD  1 
ATOM   1023 N N   . VAL A 1 135 ? 9.600   0.509   -8.198  1.00 46.02 ? 133  VAL A N   1 
ATOM   1024 C CA  . VAL A 1 135 ? 10.971  0.297   -8.568  1.00 45.90 ? 133  VAL A CA  1 
ATOM   1025 C C   . VAL A 1 135 ? 11.816  1.277   -7.765  1.00 45.64 ? 133  VAL A C   1 
ATOM   1026 O O   . VAL A 1 135 ? 11.522  2.461   -7.720  1.00 45.05 ? 133  VAL A O   1 
ATOM   1027 C CB  . VAL A 1 135 ? 11.202  0.532   -10.044 1.00 45.85 ? 133  VAL A CB  1 
ATOM   1028 C CG1 . VAL A 1 135 ? 12.693  0.407   -10.353 1.00 47.17 ? 133  VAL A CG1 1 
ATOM   1029 C CG2 . VAL A 1 135 ? 10.384  -0.494  -10.887 1.00 46.19 ? 133  VAL A CG2 1 
ATOM   1030 N N   . ILE A 1 136 ? 12.850  0.751   -7.122  1.00 45.64 ? 134  ILE A N   1 
ATOM   1031 C CA  . ILE A 1 136 ? 13.729  1.524   -6.276  1.00 46.33 ? 134  ILE A CA  1 
ATOM   1032 C C   . ILE A 1 136 ? 15.054  1.671   -6.980  1.00 46.55 ? 134  ILE A C   1 
ATOM   1033 O O   . ILE A 1 136 ? 15.589  0.697   -7.499  1.00 45.09 ? 134  ILE A O   1 
ATOM   1034 C CB  . ILE A 1 136 ? 13.983  0.806   -4.944  1.00 46.40 ? 134  ILE A CB  1 
ATOM   1035 C CG1 . ILE A 1 136 ? 12.692  0.706   -4.124  1.00 47.63 ? 134  ILE A CG1 1 
ATOM   1036 C CG2 . ILE A 1 136 ? 15.135  1.470   -4.162  1.00 46.41 ? 134  ILE A CG2 1 
ATOM   1037 C CD1 . ILE A 1 136 ? 12.001  2.023   -3.801  1.00 47.16 ? 134  ILE A CD1 1 
ATOM   1038 N N   . THR A 1 137 ? 15.583  2.893   -7.023  1.00 46.60 ? 135  THR A N   1 
ATOM   1039 C CA  . THR A 1 137 ? 16.936  3.104   -7.536  1.00 46.93 ? 135  THR A CA  1 
ATOM   1040 C C   . THR A 1 137 ? 17.731  3.992   -6.615  1.00 46.70 ? 135  THR A C   1 
ATOM   1041 O O   . THR A 1 137 ? 17.177  4.849   -5.944  1.00 46.51 ? 135  THR A O   1 
ATOM   1042 C CB  . THR A 1 137 ? 16.953  3.731   -8.939  1.00 47.66 ? 135  THR A CB  1 
ATOM   1043 O OG1 . THR A 1 137 ? 16.395  5.033   -8.879  1.00 49.16 ? 135  THR A OG1 1 
ATOM   1044 C CG2 . THR A 1 137 ? 16.186  2.894   -9.931  1.00 47.93 ? 135  THR A CG2 1 
ATOM   1045 N N   . TRP A 1 138 ? 19.039  3.779   -6.591  1.00 47.15 ? 136  TRP A N   1 
ATOM   1046 C CA  . TRP A 1 138 ? 19.966  4.610   -5.820  1.00 47.55 ? 136  TRP A CA  1 
ATOM   1047 C C   . TRP A 1 138 ? 21.012  5.171   -6.754  1.00 47.85 ? 136  TRP A C   1 
ATOM   1048 O O   . TRP A 1 138 ? 21.437  4.506   -7.714  1.00 47.07 ? 136  TRP A O   1 
ATOM   1049 C CB  . TRP A 1 138 ? 20.691  3.785   -4.754  1.00 47.01 ? 136  TRP A CB  1 
ATOM   1050 C CG  . TRP A 1 138 ? 19.929  3.440   -3.564  1.00 45.90 ? 136  TRP A CG  1 
ATOM   1051 C CD1 . TRP A 1 138 ? 19.134  2.346   -3.377  1.00 45.18 ? 136  TRP A CD1 1 
ATOM   1052 C CD2 . TRP A 1 138 ? 19.907  4.165   -2.340  1.00 44.75 ? 136  TRP A CD2 1 
ATOM   1053 N NE1 . TRP A 1 138 ? 18.621  2.355   -2.112  1.00 45.83 ? 136  TRP A NE1 1 
ATOM   1054 C CE2 . TRP A 1 138 ? 19.090  3.462   -1.453  1.00 45.27 ? 136  TRP A CE2 1 
ATOM   1055 C CE3 . TRP A 1 138 ? 20.537  5.323   -1.897  1.00 46.45 ? 136  TRP A CE3 1 
ATOM   1056 C CZ2 . TRP A 1 138 ? 18.846  3.905   -0.163  1.00 46.03 ? 136  TRP A CZ2 1 
ATOM   1057 C CZ3 . TRP A 1 138 ? 20.296  5.751   -0.621  1.00 46.29 ? 136  TRP A CZ3 1 
ATOM   1058 C CH2 . TRP A 1 138 ? 19.465  5.049   0.231   1.00 45.22 ? 136  TRP A CH2 1 
ATOM   1059 N N   . GLN A 1 139 ? 21.435  6.399   -6.469  1.00 49.47 ? 137  GLN A N   1 
ATOM   1060 C CA  . GLN A 1 139 ? 22.480  7.077   -7.229  1.00 51.27 ? 137  GLN A CA  1 
ATOM   1061 C C   . GLN A 1 139 ? 23.408  7.807   -6.264  1.00 51.79 ? 137  GLN A C   1 
ATOM   1062 O O   . GLN A 1 139 ? 22.971  8.244   -5.206  1.00 50.34 ? 137  GLN A O   1 
ATOM   1063 C CB  . GLN A 1 139 ? 21.910  8.200   -8.123  1.00 52.18 ? 137  GLN A CB  1 
ATOM   1064 C CG  . GLN A 1 139 ? 20.775  7.873   -9.049  1.00 54.34 ? 137  GLN A CG  1 
ATOM   1065 C CD  . GLN A 1 139 ? 19.879  9.115   -9.346  1.00 54.91 ? 137  GLN A CD  1 
ATOM   1066 O OE1 . GLN A 1 139 ? 18.641  8.995   -9.442  1.00 57.20 ? 137  GLN A OE1 1 
ATOM   1067 N NE2 . GLN A 1 139 ? 20.514  10.314  -9.484  1.00 58.62 ? 137  GLN A NE2 1 
ATOM   1068 N N   . LYS A 1 140 ? 24.669  7.978   -6.647  1.00 52.51 ? 138  LYS A N   1 
ATOM   1069 C CA  . LYS A 1 140 ? 25.540  8.947   -5.980  1.00 53.81 ? 138  LYS A CA  1 
ATOM   1070 C C   . LYS A 1 140 ? 25.847  10.008  -7.006  1.00 55.61 ? 138  LYS A C   1 
ATOM   1071 O O   . LYS A 1 140 ? 26.498  9.740   -8.016  1.00 54.64 ? 138  LYS A O   1 
ATOM   1072 C CB  . LYS A 1 140 ? 26.836  8.339   -5.469  1.00 53.19 ? 138  LYS A CB  1 
ATOM   1073 C CG  . LYS A 1 140 ? 27.601  9.284   -4.560  1.00 52.62 ? 138  LYS A CG  1 
ATOM   1074 C CD  . LYS A 1 140 ? 28.950  8.729   -4.146  1.00 52.41 ? 138  LYS A CD  1 
ATOM   1075 C CE  . LYS A 1 140 ? 29.615  9.663   -3.147  1.00 51.45 ? 138  LYS A CE  1 
ATOM   1076 N NZ  . LYS A 1 140 ? 30.944  9.190   -2.708  1.00 49.71 ? 138  LYS A NZ  1 
ATOM   1077 N N   . GLY A 1 141 ? 25.355  11.214  -6.748  1.00 58.12 ? 139  GLY A N   1 
ATOM   1078 C CA  . GLY A 1 141 ? 25.387  12.259  -7.754  1.00 59.67 ? 139  GLY A CA  1 
ATOM   1079 C C   . GLY A 1 141 ? 24.597  11.785  -8.970  1.00 61.25 ? 139  GLY A C   1 
ATOM   1080 O O   . GLY A 1 141 ? 23.402  11.415  -8.849  1.00 62.27 ? 139  GLY A O   1 
ATOM   1081 N N   . GLN A 1 142 ? 25.276  11.794  -10.115 1.00 62.15 ? 140  GLN A N   1 
ATOM   1082 C CA  . GLN A 1 142 ? 24.746  11.318  -11.372 1.00 63.03 ? 140  GLN A CA  1 
ATOM   1083 C C   . GLN A 1 142 ? 25.443  10.009  -11.724 1.00 63.36 ? 140  GLN A C   1 
ATOM   1084 O O   . GLN A 1 142 ? 26.016  9.873   -12.817 1.00 64.10 ? 140  GLN A O   1 
ATOM   1085 C CB  . GLN A 1 142 ? 25.038  12.325  -12.506 1.00 63.84 ? 140  GLN A CB  1 
ATOM   1086 C CG  . GLN A 1 142 ? 24.563  13.784  -12.320 1.00 64.98 ? 140  GLN A CG  1 
ATOM   1087 C CD  . GLN A 1 142 ? 24.327  14.506  -13.679 1.00 65.84 ? 140  GLN A CD  1 
ATOM   1088 O OE1 . GLN A 1 142 ? 24.368  13.881  -14.760 1.00 69.05 ? 140  GLN A OE1 1 
ATOM   1089 N NE2 . GLN A 1 142 ? 24.071  15.823  -13.620 1.00 66.81 ? 140  GLN A NE2 1 
ATOM   1090 N N   . ASP A 1 143 ? 25.440  9.056   -10.800 1.00 62.97 ? 141  ASP A N   1 
ATOM   1091 C CA  . ASP A 1 143 ? 25.910  7.704   -11.106 1.00 62.31 ? 141  ASP A CA  1 
ATOM   1092 C C   . ASP A 1 143 ? 24.984  6.692   -10.446 1.00 61.21 ? 141  ASP A C   1 
ATOM   1093 O O   . ASP A 1 143 ? 24.874  6.668   -9.226  1.00 60.46 ? 141  ASP A O   1 
ATOM   1094 C CB  . ASP A 1 143 ? 27.339  7.492   -10.615 1.00 62.84 ? 141  ASP A CB  1 
ATOM   1095 C CG  . ASP A 1 143 ? 28.373  8.065   -11.562 1.00 65.14 ? 141  ASP A CG  1 
ATOM   1096 O OD1 . ASP A 1 143 ? 28.479  9.313   -11.655 1.00 67.70 ? 141  ASP A OD1 1 
ATOM   1097 O OD2 . ASP A 1 143 ? 29.085  7.258   -12.212 1.00 67.63 ? 141  ASP A OD2 1 
ATOM   1098 N N   . LEU A 1 144 ? 24.335  5.855   -11.253 1.00 60.11 ? 142  LEU A N   1 
ATOM   1099 C CA  . LEU A 1 144 ? 23.460  4.820   -10.717 1.00 59.67 ? 142  LEU A CA  1 
ATOM   1100 C C   . LEU A 1 144 ? 24.256  3.816   -9.908  1.00 58.61 ? 142  LEU A C   1 
ATOM   1101 O O   . LEU A 1 144 ? 25.311  3.366   -10.325 1.00 58.15 ? 142  LEU A O   1 
ATOM   1102 C CB  . LEU A 1 144 ? 22.707  4.068   -11.817 1.00 59.72 ? 142  LEU A CB  1 
ATOM   1103 C CG  . LEU A 1 144 ? 21.350  4.607   -12.251 1.00 61.02 ? 142  LEU A CG  1 
ATOM   1104 C CD1 . LEU A 1 144 ? 20.743  3.611   -13.247 1.00 61.87 ? 142  LEU A CD1 1 
ATOM   1105 C CD2 . LEU A 1 144 ? 20.415  4.840   -11.045 1.00 59.84 ? 142  LEU A CD2 1 
ATOM   1106 N N   . ILE A 1 145 ? 23.735  3.462   -8.750  1.00 57.85 ? 143  ILE A N   1 
ATOM   1107 C CA  . ILE A 1 145 ? 24.355  2.453   -7.933  1.00 58.08 ? 143  ILE A CA  1 
ATOM   1108 C C   . ILE A 1 145 ? 23.556  1.195   -8.070  1.00 58.60 ? 143  ILE A C   1 
ATOM   1109 O O   . ILE A 1 145 ? 22.344  1.158   -7.843  1.00 58.33 ? 143  ILE A O   1 
ATOM   1110 C CB  . ILE A 1 145 ? 24.355  2.811   -6.432  1.00 57.84 ? 143  ILE A CB  1 
ATOM   1111 C CG1 . ILE A 1 145 ? 25.217  4.050   -6.168  1.00 57.44 ? 143  ILE A CG1 1 
ATOM   1112 C CG2 . ILE A 1 145 ? 24.811  1.591   -5.604  1.00 57.87 ? 143  ILE A CG2 1 
ATOM   1113 C CD1 . ILE A 1 145 ? 25.078  4.613   -4.753  1.00 56.93 ? 143  ILE A CD1 1 
ATOM   1114 N N   . ASP A 1 146 ? 24.232  0.138   -8.434  1.00 59.15 ? 144  ASP A N   1 
ATOM   1115 C CA  . ASP A 1 146 ? 23.723  -1.146  -8.057  1.00 59.87 ? 144  ASP A CA  1 
ATOM   1116 C C   . ASP A 1 146 ? 24.763  -1.840  -7.159  1.00 59.74 ? 144  ASP A C   1 
ATOM   1117 O O   . ASP A 1 146 ? 25.854  -1.298  -6.844  1.00 60.11 ? 144  ASP A O   1 
ATOM   1118 C CB  . ASP A 1 146 ? 23.332  -1.974  -9.289  1.00 61.04 ? 144  ASP A CB  1 
ATOM   1119 C CG  . ASP A 1 146 ? 24.468  -2.168  -10.262 1.00 63.22 ? 144  ASP A CG  1 
ATOM   1120 O OD1 . ASP A 1 146 ? 25.647  -1.876  -9.935  1.00 67.90 ? 144  ASP A OD1 1 
ATOM   1121 O OD2 . ASP A 1 146 ? 24.165  -2.619  -11.380 1.00 67.24 ? 144  ASP A OD2 1 
ATOM   1122 N N   . ASN A 1 147 ? 24.388  -3.033  -6.727  1.00 58.55 ? 145  ASN A N   1 
ATOM   1123 C CA  . ASN A 1 147 ? 25.335  -3.957  -6.115  1.00 56.68 ? 145  ASN A CA  1 
ATOM   1124 C C   . ASN A 1 147 ? 26.589  -4.121  -6.958  1.00 54.89 ? 145  ASN A C   1 
ATOM   1125 O O   . ASN A 1 147 ? 26.507  -4.373  -8.142  1.00 55.22 ? 145  ASN A O   1 
ATOM   1126 C CB  . ASN A 1 147 ? 24.620  -5.289  -5.898  1.00 57.31 ? 145  ASN A CB  1 
ATOM   1127 C CG  . ASN A 1 147 ? 23.369  -5.112  -5.048  1.00 57.70 ? 145  ASN A CG  1 
ATOM   1128 O OD1 . ASN A 1 147 ? 23.368  -4.311  -4.121  1.00 52.16 ? 145  ASN A OD1 1 
ATOM   1129 N ND2 . ASN A 1 147 ? 22.290  -5.826  -5.395  1.00 62.38 ? 145  ASN A ND2 1 
ATOM   1130 N N   . ASN A 1 148 ? 27.738  -3.910  -6.326  1.00 52.56 ? 146  ASN A N   1 
ATOM   1131 C CA  . ASN A 1 148 ? 29.052  -4.232  -6.882  1.00 50.75 ? 146  ASN A CA  1 
ATOM   1132 C C   . ASN A 1 148 ? 29.961  -4.628  -5.715  1.00 48.43 ? 146  ASN A C   1 
ATOM   1133 O O   . ASN A 1 148 ? 29.458  -5.021  -4.667  1.00 46.68 ? 146  ASN A O   1 
ATOM   1134 C CB  . ASN A 1 148 ? 29.587  -2.999  -7.612  1.00 51.39 ? 146  ASN A CB  1 
ATOM   1135 C CG  . ASN A 1 148 ? 29.458  -1.720  -6.778  1.00 51.36 ? 146  ASN A CG  1 
ATOM   1136 O OD1 . ASN A 1 148 ? 29.470  -1.757  -5.547  1.00 46.47 ? 146  ASN A OD1 1 
ATOM   1137 N ND2 . ASN A 1 148 ? 29.340  -0.584  -7.464  1.00 53.29 ? 146  ASN A ND2 1 
ATOM   1138 N N   . GLY A 1 149 ? 31.271  -4.481  -5.858  1.00 45.87 ? 147  GLY A N   1 
ATOM   1139 C CA  . GLY A 1 149 ? 32.190  -4.758  -4.762  1.00 45.24 ? 147  GLY A CA  1 
ATOM   1140 C C   . GLY A 1 149 ? 32.218  -3.754  -3.633  1.00 43.59 ? 147  GLY A C   1 
ATOM   1141 O O   . GLY A 1 149 ? 32.879  -3.971  -2.628  1.00 42.61 ? 147  GLY A O   1 
ATOM   1142 N N   . HIS A 1 150 ? 31.492  -2.654  -3.788  1.00 42.80 ? 148  HIS A N   1 
ATOM   1143 C CA  . HIS A 1 150 ? 31.553  -1.545  -2.861  1.00 42.61 ? 148  HIS A CA  1 
ATOM   1144 C C   . HIS A 1 150 ? 30.248  -1.343  -2.110  1.00 41.95 ? 148  HIS A C   1 
ATOM   1145 O O   . HIS A 1 150 ? 30.245  -1.234  -0.874  1.00 40.86 ? 148  HIS A O   1 
ATOM   1146 C CB  . HIS A 1 150 ? 31.923  -0.269  -3.638  1.00 43.16 ? 148  HIS A CB  1 
ATOM   1147 C CG  . HIS A 1 150 ? 32.300  0.889   -2.764  1.00 42.90 ? 148  HIS A CG  1 
ATOM   1148 N ND1 . HIS A 1 150 ? 33.594  1.113   -2.343  1.00 46.18 ? 148  HIS A ND1 1 
ATOM   1149 C CD2 . HIS A 1 150 ? 31.558  1.891   -2.249  1.00 44.17 ? 148  HIS A CD2 1 
ATOM   1150 C CE1 . HIS A 1 150 ? 33.627  2.215   -1.610  1.00 47.96 ? 148  HIS A CE1 1 
ATOM   1151 N NE2 . HIS A 1 150 ? 32.400  2.697   -1.527  1.00 44.60 ? 148  HIS A NE2 1 
ATOM   1152 N N   . TYR A 1 151 ? 29.141  -1.271  -2.842  1.00 41.11 ? 149  TYR A N   1 
ATOM   1153 C CA  . TYR A 1 151 ? 27.853  -1.046  -2.218  1.00 41.96 ? 149  TYR A CA  1 
ATOM   1154 C C   . TYR A 1 151 ? 27.031  -2.302  -2.175  1.00 41.32 ? 149  TYR A C   1 
ATOM   1155 O O   . TYR A 1 151 ? 27.134  -3.149  -3.059  1.00 40.14 ? 149  TYR A O   1 
ATOM   1156 C CB  . TYR A 1 151 ? 27.034  -0.017  -3.012  1.00 42.73 ? 149  TYR A CB  1 
ATOM   1157 C CG  . TYR A 1 151 ? 27.659  1.321   -3.301  1.00 41.37 ? 149  TYR A CG  1 
ATOM   1158 C CD1 . TYR A 1 151 ? 28.159  1.622   -4.558  1.00 42.58 ? 149  TYR A CD1 1 
ATOM   1159 C CD2 . TYR A 1 151 ? 27.671  2.319   -2.343  1.00 42.76 ? 149  TYR A CD2 1 
ATOM   1160 C CE1 . TYR A 1 151 ? 28.705  2.866   -4.839  1.00 42.68 ? 149  TYR A CE1 1 
ATOM   1161 C CE2 . TYR A 1 151 ? 28.204  3.552   -2.617  1.00 43.24 ? 149  TYR A CE2 1 
ATOM   1162 C CZ  . TYR A 1 151 ? 28.695  3.828   -3.857  1.00 43.19 ? 149  TYR A CZ  1 
ATOM   1163 O OH  . TYR A 1 151 ? 29.191  5.085   -4.103  1.00 44.52 ? 149  TYR A OH  1 
ATOM   1164 N N   . GLN A 1 152 ? 26.162  -2.389  -1.176  1.00 41.91 ? 150  GLN A N   1 
ATOM   1165 C CA  . GLN A 1 152 ? 25.087  -3.371  -1.207  1.00 42.49 ? 150  GLN A CA  1 
ATOM   1166 C C   . GLN A 1 152 ? 23.764  -2.649  -1.074  1.00 42.87 ? 150  GLN A C   1 
ATOM   1167 O O   . GLN A 1 152 ? 23.576  -1.867  -0.140  1.00 42.86 ? 150  GLN A O   1 
ATOM   1168 C CB  . GLN A 1 152 ? 25.230  -4.415  -0.088  1.00 42.66 ? 150  GLN A CB  1 
ATOM   1169 C CG  . GLN A 1 152 ? 24.116  -5.461  -0.057  1.00 41.60 ? 150  GLN A CG  1 
ATOM   1170 C CD  . GLN A 1 152 ? 24.101  -6.353  -1.261  1.00 43.77 ? 150  GLN A CD  1 
ATOM   1171 O OE1 . GLN A 1 152 ? 25.143  -6.870  -1.686  1.00 41.77 ? 150  GLN A OE1 1 
ATOM   1172 N NE2 . GLN A 1 152 ? 22.914  -6.586  -1.808  1.00 42.80 ? 150  GLN A NE2 1 
ATOM   1173 N N   . VAL A 1 153 ? 22.850  -2.906  -2.005  1.00 42.80 ? 151  VAL A N   1 
ATOM   1174 C CA  . VAL A 1 153 ? 21.486  -2.408  -1.869  1.00 43.94 ? 151  VAL A CA  1 
ATOM   1175 C C   . VAL A 1 153 ? 20.550  -3.486  -1.310  1.00 43.69 ? 151  VAL A C   1 
ATOM   1176 O O   . VAL A 1 153 ? 20.496  -4.596  -1.821  1.00 43.19 ? 151  VAL A O   1 
ATOM   1177 C CB  . VAL A 1 153 ? 20.933  -1.927  -3.217  1.00 44.14 ? 151  VAL A CB  1 
ATOM   1178 C CG1 . VAL A 1 153 ? 19.491  -1.481  -3.054  1.00 43.99 ? 151  VAL A CG1 1 
ATOM   1179 C CG2 . VAL A 1 153 ? 21.791  -0.783  -3.741  1.00 46.28 ? 151  VAL A CG2 1 
ATOM   1180 N N   . ILE A 1 154 ? 19.798  -3.132  -0.272  1.00 43.91 ? 152  ILE A N   1 
ATOM   1181 C CA  . ILE A 1 154 ? 18.760  -3.997  0.273   1.00 44.51 ? 152  ILE A CA  1 
ATOM   1182 C C   . ILE A 1 154 ? 17.421  -3.368  -0.091  1.00 44.65 ? 152  ILE A C   1 
ATOM   1183 O O   . ILE A 1 154 ? 17.241  -2.177  0.069   1.00 43.38 ? 152  ILE A O   1 
ATOM   1184 C CB  . ILE A 1 154 ? 18.881  -4.114  1.792   1.00 44.48 ? 152  ILE A CB  1 
ATOM   1185 C CG1 . ILE A 1 154 ? 20.168  -4.862  2.152   1.00 45.20 ? 152  ILE A CG1 1 
ATOM   1186 C CG2 . ILE A 1 154 ? 17.649  -4.789  2.393   1.00 44.66 ? 152  ILE A CG2 1 
ATOM   1187 C CD1 . ILE A 1 154 ? 20.477  -4.926  3.650   1.00 45.16 ? 152  ILE A CD1 1 
ATOM   1188 N N   . VAL A 1 155 ? 16.510  -4.157  -0.635  1.00 45.39 ? 153  VAL A N   1 
ATOM   1189 C CA  . VAL A 1 155 ? 15.125  -3.720  -0.802  1.00 47.08 ? 153  VAL A CA  1 
ATOM   1190 C C   . VAL A 1 155 ? 14.184  -4.759  -0.197  1.00 48.02 ? 153  VAL A C   1 
ATOM   1191 O O   . VAL A 1 155 ? 14.254  -5.943  -0.518  1.00 46.89 ? 153  VAL A O   1 
ATOM   1192 C CB  . VAL A 1 155 ? 14.758  -3.513  -2.276  1.00 47.63 ? 153  VAL A CB  1 
ATOM   1193 C CG1 . VAL A 1 155 ? 13.379  -2.886  -2.388  1.00 47.38 ? 153  VAL A CG1 1 
ATOM   1194 C CG2 . VAL A 1 155 ? 15.802  -2.647  -2.983  1.00 48.40 ? 153  VAL A CG2 1 
ATOM   1195 N N   . THR A 1 156 ? 13.332  -4.307  0.710   1.00 48.61 ? 154  THR A N   1 
ATOM   1196 C CA  . THR A 1 156 ? 12.334  -5.167  1.311   1.00 49.58 ? 154  THR A CA  1 
ATOM   1197 C C   . THR A 1 156 ? 10.963  -4.645  0.903   1.00 50.39 ? 154  THR A C   1 
ATOM   1198 O O   . THR A 1 156 ? 10.870  -3.766  0.031   1.00 50.23 ? 154  THR A O   1 
ATOM   1199 C CB  . THR A 1 156 ? 12.463  -5.192  2.830   1.00 49.88 ? 154  THR A CB  1 
ATOM   1200 O OG1 . THR A 1 156 ? 11.868  -4.011  3.374   1.00 48.90 ? 154  THR A OG1 1 
ATOM   1201 C CG2 . THR A 1 156 ? 13.946  -5.294  3.248   1.00 49.77 ? 154  THR A CG2 1 
ATOM   1202 N N   . ARG A 1 157 ? 9.910   -5.186  1.517   1.00 50.84 ? 155  ARG A N   1 
ATOM   1203 C CA  . ARG A 1 157 ? 8.553   -4.716  1.234   1.00 52.18 ? 155  ARG A CA  1 
ATOM   1204 C C   . ARG A 1 157 ? 8.315   -3.261  1.679   1.00 51.56 ? 155  ARG A C   1 
ATOM   1205 O O   . ARG A 1 157 ? 7.437   -2.590  1.141   1.00 52.10 ? 155  ARG A O   1 
ATOM   1206 C CB  . ARG A 1 157 ? 7.516   -5.630  1.895   1.00 52.28 ? 155  ARG A CB  1 
ATOM   1207 C CG  . ARG A 1 157 ? 7.540   -7.085  1.360   1.00 55.47 ? 155  ARG A CG  1 
ATOM   1208 C CD  . ARG A 1 157 ? 6.467   -7.957  2.042   1.00 58.21 ? 155  ARG A CD  1 
ATOM   1209 N NE  . ARG A 1 157 ? 6.630   -7.981  3.504   1.00 63.09 ? 155  ARG A NE  1 
ATOM   1210 C CZ  . ARG A 1 157 ? 6.868   -9.069  4.240   1.00 65.38 ? 155  ARG A CZ  1 
ATOM   1211 N NH1 . ARG A 1 157 ? 6.962   -10.284 3.690   1.00 66.25 ? 155  ARG A NH1 1 
ATOM   1212 N NH2 . ARG A 1 157 ? 6.999   -8.938  5.560   1.00 66.21 ? 155  ARG A NH2 1 
ATOM   1213 N N   . SER A 1 158 ? 9.088   -2.780  2.651   1.00 51.00 ? 156  SER A N   1 
ATOM   1214 C CA  . SER A 1 158 ? 8.807   -1.480  3.289   1.00 50.35 ? 156  SER A CA  1 
ATOM   1215 C C   . SER A 1 158 ? 9.957   -0.479  3.345   1.00 49.25 ? 156  SER A C   1 
ATOM   1216 O O   . SER A 1 158 ? 9.752   0.700   3.654   1.00 48.10 ? 156  SER A O   1 
ATOM   1217 C CB  . SER A 1 158 ? 8.251   -1.724  4.700   1.00 51.20 ? 156  SER A CB  1 
ATOM   1218 O OG  . SER A 1 158 ? 9.175   -2.466  5.466   1.00 54.23 ? 156  SER A OG  1 
ATOM   1219 N N   . PHE A 1 159 ? 11.169  -0.923  3.041   1.00 48.27 ? 157  PHE A N   1 
ATOM   1220 C CA  . PHE A 1 159 ? 12.312  -0.027  3.074   1.00 47.75 ? 157  PHE A CA  1 
ATOM   1221 C C   . PHE A 1 159 ? 13.405  -0.493  2.143   1.00 46.70 ? 157  PHE A C   1 
ATOM   1222 O O   . PHE A 1 159 ? 13.412  -1.660  1.682   1.00 44.36 ? 157  PHE A O   1 
ATOM   1223 C CB  . PHE A 1 159 ? 12.837  0.120   4.508   1.00 48.90 ? 157  PHE A CB  1 
ATOM   1224 C CG  . PHE A 1 159 ? 13.584  -1.060  5.007   1.00 48.56 ? 157  PHE A CG  1 
ATOM   1225 C CD1 . PHE A 1 159 ? 14.921  -1.217  4.712   1.00 50.09 ? 157  PHE A CD1 1 
ATOM   1226 C CD2 . PHE A 1 159 ? 12.959  -2.017  5.782   1.00 51.00 ? 157  PHE A CD2 1 
ATOM   1227 C CE1 . PHE A 1 159 ? 15.634  -2.325  5.156   1.00 50.46 ? 157  PHE A CE1 1 
ATOM   1228 C CE2 . PHE A 1 159 ? 13.658  -3.109  6.264   1.00 49.23 ? 157  PHE A CE2 1 
ATOM   1229 C CZ  . PHE A 1 159 ? 15.006  -3.265  5.943   1.00 50.88 ? 157  PHE A CZ  1 
ATOM   1230 N N   . THR A 1 160 ? 14.309  0.427   1.854   1.00 45.56 ? 158  THR A N   1 
ATOM   1231 C CA  . THR A 1 160 ? 15.515  0.116   1.101   1.00 45.59 ? 158  THR A CA  1 
ATOM   1232 C C   . THR A 1 160 ? 16.684  0.726   1.864   1.00 45.93 ? 158  THR A C   1 
ATOM   1233 O O   . THR A 1 160 ? 16.563  1.817   2.454   1.00 46.39 ? 158  THR A O   1 
ATOM   1234 C CB  . THR A 1 160 ? 15.460  0.668   -0.324  1.00 45.39 ? 158  THR A CB  1 
ATOM   1235 O OG1 . THR A 1 160 ? 16.669  0.350   -0.988  1.00 45.20 ? 158  THR A OG1 1 
ATOM   1236 C CG2 . THR A 1 160 ? 15.298  2.208   -0.353  1.00 45.78 ? 158  THR A CG2 1 
ATOM   1237 N N   . SER A 1 161 ? 17.769  -0.019  1.941   1.00 45.09 ? 159  SER A N   1 
ATOM   1238 C CA  . SER A 1 161 ? 18.998  0.459   2.554   1.00 45.33 ? 159  SER A CA  1 
ATOM   1239 C C   . SER A 1 161 ? 20.137  0.401   1.560   1.00 44.83 ? 159  SER A C   1 
ATOM   1240 O O   . SER A 1 161 ? 20.320  -0.594  0.848   1.00 44.58 ? 159  SER A O   1 
ATOM   1241 C CB  . SER A 1 161 ? 19.387  -0.402  3.747   1.00 44.87 ? 159  SER A CB  1 
ATOM   1242 O OG  . SER A 1 161 ? 18.329  -0.425  4.660   1.00 48.95 ? 159  SER A OG  1 
ATOM   1243 N N   . LEU A 1 162 ? 20.915  1.463   1.552   1.00 44.69 ? 160  LEU A N   1 
ATOM   1244 C CA  . LEU A 1 162 ? 22.169  1.452   0.864   1.00 44.57 ? 160  LEU A CA  1 
ATOM   1245 C C   . LEU A 1 162 ? 23.207  1.149   1.912   1.00 44.92 ? 160  LEU A C   1 
ATOM   1246 O O   . LEU A 1 162 ? 23.384  1.919   2.867   1.00 45.36 ? 160  LEU A O   1 
ATOM   1247 C CB  . LEU A 1 162 ? 22.465  2.806   0.211   1.00 44.58 ? 160  LEU A CB  1 
ATOM   1248 C CG  . LEU A 1 162 ? 23.821  2.862   -0.512  1.00 44.01 ? 160  LEU A CG  1 
ATOM   1249 C CD1 . LEU A 1 162 ? 23.845  1.839   -1.665  1.00 41.57 ? 160  LEU A CD1 1 
ATOM   1250 C CD2 . LEU A 1 162 ? 24.175  4.301   -0.955  1.00 42.83 ? 160  LEU A CD2 1 
ATOM   1251 N N   . VAL A 1 163 ? 23.892  0.028   1.744   1.00 44.42 ? 161  VAL A N   1 
ATOM   1252 C CA  . VAL A 1 163 ? 24.864  -0.403  2.751   1.00 43.58 ? 161  VAL A CA  1 
ATOM   1253 C C   . VAL A 1 163 ? 26.301  -0.311  2.203   1.00 43.58 ? 161  VAL A C   1 
ATOM   1254 O O   . VAL A 1 163 ? 26.573  -0.564  1.012   1.00 43.25 ? 161  VAL A O   1 
ATOM   1255 C CB  . VAL A 1 163 ? 24.583  -1.826  3.238   1.00 43.11 ? 161  VAL A CB  1 
ATOM   1256 C CG1 . VAL A 1 163 ? 25.465  -2.176  4.443   1.00 41.46 ? 161  VAL A CG1 1 
ATOM   1257 C CG2 . VAL A 1 163 ? 23.090  -2.019  3.574   1.00 43.59 ? 161  VAL A CG2 1 
ATOM   1258 N N   . PHE A 1 164 ? 27.220  0.022   3.101   1.00 42.86 ? 162  PHE A N   1 
ATOM   1259 C CA  . PHE A 1 164 ? 28.652  0.067   2.814   1.00 42.98 ? 162  PHE A CA  1 
ATOM   1260 C C   . PHE A 1 164 ? 29.291  -1.093  3.575   1.00 42.74 ? 162  PHE A C   1 
ATOM   1261 O O   . PHE A 1 164 ? 29.880  -0.883  4.614   1.00 42.90 ? 162  PHE A O   1 
ATOM   1262 C CB  . PHE A 1 164 ? 29.206  1.419   3.287   1.00 43.36 ? 162  PHE A CB  1 
ATOM   1263 C CG  . PHE A 1 164 ? 28.636  2.597   2.529   1.00 43.45 ? 162  PHE A CG  1 
ATOM   1264 C CD1 . PHE A 1 164 ? 27.401  3.136   2.862   1.00 45.62 ? 162  PHE A CD1 1 
ATOM   1265 C CD2 . PHE A 1 164 ? 29.307  3.137   1.450   1.00 44.72 ? 162  PHE A CD2 1 
ATOM   1266 C CE1 . PHE A 1 164 ? 26.863  4.197   2.145   1.00 43.70 ? 162  PHE A CE1 1 
ATOM   1267 C CE2 . PHE A 1 164 ? 28.774  4.203   0.739   1.00 43.88 ? 162  PHE A CE2 1 
ATOM   1268 C CZ  . PHE A 1 164 ? 27.544  4.720   1.088   1.00 44.55 ? 162  PHE A CZ  1 
ATOM   1269 N N   . PRO A 1 165 ? 29.146  -2.341  3.073   1.00 43.36 ? 163  PRO A N   1 
ATOM   1270 C CA  . PRO A 1 165 ? 29.518  -3.518  3.859   1.00 42.87 ? 163  PRO A CA  1 
ATOM   1271 C C   . PRO A 1 165 ? 31.001  -3.639  4.208   1.00 42.87 ? 163  PRO A C   1 
ATOM   1272 O O   . PRO A 1 165 ? 31.358  -4.359  5.154   1.00 42.10 ? 163  PRO A O   1 
ATOM   1273 C CB  . PRO A 1 165 ? 29.074  -4.682  2.972   1.00 42.78 ? 163  PRO A CB  1 
ATOM   1274 C CG  . PRO A 1 165 ? 29.060  -4.142  1.609   1.00 42.74 ? 163  PRO A CG  1 
ATOM   1275 C CD  . PRO A 1 165 ? 28.618  -2.730  1.753   1.00 43.31 ? 163  PRO A CD  1 
ATOM   1276 N N   . ASN A 1 166 ? 31.856  -2.960  3.452   1.00 43.13 ? 164  ASN A N   1 
ATOM   1277 C CA  . ASN A 1 166 ? 33.278  -3.041  3.661   1.00 43.82 ? 164  ASN A CA  1 
ATOM   1278 C C   . ASN A 1 166 ? 33.737  -2.019  4.703   1.00 44.14 ? 164  ASN A C   1 
ATOM   1279 O O   . ASN A 1 166 ? 34.914  -1.975  5.045   1.00 44.30 ? 164  ASN A O   1 
ATOM   1280 C CB  . ASN A 1 166 ? 34.037  -2.772  2.356   1.00 43.69 ? 164  ASN A CB  1 
ATOM   1281 C CG  . ASN A 1 166 ? 33.547  -3.611  1.190   1.00 44.99 ? 164  ASN A CG  1 
ATOM   1282 O OD1 . ASN A 1 166 ? 33.214  -4.798  1.342   1.00 43.06 ? 164  ASN A OD1 1 
ATOM   1283 N ND2 . ASN A 1 166 ? 33.561  -3.014  -0.003  1.00 44.92 ? 164  ASN A ND2 1 
ATOM   1284 N N   . GLY A 1 167 ? 32.815  -1.190  5.188   1.00 45.27 ? 165  GLY A N   1 
ATOM   1285 C CA  . GLY A 1 167 ? 33.175  -0.057  6.023   1.00 45.64 ? 165  GLY A CA  1 
ATOM   1286 C C   . GLY A 1 167 ? 33.350  1.184   5.174   1.00 45.96 ? 165  GLY A C   1 
ATOM   1287 O O   . GLY A 1 167 ? 34.001  1.148   4.131   1.00 45.11 ? 165  GLY A O   1 
ATOM   1288 N N   . VAL A 1 168 ? 32.803  2.305   5.633   1.00 46.46 ? 166  VAL A N   1 
ATOM   1289 C CA  . VAL A 1 168 ? 32.889  3.538   4.852   1.00 47.11 ? 166  VAL A CA  1 
ATOM   1290 C C   . VAL A 1 168 ? 34.287  4.059   4.775   1.00 47.88 ? 166  VAL A C   1 
ATOM   1291 O O   . VAL A 1 168 ? 35.062  3.943   5.719   1.00 47.62 ? 166  VAL A O   1 
ATOM   1292 C CB  . VAL A 1 168 ? 32.013  4.693   5.395   1.00 47.67 ? 166  VAL A CB  1 
ATOM   1293 C CG1 . VAL A 1 168 ? 30.564  4.378   5.166   1.00 47.85 ? 166  VAL A CG1 1 
ATOM   1294 C CG2 . VAL A 1 168 ? 32.309  4.950   6.849   1.00 48.90 ? 166  VAL A CG2 1 
ATOM   1295 N N   . GLU A 1 169 ? 34.582  4.623   3.614   1.00 48.54 ? 167  GLU A N   1 
ATOM   1296 C CA  . GLU A 1 169 ? 35.825  5.284   3.332   1.00 49.46 ? 167  GLU A CA  1 
ATOM   1297 C C   . GLU A 1 169 ? 35.515  6.773   3.214   1.00 48.82 ? 167  GLU A C   1 
ATOM   1298 O O   . GLU A 1 169 ? 34.365  7.168   3.048   1.00 47.95 ? 167  GLU A O   1 
ATOM   1299 C CB  . GLU A 1 169 ? 36.374  4.745   2.021   1.00 49.38 ? 167  GLU A CB  1 
ATOM   1300 C CG  . GLU A 1 169 ? 36.752  3.265   2.111   1.00 51.92 ? 167  GLU A CG  1 
ATOM   1301 C CD  . GLU A 1 169 ? 36.837  2.562   0.754   1.00 53.82 ? 167  GLU A CD  1 
ATOM   1302 O OE1 . GLU A 1 169 ? 36.815  3.248   -0.296  1.00 59.55 ? 167  GLU A OE1 1 
ATOM   1303 O OE2 . GLU A 1 169 ? 36.926  1.308   0.745   1.00 61.06 ? 167  GLU A OE2 1 
ATOM   1304 N N   . ARG A 1 170 ? 36.542  7.606   3.291   1.00 48.65 ? 168  ARG A N   1 
ATOM   1305 C CA  . ARG A 1 170 ? 36.344  9.044   3.206   1.00 48.93 ? 168  ARG A CA  1 
ATOM   1306 C C   . ARG A 1 170 ? 35.675  9.434   1.898   1.00 48.33 ? 168  ARG A C   1 
ATOM   1307 O O   . ARG A 1 170 ? 34.886  10.381  1.846   1.00 47.87 ? 168  ARG A O   1 
ATOM   1308 C CB  . ARG A 1 170 ? 37.679  9.757   3.312   1.00 48.88 ? 168  ARG A CB  1 
ATOM   1309 C CG  . ARG A 1 170 ? 38.277  9.680   4.672   1.00 50.13 ? 168  ARG A CG  1 
ATOM   1310 C CD  . ARG A 1 170 ? 39.598  10.386  4.669   1.00 52.11 ? 168  ARG A CD  1 
ATOM   1311 N NE  . ARG A 1 170 ? 40.366  10.027  5.847   1.00 56.06 ? 168  ARG A NE  1 
ATOM   1312 C CZ  . ARG A 1 170 ? 41.696  9.911   5.889   1.00 58.19 ? 168  ARG A CZ  1 
ATOM   1313 N NH1 . ARG A 1 170 ? 42.459  10.134  4.812   1.00 58.82 ? 168  ARG A NH1 1 
ATOM   1314 N NH2 . ARG A 1 170 ? 42.274  9.568   7.034   1.00 58.93 ? 168  ARG A NH2 1 
ATOM   1315 N N   . LYS A 1 171 ? 36.000  8.701   0.840   1.00 47.54 ? 169  LYS A N   1 
ATOM   1316 C CA  . LYS A 1 171 ? 35.462  8.989   -0.475  1.00 47.64 ? 169  LYS A CA  1 
ATOM   1317 C C   . LYS A 1 171 ? 33.983  8.689   -0.574  1.00 46.37 ? 169  LYS A C   1 
ATOM   1318 O O   . LYS A 1 171 ? 33.362  9.079   -1.548  1.00 46.18 ? 169  LYS A O   1 
ATOM   1319 C CB  . LYS A 1 171 ? 36.207  8.195   -1.547  1.00 47.99 ? 169  LYS A CB  1 
ATOM   1320 C CG  . LYS A 1 171 ? 35.874  6.708   -1.628  1.00 49.54 ? 169  LYS A CG  1 
ATOM   1321 C CD  . LYS A 1 171 ? 36.858  5.996   -2.563  1.00 50.62 ? 169  LYS A CD  1 
ATOM   1322 C CE  . LYS A 1 171 ? 36.207  4.844   -3.342  1.00 52.62 ? 169  LYS A CE  1 
ATOM   1323 N NZ  . LYS A 1 171 ? 37.116  4.325   -4.443  1.00 53.39 ? 169  LYS A NZ  1 
ATOM   1324 N N   . ASP A 1 172 ? 33.430  7.970   0.401   1.00 45.38 ? 170  ASP A N   1 
ATOM   1325 C CA  . ASP A 1 172 ? 32.001  7.641   0.402   1.00 45.53 ? 170  ASP A CA  1 
ATOM   1326 C C   . ASP A 1 172 ? 31.116  8.818   0.770   1.00 45.01 ? 170  ASP A C   1 
ATOM   1327 O O   . ASP A 1 172 ? 29.910  8.799   0.517   1.00 45.37 ? 170  ASP A O   1 
ATOM   1328 C CB  . ASP A 1 172 ? 31.720  6.460   1.338   1.00 45.15 ? 170  ASP A CB  1 
ATOM   1329 C CG  . ASP A 1 172 ? 32.208  5.151   0.767   1.00 45.09 ? 170  ASP A CG  1 
ATOM   1330 O OD1 . ASP A 1 172 ? 32.075  4.986   -0.463  1.00 45.05 ? 170  ASP A OD1 1 
ATOM   1331 O OD2 . ASP A 1 172 ? 32.704  4.292   1.529   1.00 44.77 ? 170  ASP A OD2 1 
ATOM   1332 N N   . ALA A 1 173 ? 31.711  9.818   1.403   1.00 44.43 ? 171  ALA A N   1 
ATOM   1333 C CA  . ALA A 1 173 ? 31.036  11.066  1.654   1.00 44.52 ? 171  ALA A CA  1 
ATOM   1334 C C   . ALA A 1 173 ? 30.428  11.570  0.364   1.00 44.70 ? 171  ALA A C   1 
ATOM   1335 O O   . ALA A 1 173 ? 31.016  11.436  -0.722  1.00 43.90 ? 171  ALA A O   1 
ATOM   1336 C CB  . ALA A 1 173 ? 32.022  12.090  2.195   1.00 43.81 ? 171  ALA A CB  1 
ATOM   1337 N N   . GLY A 1 174 ? 29.250  12.168  0.484   1.00 44.50 ? 172  GLY A N   1 
ATOM   1338 C CA  . GLY A 1 174 ? 28.602  12.772  -0.663  1.00 44.91 ? 172  GLY A CA  1 
ATOM   1339 C C   . GLY A 1 174 ? 27.104  12.681  -0.559  1.00 44.69 ? 172  GLY A C   1 
ATOM   1340 O O   . GLY A 1 174 ? 26.570  12.458  0.517   1.00 44.70 ? 172  GLY A O   1 
ATOM   1341 N N   . PHE A 1 175 ? 26.444  12.850  -1.695  1.00 45.06 ? 173  PHE A N   1 
ATOM   1342 C CA  . PHE A 1 175 ? 24.998  12.968  -1.762  1.00 45.42 ? 173  PHE A CA  1 
ATOM   1343 C C   . PHE A 1 175 ? 24.428  11.778  -2.493  1.00 45.65 ? 173  PHE A C   1 
ATOM   1344 O O   . PHE A 1 175 ? 24.760  11.542  -3.652  1.00 45.98 ? 173  PHE A O   1 
ATOM   1345 C CB  . PHE A 1 175 ? 24.617  14.254  -2.490  1.00 45.26 ? 173  PHE A CB  1 
ATOM   1346 C CG  . PHE A 1 175 ? 25.049  15.498  -1.778  1.00 45.15 ? 173  PHE A CG  1 
ATOM   1347 C CD1 . PHE A 1 175 ? 26.268  16.078  -2.062  1.00 45.60 ? 173  PHE A CD1 1 
ATOM   1348 C CD2 . PHE A 1 175 ? 24.242  16.078  -0.819  1.00 45.29 ? 173  PHE A CD2 1 
ATOM   1349 C CE1 . PHE A 1 175 ? 26.681  17.243  -1.402  1.00 46.80 ? 173  PHE A CE1 1 
ATOM   1350 C CE2 . PHE A 1 175 ? 24.639  17.236  -0.155  1.00 45.74 ? 173  PHE A CE2 1 
ATOM   1351 C CZ  . PHE A 1 175 ? 25.866  17.818  -0.447  1.00 45.91 ? 173  PHE A CZ  1 
ATOM   1352 N N   . TYR A 1 176 ? 23.593  11.008  -1.800  1.00 45.82 ? 174  TYR A N   1 
ATOM   1353 C CA  . TYR A 1 176 ? 23.017  9.801   -2.368  1.00 45.68 ? 174  TYR A CA  1 
ATOM   1354 C C   . TYR A 1 176 ? 21.539  10.081  -2.623  1.00 46.39 ? 174  TYR A C   1 
ATOM   1355 O O   . TYR A 1 176 ? 20.863  10.684  -1.791  1.00 46.63 ? 174  TYR A O   1 
ATOM   1356 C CB  . TYR A 1 176 ? 23.224  8.630   -1.405  1.00 45.31 ? 174  TYR A CB  1 
ATOM   1357 C CG  . TYR A 1 176 ? 24.690  8.251   -1.269  1.00 44.69 ? 174  TYR A CG  1 
ATOM   1358 C CD1 . TYR A 1 176 ? 25.525  8.906   -0.370  1.00 43.50 ? 174  TYR A CD1 1 
ATOM   1359 C CD2 . TYR A 1 176 ? 25.245  7.282   -2.076  1.00 44.65 ? 174  TYR A CD2 1 
ATOM   1360 C CE1 . TYR A 1 176 ? 26.883  8.594   -0.280  1.00 43.23 ? 174  TYR A CE1 1 
ATOM   1361 C CE2 . TYR A 1 176 ? 26.591  6.940   -1.978  1.00 43.72 ? 174  TYR A CE2 1 
ATOM   1362 C CZ  . TYR A 1 176 ? 27.405  7.596   -1.090  1.00 43.02 ? 174  TYR A CZ  1 
ATOM   1363 O OH  . TYR A 1 176 ? 28.736  7.249   -1.023  1.00 43.09 ? 174  TYR A OH  1 
ATOM   1364 N N   . VAL A 1 177 ? 21.067  9.696   -3.801  1.00 46.69 ? 175  VAL A N   1 
ATOM   1365 C CA  . VAL A 1 177 ? 19.703  9.930   -4.203  1.00 46.96 ? 175  VAL A CA  1 
ATOM   1366 C C   . VAL A 1 177 ? 18.992  8.582   -4.291  1.00 47.14 ? 175  VAL A C   1 
ATOM   1367 O O   . VAL A 1 177 ? 19.471  7.676   -4.956  1.00 47.57 ? 175  VAL A O   1 
ATOM   1368 C CB  . VAL A 1 177 ? 19.641  10.666  -5.545  1.00 46.97 ? 175  VAL A CB  1 
ATOM   1369 C CG1 . VAL A 1 177 ? 18.194  10.873  -5.959  1.00 46.23 ? 175  VAL A CG1 1 
ATOM   1370 C CG2 . VAL A 1 177 ? 20.385  12.006  -5.453  1.00 48.15 ? 175  VAL A CG2 1 
ATOM   1371 N N   . VAL A 1 178 ? 17.874  8.452   -3.580  1.00 47.44 ? 176  VAL A N   1 
ATOM   1372 C CA  . VAL A 1 178 ? 17.040  7.250   -3.643  1.00 47.36 ? 176  VAL A CA  1 
ATOM   1373 C C   . VAL A 1 178 ? 15.711  7.654   -4.284  1.00 48.22 ? 176  VAL A C   1 
ATOM   1374 O O   . VAL A 1 178 ? 15.157  8.743   -3.997  1.00 47.70 ? 176  VAL A O   1 
ATOM   1375 C CB  . VAL A 1 178 ? 16.813  6.630   -2.257  1.00 48.01 ? 176  VAL A CB  1 
ATOM   1376 C CG1 . VAL A 1 178 ? 16.236  7.646   -1.295  1.00 47.07 ? 176  VAL A CG1 1 
ATOM   1377 C CG2 . VAL A 1 178 ? 15.934  5.352   -2.360  1.00 46.89 ? 176  VAL A CG2 1 
ATOM   1378 N N   . CYS A 1 179 ? 15.223  6.805   -5.177  1.00 48.40 ? 177  CYS A N   1 
ATOM   1379 C CA  . CYS A 1 179 ? 14.044  7.125   -5.944  1.00 47.55 ? 177  CYS A CA  1 
ATOM   1380 C C   . CYS A 1 179 ? 13.125  5.920   -5.970  1.00 47.48 ? 177  CYS A C   1 
ATOM   1381 O O   . CYS A 1 179 ? 13.599  4.795   -6.097  1.00 47.14 ? 177  CYS A O   1 
ATOM   1382 C CB  . CYS A 1 179 ? 14.491  7.555   -7.332  1.00 48.15 ? 177  CYS A CB  1 
ATOM   1383 S SG  . CYS A 1 179 ? 13.176  8.016   -8.501  1.00 52.24 ? 177  CYS A SG  1 
ATOM   1384 N N   . ALA A 1 180 ? 11.823  6.159   -5.796  1.00 46.21 ? 178  ALA A N   1 
ATOM   1385 C CA  . ALA A 1 180 ? 10.794  5.130   -5.900  1.00 45.95 ? 178  ALA A CA  1 
ATOM   1386 C C   . ALA A 1 180 ? 9.852   5.551   -7.014  1.00 45.35 ? 178  ALA A C   1 
ATOM   1387 O O   . ALA A 1 180 ? 9.415   6.704   -7.043  1.00 43.38 ? 178  ALA A O   1 
ATOM   1388 C CB  . ALA A 1 180 ? 10.036  4.981   -4.572  1.00 45.61 ? 178  ALA A CB  1 
ATOM   1389 N N   . LYS A 1 181 ? 9.545   4.621   -7.922  1.00 45.71 ? 179  LYS A N   1 
ATOM   1390 C CA  . LYS A 1 181 ? 8.648   4.856   -9.053  1.00 46.75 ? 179  LYS A CA  1 
ATOM   1391 C C   . LYS A 1 181 ? 7.611   3.745   -9.153  1.00 46.49 ? 179  LYS A C   1 
ATOM   1392 O O   . LYS A 1 181 ? 7.953   2.561   -9.105  1.00 45.99 ? 179  LYS A O   1 
ATOM   1393 C CB  . LYS A 1 181 ? 9.403   4.841   -10.395 1.00 47.50 ? 179  LYS A CB  1 
ATOM   1394 C CG  . LYS A 1 181 ? 10.577  5.783   -10.530 1.00 50.86 ? 179  LYS A CG  1 
ATOM   1395 C CD  . LYS A 1 181 ? 11.631  5.235   -11.535 1.00 50.95 ? 179  LYS A CD  1 
ATOM   1396 C CE  . LYS A 1 181 ? 12.795  6.230   -11.752 1.00 53.53 ? 179  LYS A CE  1 
ATOM   1397 N NZ  . LYS A 1 181 ? 13.703  6.422   -10.580 1.00 55.95 ? 179  LYS A NZ  1 
ATOM   1398 N N   . ASN A 1 182 ? 6.351   4.127   -9.320  1.00 46.85 ? 180  ASN A N   1 
ATOM   1399 C CA  . ASN A 1 182 ? 5.346   3.215   -9.862  1.00 46.79 ? 180  ASN A CA  1 
ATOM   1400 C C   . ASN A 1 182 ? 4.421   3.985   -10.775 1.00 47.06 ? 180  ASN A C   1 
ATOM   1401 O O   . ASN A 1 182 ? 4.706   5.141   -11.116 1.00 46.49 ? 180  ASN A O   1 
ATOM   1402 C CB  . ASN A 1 182 ? 4.600   2.445   -8.750  1.00 46.86 ? 180  ASN A CB  1 
ATOM   1403 C CG  . ASN A 1 182 ? 3.740   3.318   -7.870  1.00 46.84 ? 180  ASN A CG  1 
ATOM   1404 O OD1 . ASN A 1 182 ? 3.533   4.505   -8.124  1.00 47.81 ? 180  ASN A OD1 1 
ATOM   1405 N ND2 . ASN A 1 182 ? 3.223   2.717   -6.802  1.00 46.98 ? 180  ASN A ND2 1 
ATOM   1406 N N   . ARG A 1 183 ? 3.318   3.356   -11.175 1.00 46.72 ? 181  ARG A N   1 
ATOM   1407 C CA  . ARG A 1 183 ? 2.401   3.968   -12.116 1.00 47.03 ? 181  ARG A CA  1 
ATOM   1408 C C   . ARG A 1 183 ? 1.713   5.218   -11.587 1.00 46.04 ? 181  ARG A C   1 
ATOM   1409 O O   . ARG A 1 183 ? 1.200   5.997   -12.370 1.00 46.79 ? 181  ARG A O   1 
ATOM   1410 C CB  . ARG A 1 183 ? 1.349   2.935   -12.599 1.00 47.66 ? 181  ARG A CB  1 
ATOM   1411 C CG  . ARG A 1 183 ? 0.378   2.447   -11.500 1.00 49.34 ? 181  ARG A CG  1 
ATOM   1412 C CD  . ARG A 1 183 ? -0.658  1.485   -12.050 1.00 50.60 ? 181  ARG A CD  1 
ATOM   1413 N NE  . ARG A 1 183 ? -0.045  0.261   -12.577 1.00 53.72 ? 181  ARG A NE  1 
ATOM   1414 C CZ  . ARG A 1 183 ? -0.729  -0.805  -12.983 1.00 55.73 ? 181  ARG A CZ  1 
ATOM   1415 N NH1 . ARG A 1 183 ? -2.065  -0.813  -12.927 1.00 57.24 ? 181  ARG A NH1 1 
ATOM   1416 N NH2 . ARG A 1 183 ? -0.080  -1.871  -13.454 1.00 55.95 ? 181  ARG A NH2 1 
ATOM   1417 N N   . PHE A 1 184 ? 1.695   5.415   -10.276 1.00 45.21 ? 182  PHE A N   1 
ATOM   1418 C CA  . PHE A 1 184 ? 1.005   6.549   -9.697  1.00 45.09 ? 182  PHE A CA  1 
ATOM   1419 C C   . PHE A 1 184 ? 1.944   7.692   -9.348  1.00 44.19 ? 182  PHE A C   1 
ATOM   1420 O O   . PHE A 1 184 ? 1.511   8.699   -8.781  1.00 43.07 ? 182  PHE A O   1 
ATOM   1421 C CB  . PHE A 1 184 ? 0.194   6.099   -8.474  1.00 46.03 ? 182  PHE A CB  1 
ATOM   1422 C CG  . PHE A 1 184 ? -0.837  5.053   -8.815  1.00 47.15 ? 182  PHE A CG  1 
ATOM   1423 C CD1 . PHE A 1 184 ? -1.906  5.368   -9.641  1.00 47.83 ? 182  PHE A CD1 1 
ATOM   1424 C CD2 . PHE A 1 184 ? -0.703  3.756   -8.369  1.00 47.57 ? 182  PHE A CD2 1 
ATOM   1425 C CE1 . PHE A 1 184 ? -2.853  4.412   -9.990  1.00 47.82 ? 182  PHE A CE1 1 
ATOM   1426 C CE2 . PHE A 1 184 ? -1.647  2.801   -8.718  1.00 47.87 ? 182  PHE A CE2 1 
ATOM   1427 C CZ  . PHE A 1 184 ? -2.717  3.136   -9.529  1.00 48.17 ? 182  PHE A CZ  1 
ATOM   1428 N N   . GLY A 1 185 ? 3.229   7.531   -9.664  1.00 43.24 ? 183  GLY A N   1 
ATOM   1429 C CA  . GLY A 1 185 ? 4.173   8.619   -9.475  1.00 42.92 ? 183  GLY A CA  1 
ATOM   1430 C C   . GLY A 1 185 ? 5.581   8.197   -9.136  1.00 41.98 ? 183  GLY A C   1 
ATOM   1431 O O   . GLY A 1 185 ? 5.852   7.044   -8.834  1.00 40.96 ? 183  GLY A O   1 
ATOM   1432 N N   . ILE A 1 186 ? 6.462   9.187   -9.203  1.00 41.92 ? 184  ILE A N   1 
ATOM   1433 C CA  . ILE A 1 186 ? 7.856   9.062   -8.896  1.00 42.11 ? 184  ILE A CA  1 
ATOM   1434 C C   . ILE A 1 186 ? 8.151   9.987   -7.737  1.00 42.12 ? 184  ILE A C   1 
ATOM   1435 O O   . ILE A 1 186 ? 7.703   11.128  -7.708  1.00 39.82 ? 184  ILE A O   1 
ATOM   1436 C CB  . ILE A 1 186 ? 8.669   9.524   -10.086 1.00 41.97 ? 184  ILE A CB  1 
ATOM   1437 C CG1 . ILE A 1 186 ? 8.266   8.675   -11.295 1.00 42.98 ? 184  ILE A CG1 1 
ATOM   1438 C CG2 . ILE A 1 186 ? 10.175  9.439   -9.778  1.00 41.53 ? 184  ILE A CG2 1 
ATOM   1439 C CD1 . ILE A 1 186 ? 9.122   8.858   -12.488 1.00 43.90 ? 184  ILE A CD1 1 
ATOM   1440 N N   . ASP A 1 187 ? 8.931   9.507   -6.789  1.00 43.19 ? 185  ASP A N   1 
ATOM   1441 C CA  . ASP A 1 187 ? 9.397   10.356  -5.692  1.00 43.78 ? 185  ASP A CA  1 
ATOM   1442 C C   . ASP A 1 187 ? 10.880  10.052  -5.497  1.00 44.51 ? 185  ASP A C   1 
ATOM   1443 O O   . ASP A 1 187 ? 11.296  8.903   -5.661  1.00 44.27 ? 185  ASP A O   1 
ATOM   1444 C CB  . ASP A 1 187 ? 8.636   9.994   -4.422  1.00 44.06 ? 185  ASP A CB  1 
ATOM   1445 C CG  . ASP A 1 187 ? 8.764   11.042  -3.316  1.00 45.57 ? 185  ASP A CG  1 
ATOM   1446 O OD1 . ASP A 1 187 ? 8.829   12.237  -3.647  1.00 47.78 ? 185  ASP A OD1 1 
ATOM   1447 O OD2 . ASP A 1 187 ? 8.765   10.660  -2.125  1.00 47.65 ? 185  ASP A OD2 1 
ATOM   1448 N N   . GLN A 1 188 ? 11.658  11.075  -5.151  1.00 45.76 ? 186  GLN A N   1 
ATOM   1449 C CA  . GLN A 1 188 ? 13.068  10.934  -4.811  1.00 46.34 ? 186  GLN A CA  1 
ATOM   1450 C C   . GLN A 1 188 ? 13.430  11.833  -3.652  1.00 46.92 ? 186  GLN A C   1 
ATOM   1451 O O   . GLN A 1 188 ? 12.757  12.844  -3.384  1.00 46.40 ? 186  GLN A O   1 
ATOM   1452 C CB  . GLN A 1 188 ? 13.979  11.210  -6.005  1.00 47.03 ? 186  GLN A CB  1 
ATOM   1453 C CG  . GLN A 1 188 ? 14.197  12.644  -6.382  1.00 50.57 ? 186  GLN A CG  1 
ATOM   1454 C CD  . GLN A 1 188 ? 15.286  12.807  -7.448  1.00 50.30 ? 186  GLN A CD  1 
ATOM   1455 O OE1 . GLN A 1 188 ? 15.291  12.111  -8.471  1.00 55.28 ? 186  GLN A OE1 1 
ATOM   1456 N NE2 . GLN A 1 188 ? 16.209  13.718  -7.202  1.00 51.46 ? 186  GLN A NE2 1 
ATOM   1457 N N   . LYS A 1 189 ? 14.477  11.440  -2.948  1.00 46.34 ? 187  LYS A N   1 
ATOM   1458 C CA  . LYS A 1 189 ? 15.000  12.197  -1.831  1.00 46.50 ? 187  LYS A CA  1 
ATOM   1459 C C   . LYS A 1 189 ? 16.509  12.000  -1.842  1.00 46.13 ? 187  LYS A C   1 
ATOM   1460 O O   . LYS A 1 189 ? 17.014  11.056  -2.427  1.00 44.59 ? 187  LYS A O   1 
ATOM   1461 C CB  . LYS A 1 189 ? 14.425  11.712  -0.497  1.00 47.04 ? 187  LYS A CB  1 
ATOM   1462 C CG  . LYS A 1 189 ? 12.932  11.984  -0.264  1.00 50.28 ? 187  LYS A CG  1 
ATOM   1463 C CD  . LYS A 1 189 ? 12.639  13.466  -0.144  1.00 52.16 ? 187  LYS A CD  1 
ATOM   1464 C CE  . LYS A 1 189 ? 11.164  13.766  -0.251  1.00 55.26 ? 187  LYS A CE  1 
ATOM   1465 N NZ  . LYS A 1 189 ? 10.611  13.457  -1.629  1.00 59.75 ? 187  LYS A NZ  1 
ATOM   1466 N N   . THR A 1 190 ? 17.207  12.924  -1.205  1.00 46.03 ? 188  THR A N   1 
ATOM   1467 C CA  . THR A 1 190 ? 18.641  12.900  -1.119  1.00 46.08 ? 188  THR A CA  1 
ATOM   1468 C C   . THR A 1 190 ? 19.037  12.731  0.336   1.00 46.39 ? 188  THR A C   1 
ATOM   1469 O O   . THR A 1 190 ? 18.388  13.252  1.241   1.00 46.90 ? 188  THR A O   1 
ATOM   1470 C CB  . THR A 1 190 ? 19.211  14.199  -1.683  1.00 46.86 ? 188  THR A CB  1 
ATOM   1471 O OG1 . THR A 1 190 ? 18.847  14.273  -3.064  1.00 47.76 ? 188  THR A OG1 1 
ATOM   1472 C CG2 . THR A 1 190 ? 20.743  14.269  -1.557  1.00 45.40 ? 188  THR A CG2 1 
ATOM   1473 N N   . VAL A 1 191 ? 20.132  12.016  0.539   1.00 46.36 ? 189  VAL A N   1 
ATOM   1474 C CA  . VAL A 1 191 ? 20.766  11.854  1.842   1.00 45.86 ? 189  VAL A CA  1 
ATOM   1475 C C   . VAL A 1 191 ? 22.236  12.266  1.722   1.00 45.65 ? 189  VAL A C   1 
ATOM   1476 O O   . VAL A 1 191 ? 22.941  11.770  0.839   1.00 45.26 ? 189  VAL A O   1 
ATOM   1477 C CB  . VAL A 1 191 ? 20.735  10.375  2.275   1.00 45.48 ? 189  VAL A CB  1 
ATOM   1478 C CG1 . VAL A 1 191 ? 21.416  10.190  3.606   1.00 45.34 ? 189  VAL A CG1 1 
ATOM   1479 C CG2 . VAL A 1 191 ? 19.306  9.868   2.318   1.00 45.66 ? 189  VAL A CG2 1 
ATOM   1480 N N   . GLU A 1 192 ? 22.689  13.173  2.577   1.00 45.00 ? 190  GLU A N   1 
ATOM   1481 C CA  . GLU A 1 192 ? 24.104  13.507  2.609   1.00 45.60 ? 190  GLU A CA  1 
ATOM   1482 C C   . GLU A 1 192 ? 24.809  12.643  3.640   1.00 46.36 ? 190  GLU A C   1 
ATOM   1483 O O   . GLU A 1 192 ? 24.399  12.593  4.807   1.00 45.53 ? 190  GLU A O   1 
ATOM   1484 C CB  . GLU A 1 192 ? 24.356  14.975  2.925   1.00 45.47 ? 190  GLU A CB  1 
ATOM   1485 C CG  . GLU A 1 192 ? 25.858  15.257  2.953   1.00 44.86 ? 190  GLU A CG  1 
ATOM   1486 C CD  . GLU A 1 192 ? 26.205  16.698  3.129   1.00 46.11 ? 190  GLU A CD  1 
ATOM   1487 O OE1 . GLU A 1 192 ? 25.285  17.508  3.370   1.00 47.71 ? 190  GLU A OE1 1 
ATOM   1488 O OE2 . GLU A 1 192 ? 27.412  17.009  3.030   1.00 45.08 ? 190  GLU A OE2 1 
ATOM   1489 N N   . LEU A 1 193 ? 25.882  11.980  3.200   1.00 47.24 ? 191  LEU A N   1 
ATOM   1490 C CA  . LEU A 1 193 ? 26.735  11.196  4.075   1.00 47.51 ? 191  LEU A CA  1 
ATOM   1491 C C   . LEU A 1 193 ? 28.002  11.976  4.269   1.00 47.71 ? 191  LEU A C   1 
ATOM   1492 O O   . LEU A 1 193 ? 28.605  12.403  3.303   1.00 47.28 ? 191  LEU A O   1 
ATOM   1493 C CB  . LEU A 1 193 ? 27.069  9.848   3.432   1.00 47.73 ? 191  LEU A CB  1 
ATOM   1494 C CG  . LEU A 1 193 ? 28.048  8.909   4.149   1.00 48.17 ? 191  LEU A CG  1 
ATOM   1495 C CD1 . LEU A 1 193 ? 27.666  8.728   5.598   1.00 49.51 ? 191  LEU A CD1 1 
ATOM   1496 C CD2 . LEU A 1 193 ? 28.103  7.532   3.455   1.00 48.10 ? 191  LEU A CD2 1 
ATOM   1497 N N   . ASP A 1 194 ? 28.407  12.189  5.510   1.00 48.67 ? 192  ASP A N   1 
ATOM   1498 C CA  . ASP A 1 194 ? 29.739  12.724  5.758   1.00 49.20 ? 192  ASP A CA  1 
ATOM   1499 C C   . ASP A 1 194 ? 30.511  11.714  6.570   1.00 49.58 ? 192  ASP A C   1 
ATOM   1500 O O   . ASP A 1 194 ? 29.938  10.950  7.335   1.00 48.85 ? 192  ASP A O   1 
ATOM   1501 C CB  . ASP A 1 194 ? 29.697  14.083  6.438   1.00 50.11 ? 192  ASP A CB  1 
ATOM   1502 C CG  . ASP A 1 194 ? 29.201  14.011  7.854   1.00 51.38 ? 192  ASP A CG  1 
ATOM   1503 O OD1 . ASP A 1 194 ? 27.963  13.927  8.036   1.00 53.15 ? 192  ASP A OD1 1 
ATOM   1504 O OD2 . ASP A 1 194 ? 30.054  14.047  8.767   1.00 53.22 ? 192  ASP A OD2 1 
ATOM   1505 N N   . VAL A 1 195 ? 31.821  11.692  6.374   1.00 50.33 ? 193  VAL A N   1 
ATOM   1506 C CA  . VAL A 1 195 ? 32.667  10.731  7.048   1.00 51.44 ? 193  VAL A CA  1 
ATOM   1507 C C   . VAL A 1 195 ? 33.716  11.486  7.849   1.00 52.95 ? 193  VAL A C   1 
ATOM   1508 O O   . VAL A 1 195 ? 34.418  12.337  7.310   1.00 52.68 ? 193  VAL A O   1 
ATOM   1509 C CB  . VAL A 1 195 ? 33.334  9.776   6.043   1.00 51.26 ? 193  VAL A CB  1 
ATOM   1510 C CG1 . VAL A 1 195 ? 34.249  8.769   6.783   1.00 51.20 ? 193  VAL A CG1 1 
ATOM   1511 C CG2 . VAL A 1 195 ? 32.276  9.062   5.210   1.00 48.98 ? 193  VAL A CG2 1 
ATOM   1512 N N   . ALA A 1 196 ? 33.785  11.193  9.145   1.00 54.67 ? 194  ALA A N   1 
ATOM   1513 C CA  . ALA A 1 196 ? 34.791  11.781  10.018  1.00 55.94 ? 194  ALA A CA  1 
ATOM   1514 C C   . ALA A 1 196 ? 35.858  10.734  10.314  1.00 58.59 ? 194  ALA A C   1 
ATOM   1515 O O   . ALA A 1 196 ? 35.608  9.526   10.287  1.00 59.37 ? 194  ALA A O   1 
ATOM   1516 C CB  . ALA A 1 196 ? 34.145  12.269  11.309  1.00 56.30 ? 194  ALA A CB  1 
ATOM   1517 N N   . ASP A 1 197 ? 37.066  11.172  10.589  1.00 61.13 ? 195  ASP A N   1 
ATOM   1518 C CA  . ASP A 1 197 ? 38.039  10.214  11.077  1.00 63.01 ? 195  ASP A CA  1 
ATOM   1519 C C   . ASP A 1 197 ? 37.660  9.803   12.498  1.00 63.84 ? 195  ASP A C   1 
ATOM   1520 O O   . ASP A 1 197 ? 37.160  8.682   12.681  1.00 64.39 ? 195  ASP A O   1 
ATOM   1521 C CB  . ASP A 1 197 ? 39.447  10.771  10.989  1.00 63.54 ? 195  ASP A CB  1 
ATOM   1522 C CG  . ASP A 1 197 ? 40.015  10.615  9.609   1.00 65.33 ? 195  ASP A CG  1 
ATOM   1523 O OD1 . ASP A 1 197 ? 39.339  11.066  8.652   1.00 67.12 ? 195  ASP A OD1 1 
ATOM   1524 O OD2 . ASP A 1 197 ? 41.101  10.006  9.484   1.00 67.52 ? 195  ASP A OD2 1 
ATOM   1525 O OXT . ASP A 1 197 ? 37.808  10.586  13.453  1.00 64.53 ? 195  ASP A OXT 1 
HETATM 1526 C C1  . GOL B 2 .   ? 16.695  9.511   7.563   1.00 53.04 ? 1196 GOL A C1  1 
HETATM 1527 O O1  . GOL B 2 .   ? 16.424  9.522   8.929   1.00 49.95 ? 1196 GOL A O1  1 
HETATM 1528 C C2  . GOL B 2 .   ? 18.160  9.487   7.312   1.00 54.59 ? 1196 GOL A C2  1 
HETATM 1529 O O2  . GOL B 2 .   ? 18.310  10.036  6.034   1.00 56.12 ? 1196 GOL A O2  1 
HETATM 1530 C C3  . GOL B 2 .   ? 18.862  10.307  8.376   1.00 55.80 ? 1196 GOL A C3  1 
HETATM 1531 O O3  . GOL B 2 .   ? 18.484  11.663  8.281   1.00 55.96 ? 1196 GOL A O3  1 
HETATM 1532 O O   . HOH C 3 .   ? -37.613 -13.040 -7.645  1.00 74.50 ? 2001 HOH A O   1 
HETATM 1533 O O   . HOH C 3 .   ? -36.330 -19.148 -7.499  1.00 54.69 ? 2002 HOH A O   1 
HETATM 1534 O O   . HOH C 3 .   ? -28.159 -16.317 -8.686  1.00 69.01 ? 2003 HOH A O   1 
HETATM 1535 O O   . HOH C 3 .   ? -27.024 -13.970 -8.614  1.00 50.52 ? 2004 HOH A O   1 
HETATM 1536 O O   . HOH C 3 .   ? -32.253 -9.911  -13.800 1.00 72.89 ? 2005 HOH A O   1 
HETATM 1537 O O   . HOH C 3 .   ? -30.672 -2.798  -12.392 1.00 63.20 ? 2006 HOH A O   1 
HETATM 1538 O O   . HOH C 3 .   ? -25.324 -1.611  -7.738  1.00 51.13 ? 2007 HOH A O   1 
HETATM 1539 O O   . HOH C 3 .   ? -24.099 -6.575  -12.651 1.00 53.81 ? 2008 HOH A O   1 
HETATM 1540 O O   . HOH C 3 .   ? -22.218 -4.619  -11.710 1.00 68.92 ? 2009 HOH A O   1 
HETATM 1541 O O   . HOH C 3 .   ? -22.328 -11.506 -8.350  1.00 54.00 ? 2010 HOH A O   1 
HETATM 1542 O O   . HOH C 3 .   ? -22.584 -9.639  -6.340  1.00 40.81 ? 2011 HOH A O   1 
HETATM 1543 O O   . HOH C 3 .   ? -19.445 -6.058  -11.620 1.00 67.04 ? 2012 HOH A O   1 
HETATM 1544 O O   . HOH C 3 .   ? -18.344 -2.790  -5.936  1.00 63.28 ? 2013 HOH A O   1 
HETATM 1545 O O   . HOH C 3 .   ? -37.762 -8.046  -8.537  1.00 63.43 ? 2014 HOH A O   1 
HETATM 1546 O O   . HOH C 3 .   ? -15.802 -6.771  -11.761 1.00 69.18 ? 2015 HOH A O   1 
HETATM 1547 O O   . HOH C 3 .   ? -27.430 -5.157  5.331   1.00 55.69 ? 2016 HOH A O   1 
HETATM 1548 O O   . HOH C 3 .   ? -24.113 -7.290  8.304   1.00 49.96 ? 2017 HOH A O   1 
HETATM 1549 O O   . HOH C 3 .   ? -9.663  -4.453  -7.972  1.00 45.58 ? 2018 HOH A O   1 
HETATM 1550 O O   . HOH C 3 .   ? -3.521  -0.797  -8.277  1.00 65.68 ? 2019 HOH A O   1 
HETATM 1551 O O   . HOH C 3 .   ? -9.030  2.146   -12.856 0.50 52.10 ? 2020 HOH A O   1 
HETATM 1552 O O   . HOH C 3 .   ? -2.956  10.677  -3.368  1.00 53.92 ? 2021 HOH A O   1 
HETATM 1553 O O   . HOH C 3 .   ? -13.223 9.352   0.565   1.00 55.75 ? 2022 HOH A O   1 
HETATM 1554 O O   . HOH C 3 .   ? -19.225 -0.448  -5.977  1.00 70.22 ? 2023 HOH A O   1 
HETATM 1555 O O   . HOH C 3 .   ? -20.097 6.260   -0.193  1.00 57.00 ? 2024 HOH A O   1 
HETATM 1556 O O   . HOH C 3 .   ? -15.711 3.363   -4.002  1.00 44.51 ? 2025 HOH A O   1 
HETATM 1557 O O   . HOH C 3 .   ? -17.369 2.204   -5.700  1.00 52.10 ? 2026 HOH A O   1 
HETATM 1558 O O   . HOH C 3 .   ? 17.018  17.519  -3.002  1.00 62.80 ? 2027 HOH A O   1 
HETATM 1559 O O   . HOH C 3 .   ? -23.151 -2.423  -8.577  1.00 63.75 ? 2028 HOH A O   1 
HETATM 1560 O O   . HOH C 3 .   ? 1.410   1.481   2.047   1.00 68.42 ? 2029 HOH A O   1 
HETATM 1561 O O   . HOH C 3 .   ? -33.801 -7.243  -2.022  1.00 41.76 ? 2030 HOH A O   1 
HETATM 1562 O O   . HOH C 3 .   ? -33.574 -10.050 -11.312 1.00 72.45 ? 2031 HOH A O   1 
HETATM 1563 O O   . HOH C 3 .   ? -27.984 -14.510 6.288   1.00 49.85 ? 2032 HOH A O   1 
HETATM 1564 O O   . HOH C 3 .   ? -36.437 -8.117  -2.611  1.00 61.26 ? 2033 HOH A O   1 
HETATM 1565 O O   . HOH C 3 .   ? -37.070 -8.716  -5.556  1.00 50.06 ? 2034 HOH A O   1 
HETATM 1566 O O   . HOH C 3 .   ? -37.782 -17.687 -1.724  1.00 53.55 ? 2035 HOH A O   1 
HETATM 1567 O O   . HOH C 3 .   ? -40.625 -9.318  -0.668  1.00 61.46 ? 2036 HOH A O   1 
HETATM 1568 O O   . HOH C 3 .   ? -40.290 -9.517  2.006   1.00 63.41 ? 2037 HOH A O   1 
HETATM 1569 O O   . HOH C 3 .   ? -35.287 -13.519 4.183   1.00 58.42 ? 2038 HOH A O   1 
HETATM 1570 O O   . HOH C 3 .   ? -32.354 -7.230  3.626   1.00 52.73 ? 2039 HOH A O   1 
HETATM 1571 O O   . HOH C 3 .   ? -27.422 -9.428  7.963   1.00 51.84 ? 2040 HOH A O   1 
HETATM 1572 O O   . HOH C 3 .   ? -29.743 -7.450  5.067   1.00 40.25 ? 2041 HOH A O   1 
HETATM 1573 O O   . HOH C 3 .   ? -25.641 -6.851  6.398   1.00 53.08 ? 2042 HOH A O   1 
HETATM 1574 O O   . HOH C 3 .   ? -22.150 -16.271 7.523   1.00 41.91 ? 2043 HOH A O   1 
HETATM 1575 O O   . HOH C 3 .   ? -10.978 -11.037 7.006   1.00 47.26 ? 2044 HOH A O   1 
HETATM 1576 O O   . HOH C 3 .   ? -11.398 -17.149 6.086   1.00 67.13 ? 2045 HOH A O   1 
HETATM 1577 O O   . HOH C 3 .   ? -14.844 -18.908 5.158   1.00 59.98 ? 2046 HOH A O   1 
HETATM 1578 O O   . HOH C 3 .   ? -22.215 -8.867  7.619   1.00 36.02 ? 2047 HOH A O   1 
HETATM 1579 O O   . HOH C 3 .   ? -23.770 -13.707 11.150  1.00 61.48 ? 2048 HOH A O   1 
HETATM 1580 O O   . HOH C 3 .   ? -16.689 -11.871 11.925  1.00 53.18 ? 2049 HOH A O   1 
HETATM 1581 O O   . HOH C 3 .   ? -24.648 -10.866 10.688  1.00 49.55 ? 2050 HOH A O   1 
HETATM 1582 O O   . HOH C 3 .   ? -20.778 -15.221 9.629   1.00 48.03 ? 2051 HOH A O   1 
HETATM 1583 O O   . HOH C 3 .   ? -17.283 -15.550 9.677   1.00 47.28 ? 2052 HOH A O   1 
HETATM 1584 O O   . HOH C 3 .   ? 19.618  -0.539  9.248   1.00 60.23 ? 2053 HOH A O   1 
HETATM 1585 O O   . HOH C 3 .   ? -15.802 -7.552  11.732  1.00 52.03 ? 2054 HOH A O   1 
HETATM 1586 O O   . HOH C 3 .   ? -17.164 -5.155  15.151  1.00 64.59 ? 2055 HOH A O   1 
HETATM 1587 O O   . HOH C 3 .   ? -22.825 -5.768  10.454  1.00 45.55 ? 2056 HOH A O   1 
HETATM 1588 O O   . HOH C 3 .   ? -23.091 -3.914  13.592  1.00 48.28 ? 2057 HOH A O   1 
HETATM 1589 O O   . HOH C 3 .   ? -14.076 -3.236  12.564  1.00 65.27 ? 2058 HOH A O   1 
HETATM 1590 O O   . HOH C 3 .   ? -17.904 0.778   16.944  1.00 50.34 ? 2059 HOH A O   1 
HETATM 1591 O O   . HOH C 3 .   ? -7.585  1.925   8.467   1.00 60.59 ? 2060 HOH A O   1 
HETATM 1592 O O   . HOH C 3 .   ? -11.108 3.948   10.316  1.00 60.55 ? 2061 HOH A O   1 
HETATM 1593 O O   . HOH C 3 .   ? -9.840  -3.974  9.669   1.00 68.48 ? 2062 HOH A O   1 
HETATM 1594 O O   . HOH C 3 .   ? 32.934  3.511   -5.980  1.00 67.33 ? 2063 HOH A O   1 
HETATM 1595 O O   . HOH C 3 .   ? 33.207  5.908   -4.273  1.00 60.50 ? 2064 HOH A O   1 
HETATM 1596 O O   . HOH C 3 .   ? 17.134  -6.750  -3.637  1.00 78.40 ? 2065 HOH A O   1 
HETATM 1597 O O   . HOH C 3 .   ? -33.497 -3.132  0.345   1.00 52.18 ? 2066 HOH A O   1 
HETATM 1598 O O   . HOH C 3 .   ? -34.152 -5.347  -6.146  1.00 56.73 ? 2067 HOH A O   1 
HETATM 1599 O O   . HOH C 3 .   ? -38.393 -2.404  -1.591  1.00 67.71 ? 2068 HOH A O   1 
HETATM 1600 O O   . HOH C 3 .   ? -29.828 0.694   -10.228 1.00 59.09 ? 2069 HOH A O   1 
HETATM 1601 O O   . HOH C 3 .   ? -26.063 -4.305  3.256   1.00 43.66 ? 2070 HOH A O   1 
HETATM 1602 O O   . HOH C 3 .   ? -32.159 -7.443  0.118   1.00 40.57 ? 2071 HOH A O   1 
HETATM 1603 O O   . HOH C 3 .   ? -16.990 3.205   6.783   1.00 41.83 ? 2072 HOH A O   1 
HETATM 1604 O O   . HOH C 3 .   ? 15.065  15.962  -3.383  1.00 53.65 ? 2073 HOH A O   1 
HETATM 1605 O O   . HOH C 3 .   ? 23.105  21.833  3.148   1.00 68.09 ? 2074 HOH A O   1 
HETATM 1606 O O   . HOH C 3 .   ? -6.160  -0.802  7.654   1.00 59.26 ? 2075 HOH A O   1 
HETATM 1607 O O   . HOH C 3 .   ? -1.165  1.187   3.008   1.00 60.68 ? 2076 HOH A O   1 
HETATM 1608 O O   . HOH C 3 .   ? -2.988  -6.643  1.120   1.00 60.14 ? 2077 HOH A O   1 
HETATM 1609 O O   . HOH C 3 .   ? -10.853 -4.253  5.135   1.00 38.92 ? 2078 HOH A O   1 
HETATM 1610 O O   . HOH C 3 .   ? -7.947  -2.522  7.558   1.00 47.17 ? 2079 HOH A O   1 
HETATM 1611 O O   . HOH C 3 .   ? -14.465 -14.758 -3.134  1.00 55.88 ? 2080 HOH A O   1 
HETATM 1612 O O   . HOH C 3 .   ? -11.893 -15.258 0.380   1.00 50.50 ? 2081 HOH A O   1 
HETATM 1613 O O   . HOH C 3 .   ? -27.051 -13.757 3.776   1.00 34.94 ? 2082 HOH A O   1 
HETATM 1614 O O   . HOH C 3 .   ? -33.761 -23.661 0.385   1.00 55.94 ? 2083 HOH A O   1 
HETATM 1615 O O   . HOH C 3 .   ? -40.857 -20.387 7.125   1.00 57.49 ? 2084 HOH A O   1 
HETATM 1616 O O   . HOH C 3 .   ? -36.873 -15.509 3.655   1.00 56.03 ? 2085 HOH A O   1 
HETATM 1617 O O   . HOH C 3 .   ? -33.469 -17.774 5.474   1.00 63.18 ? 2086 HOH A O   1 
HETATM 1618 O O   . HOH C 3 .   ? -35.920 -21.490 -4.272  1.00 62.35 ? 2087 HOH A O   1 
HETATM 1619 O O   . HOH C 3 .   ? -28.560 -21.067 -3.458  1.00 50.30 ? 2088 HOH A O   1 
HETATM 1620 O O   . HOH C 3 .   ? -22.882 -14.068 -7.842  1.00 50.08 ? 2089 HOH A O   1 
HETATM 1621 O O   . HOH C 3 .   ? -18.581 -15.545 -4.191  1.00 56.51 ? 2090 HOH A O   1 
HETATM 1622 O O   . HOH C 3 .   ? -19.483 -11.594 -8.115  1.00 59.87 ? 2091 HOH A O   1 
HETATM 1623 O O   . HOH C 3 .   ? -6.990  -7.273  -4.013  1.00 54.69 ? 2092 HOH A O   1 
HETATM 1624 O O   . HOH C 3 .   ? -3.194  -2.415  -2.665  1.00 51.31 ? 2093 HOH A O   1 
HETATM 1625 O O   . HOH C 3 .   ? -2.455  -1.001  -6.296  1.00 59.22 ? 2094 HOH A O   1 
HETATM 1626 O O   . HOH C 3 .   ? -8.309  6.810   -7.596  0.50 44.34 ? 2095 HOH A O   1 
HETATM 1627 O O   . HOH C 3 .   ? -5.594  1.382   -10.124 1.00 58.04 ? 2096 HOH A O   1 
HETATM 1628 O O   . HOH C 3 .   ? 1.930   7.345   -0.820  1.00 51.13 ? 2097 HOH A O   1 
HETATM 1629 O O   . HOH C 3 .   ? 7.888   13.249  2.985   1.00 75.77 ? 2098 HOH A O   1 
HETATM 1630 O O   . HOH C 3 .   ? 6.545   10.935  4.420   1.00 61.51 ? 2099 HOH A O   1 
HETATM 1631 O O   . HOH C 3 .   ? 9.304   11.781  5.032   1.00 65.77 ? 2100 HOH A O   1 
HETATM 1632 O O   . HOH C 3 .   ? 11.721  13.964  8.091   1.00 48.01 ? 2101 HOH A O   1 
HETATM 1633 O O   . HOH C 3 .   ? 12.548  19.460  5.297   1.00 67.74 ? 2102 HOH A O   1 
HETATM 1634 O O   . HOH C 3 .   ? 15.128  19.508  7.120   1.00 36.86 ? 2103 HOH A O   1 
HETATM 1635 O O   . HOH C 3 .   ? 17.259  15.924  11.473  1.00 54.53 ? 2104 HOH A O   1 
HETATM 1636 O O   . HOH C 3 .   ? 12.829  16.679  1.720   1.00 62.57 ? 2105 HOH A O   1 
HETATM 1637 O O   . HOH C 3 .   ? 21.283  16.644  5.274   1.00 43.46 ? 2106 HOH A O   1 
HETATM 1638 O O   . HOH C 3 .   ? 23.945  9.575   11.513  1.00 52.01 ? 2107 HOH A O   1 
HETATM 1639 O O   . HOH C 3 .   ? 21.966  15.381  11.753  1.00 64.69 ? 2108 HOH A O   1 
HETATM 1640 O O   . HOH C 3 .   ? 39.709  6.005   3.516   1.00 58.26 ? 2109 HOH A O   1 
HETATM 1641 O O   . HOH C 3 .   ? 35.745  -1.626  9.035   1.00 63.63 ? 2110 HOH A O   1 
HETATM 1642 O O   . HOH C 3 .   ? 26.545  2.213   11.772  1.00 61.59 ? 2111 HOH A O   1 
HETATM 1643 O O   . HOH C 3 .   ? 26.495  6.315   11.356  1.00 57.59 ? 2112 HOH A O   1 
HETATM 1644 O O   . HOH C 3 .   ? 30.426  -0.996  12.009  1.00 55.77 ? 2113 HOH A O   1 
HETATM 1645 O O   . HOH C 3 .   ? 20.841  -2.309  7.102   1.00 55.31 ? 2114 HOH A O   1 
HETATM 1646 O O   . HOH C 3 .   ? 20.013  4.680   8.272   1.00 50.70 ? 2115 HOH A O   1 
HETATM 1647 O O   . HOH C 3 .   ? 24.387  2.717   9.783   1.00 45.67 ? 2116 HOH A O   1 
HETATM 1648 O O   . HOH C 3 .   ? 19.931  2.421   9.751   1.00 68.07 ? 2117 HOH A O   1 
HETATM 1649 O O   . HOH C 3 .   ? 24.950  -1.382  8.636   1.00 50.87 ? 2118 HOH A O   1 
HETATM 1650 O O   . HOH C 3 .   ? 15.782  5.028   8.688   1.00 52.78 ? 2119 HOH A O   1 
HETATM 1651 O O   . HOH C 3 .   ? 6.234   -0.133  1.308   1.00 53.44 ? 2120 HOH A O   1 
HETATM 1652 O O   . HOH C 3 .   ? 4.681   2.322   3.900   1.00 56.39 ? 2121 HOH A O   1 
HETATM 1653 O O   . HOH C 3 .   ? 1.966   6.624   1.846   1.00 57.71 ? 2122 HOH A O   1 
HETATM 1654 O O   . HOH C 3 .   ? 5.592   -0.727  -1.482  1.00 51.17 ? 2123 HOH A O   1 
HETATM 1655 O O   . HOH C 3 .   ? 2.770   0.925   0.228   1.00 52.08 ? 2124 HOH A O   1 
HETATM 1656 O O   . HOH C 3 .   ? 2.635   -4.898  -6.218  1.00 56.15 ? 2125 HOH A O   1 
HETATM 1657 O O   . HOH C 3 .   ? 6.198   -0.738  -9.955  1.00 50.88 ? 2126 HOH A O   1 
HETATM 1658 O O   . HOH C 3 .   ? 5.166   -3.670  -8.731  1.00 61.23 ? 2127 HOH A O   1 
HETATM 1659 O O   . HOH C 3 .   ? 9.651   -2.525  -4.249  1.00 57.66 ? 2128 HOH A O   1 
HETATM 1660 O O   . HOH C 3 .   ? 13.267  4.163   -8.957  1.00 51.37 ? 2129 HOH A O   1 
HETATM 1661 O O   . HOH C 3 .   ? 16.167  -0.784  -9.641  1.00 53.58 ? 2130 HOH A O   1 
HETATM 1662 O O   . HOH C 3 .   ? 18.143  -0.375  -6.463  1.00 59.41 ? 2131 HOH A O   1 
HETATM 1663 O O   . HOH C 3 .   ? 13.513  -2.395  -7.099  1.00 44.93 ? 2132 HOH A O   1 
HETATM 1664 O O   . HOH C 3 .   ? 18.116  7.116   -7.701  1.00 51.24 ? 2133 HOH A O   1 
HETATM 1665 O O   . HOH C 3 .   ? 29.591  8.280   -8.044  1.00 60.88 ? 2134 HOH A O   1 
HETATM 1666 O O   . HOH C 3 .   ? 32.176  9.840   -5.242  1.00 56.42 ? 2135 HOH A O   1 
HETATM 1667 O O   . HOH C 3 .   ? 24.080  6.670   -14.272 1.00 69.28 ? 2136 HOH A O   1 
HETATM 1668 O O   . HOH C 3 .   ? 19.868  1.353   -7.882  1.00 41.40 ? 2137 HOH A O   1 
HETATM 1669 O O   . HOH C 3 .   ? 22.087  -8.529  -5.097  1.00 66.18 ? 2138 HOH A O   1 
HETATM 1670 O O   . HOH C 3 .   ? 27.181  -6.379  -9.818  1.00 66.01 ? 2139 HOH A O   1 
HETATM 1671 O O   . HOH C 3 .   ? 27.236  0.399   -8.782  1.00 52.58 ? 2140 HOH A O   1 
HETATM 1672 O O   . HOH C 3 .   ? 30.678  -0.946  -10.135 1.00 60.04 ? 2141 HOH A O   1 
HETATM 1673 O O   . HOH C 3 .   ? 31.429  1.537   -6.875  1.00 69.30 ? 2142 HOH A O   1 
HETATM 1674 O O   . HOH C 3 .   ? 34.098  -6.347  -2.089  1.00 40.15 ? 2143 HOH A O   1 
HETATM 1675 O O   . HOH C 3 .   ? 32.201  -4.465  -8.533  1.00 53.32 ? 2144 HOH A O   1 
HETATM 1676 O O   . HOH C 3 .   ? 31.449  -0.800  1.522   1.00 39.10 ? 2145 HOH A O   1 
HETATM 1677 O O   . HOH C 3 .   ? 29.603  5.527   -6.745  1.00 49.03 ? 2146 HOH A O   1 
HETATM 1678 O O   . HOH C 3 .   ? 31.144  6.306   -2.718  1.00 38.69 ? 2147 HOH A O   1 
HETATM 1679 O O   . HOH C 3 .   ? 19.782  -7.614  -0.933  1.00 57.77 ? 2148 HOH A O   1 
HETATM 1680 O O   . HOH C 3 .   ? 19.304  -5.391  -4.109  1.00 63.83 ? 2149 HOH A O   1 
HETATM 1681 O O   . HOH C 3 .   ? 17.341  -6.965  -1.002  1.00 49.40 ? 2150 HOH A O   1 
HETATM 1682 O O   . HOH C 3 .   ? 9.897   -5.650  5.306   1.00 70.03 ? 2151 HOH A O   1 
HETATM 1683 O O   . HOH C 3 .   ? 7.512   1.790   4.973   1.00 56.76 ? 2152 HOH A O   1 
HETATM 1684 O O   . HOH C 3 .   ? 33.197  -4.976  6.880   1.00 40.11 ? 2153 HOH A O   1 
HETATM 1685 O O   . HOH C 3 .   ? 32.075  -6.622  -0.166  1.00 39.83 ? 2154 HOH A O   1 
HETATM 1686 O O   . HOH C 3 .   ? 34.602  -0.413  0.046   1.00 48.46 ? 2155 HOH A O   1 
HETATM 1687 O O   . HOH C 3 .   ? 33.040  1.564   1.732   1.00 45.35 ? 2156 HOH A O   1 
HETATM 1688 O O   . HOH C 3 .   ? 36.584  0.070   3.766   1.00 55.19 ? 2157 HOH A O   1 
HETATM 1689 O O   . HOH C 3 .   ? 35.176  12.642  3.487   1.00 55.88 ? 2158 HOH A O   1 
HETATM 1690 O O   . HOH C 3 .   ? 38.944  7.010   1.055   1.00 56.80 ? 2159 HOH A O   1 
HETATM 1691 O O   . HOH C 3 .   ? 33.799  12.136  -1.544  1.00 69.03 ? 2160 HOH A O   1 
HETATM 1692 O O   . HOH C 3 .   ? 28.194  13.368  -4.209  1.00 47.08 ? 2161 HOH A O   1 
HETATM 1693 O O   . HOH C 3 .   ? 14.770  8.688   -11.729 1.00 60.25 ? 2162 HOH A O   1 
HETATM 1694 O O   . HOH C 3 .   ? 3.547   0.146   -11.529 1.00 50.72 ? 2163 HOH A O   1 
HETATM 1695 O O   . HOH C 3 .   ? -0.867  9.671   -8.275  1.00 53.59 ? 2164 HOH A O   1 
HETATM 1696 O O   . HOH C 3 .   ? 7.509   13.793  -6.598  1.00 54.59 ? 2165 HOH A O   1 
HETATM 1697 O O   . HOH C 3 .   ? 4.572   10.749  -6.530  1.00 64.64 ? 2166 HOH A O   1 
HETATM 1698 O O   . HOH C 3 .   ? 10.498  13.873  -5.507  1.00 47.87 ? 2167 HOH A O   1 
HETATM 1699 O O   . HOH C 3 .   ? 11.807  15.544  -3.555  1.00 55.96 ? 2168 HOH A O   1 
HETATM 1700 O O   . HOH C 3 .   ? 15.781  15.243  -0.303  1.00 40.49 ? 2169 HOH A O   1 
HETATM 1701 O O   . HOH C 3 .   ? 29.191  15.057  2.614   1.00 47.78 ? 2170 HOH A O   1 
HETATM 1702 O O   . HOH C 3 .   ? 28.102  18.476  5.603   1.00 60.31 ? 2171 HOH A O   1 
HETATM 1703 O O   . HOH C 3 .   ? 23.599  17.847  5.430   1.00 46.17 ? 2172 HOH A O   1 
HETATM 1704 O O   . HOH C 3 .   ? 25.107  20.303  2.478   1.00 65.28 ? 2173 HOH A O   1 
HETATM 1705 O O   . HOH C 3 .   ? 25.766  14.296  6.624   1.00 48.38 ? 2174 HOH A O   1 
HETATM 1706 O O   . HOH C 3 .   ? 32.999  13.676  4.992   1.00 48.76 ? 2175 HOH A O   1 
# 
